data_7XYF
#
_entry.id   7XYF
#
loop_
_entity.id
_entity.type
_entity.pdbx_description
1 polymer 'Histone H2A'
2 polymer 'Histone H2B'
3 polymer 'DNA (167-MER)'
4 polymer 'DNA (167-MER)'
5 polymer 'ATP-dependent helicase fft3'
6 polymer 'Histone H3'
7 polymer 'Histone H4'
#
loop_
_entity_poly.entity_id
_entity_poly.type
_entity_poly.pdbx_seq_one_letter_code
_entity_poly.pdbx_strand_id
1 'polypeptide(L)'
;AKSRSNRAGLQFPVGRIHRLLRKGNYAERVGAGAPVYLAAVMEYLAAEVLELAGNAARDNKKTRIIPRHLQLAIRNDEEL
NKLLSGVTIAQGGVLPNIQAVLLPKK
;
C,G
2 'polypeptide(L)'
;RKRKESYAIYIYKVLKQVHPDTGISSKAMSIMNSFVNDIFERIAAEASRLAHYNKRSTITSREIQTAVRLLLPGELAKHA
VSEGTKAVTKYTSSK
;
D,H
3 'polydeoxyribonucleotide'
;(DA)(DC)(DA)(DG)(DG)(DA)(DT)(DG)(DT)(DA)(DT)(DA)(DT)(DA)(DT)(DC)(DT)(DG)(DA)(DC)
(DA)(DC)(DG)(DT)(DG)(DC)(DC)(DT)(DG)(DG)(DA)(DG)(DA)(DC)(DT)(DA)(DG)(DG)(DG)(DA)
(DG)(DT)(DA)(DA)(DT)(DC)(DC)(DC)(DC)(DT)(DT)(DG)(DG)(DC)(DG)(DG)(DT)(DT)(DA)(DA)
(DA)(DA)(DC)(DG)(DC)(DG)(DG)(DG)(DG)(DG)(DA)(DC)(DA)(DG)(DC)(DG)(DC)(DG)(DT)(DA)
(DC)(DG)(DT)(DG)(DC)(DG)(DT)(DT)(DT)(DA)(DA)(DG)(DC)(DG)(DG)(DT)(DG)(DC)(DT)(DA)
(DG)(DA)(DG)(DC)(DT)(DG)(DT)(DC)(DT)(DA)(DC)(DG)(DA)(DC)(DC)(DA)(DA)(DT)(DT)(DG)
(DA)(DG)(DC)(DG)(DG)(DC)(DC)(DT)(DC)(DG)(DG)(DC)(DA)(DC)(DC)(DG)(DG)(DG)(DA)(DT)
(DT)(DC)(DT)(DC)(DC)(DA)
;
J
4 'polydeoxyribonucleotide'
;(DT)(DG)(DG)(DA)(DG)(DA)(DA)(DT)(DC)(DC)(DC)(DG)(DG)(DT)(DG)(DC)(DC)(DG)(DA)(DG)
(DG)(DC)(DC)(DG)(DC)(DT)(DC)(DA)(DA)(DT)(DT)(DG)(DG)(DT)(DC)(DG)(DT)(DA)(DG)(DA)
(DC)(DA)(DG)(DC)(DT)(DC)(DT)(DA)(DG)(DC)(DA)(DC)(DC)(DG)(DC)(DT)(DT)(DA)(DA)(DA)
(DC)(DG)(DC)(DA)(DC)(DG)(DT)(DA)(DC)(DG)(DC)(DG)(DC)(DT)(DG)(DT)(DC)(DC)(DC)(DC)
(DC)(DG)(DC)(DG)(DT)(DT)(DT)(DT)(DA)(DA)(DC)(DC)(DG)(DC)(DC)(DA)(DA)(DG)(DG)(DG)
(DG)(DA)(DT)(DT)(DA)(DC)(DT)(DC)(DC)(DC)(DT)(DA)(DG)(DT)(DC)(DT)(DC)(DC)(DA)(DG)
(DG)(DC)(DA)(DC)(DG)(DT)(DG)(DT)(DC)(DA)(DG)(DA)(DT)(DA)(DT)(DA)(DT)(DA)(DC)(DA)
(DT)(DC)(DC)(DT)(DG)(DT)
;
I
5 'polypeptide(L)'
;IDTAALKEEVLKY(MSE)NRCSTQDLAD(MSE)TGCTLAEAEF(MSE)VAKRPFPDLESALVVKQPRPVIPKGRRGRREK
TPLGPRLVGIC(MSE)EI(MSE)RGYFVVDALIRQCEQLGGKIQRGIEAWGLSNTATSDEGETSLVNFDQ(MSE)KSFGT
PANSSFITTPPASFSPDIKLQDYQIIGINWLYLLYELKLAGILADE(MSE)GLGKTCQTIAFFSLL(MSE)DKNINGPHL
VIAPAST(MSE)ENWLREFAKFCPKLKIELYYGSQVEREEIRERINSNKDSYNV(MSE)LTTYRLAATSKADRLFLRNQK
FNVCVYDEGHYLKNRASERYRHL(MSE)SIPADFRVLLTGTPLQNNLKELISLLAFILPHVFDYGLKSLDVIFT(MSE)K
KSPESDFERALLSEQRVSRAK(MSE)(MSE)(MSE)APFVLRRKKSQVLDALPKKTRIIEFCEFSEEERRRYDDFASKQS
VNSLLDENV(MSE)KTNLDTNANLAKKKSTAGFVLVQLRKLADHP(MSE)LFRIHYKDDILRQ(MSE)AKAI(MSE)NEP
QYKKANELYIFED(MSE)QY(MSE)SDIELHNLCCKFPSINSFQLKDEPW(MSE)DATKVRKLKKLLTNAVENGDRVVLF
SQFTQVLDILQLV(MSE)KSLNLKFLRFDGSTQVDFRQDLIDQFYADESINVFLLSTKAGGFGINLACAN(MSE)VILYD
VSFNPFDDLQAEDRAHRVGQKKEVTVYKFVVKDTIEEHIQRLANAKIA
;
K
6 'polypeptide(L)'
;PHRYRPGTVALREIRRYQKSTELLIRKLPFQRLVREIAQDFKTDLRFQSSAVMALQEASEAYLVGLFEDTNLCAIHAKRV
TIMPKDIQLARRIRGERA
;
A,E
7 'polypeptide(L)'
;RHRKVLRDNIQGITKPAIRRLARRGGVKRISGLIYEETRGVLKVFLENVIRDAVTYTEHAKRKTVTAMDVVYALKRQGRT
LYGFGG
;
B,F
#
loop_
_chem_comp.id
_chem_comp.type
_chem_comp.name
_chem_comp.formula
DA DNA linking 2'-DEOXYADENOSINE-5'-MONOPHOSPHATE 'C10 H14 N5 O6 P'
DC DNA linking 2'-DEOXYCYTIDINE-5'-MONOPHOSPHATE 'C9 H14 N3 O7 P'
DG DNA linking 2'-DEOXYGUANOSINE-5'-MONOPHOSPHATE 'C10 H14 N5 O7 P'
DT DNA linking THYMIDINE-5'-MONOPHOSPHATE 'C10 H15 N2 O8 P'
#
# COMPACT_ATOMS: atom_id res chain seq x y z
N ALA A 1 -23.13 36.42 -21.54
CA ALA A 1 -22.62 35.34 -20.72
C ALA A 1 -21.39 34.70 -21.35
N LYS A 2 -20.47 35.54 -21.82
CA LYS A 2 -19.23 35.03 -22.42
C LYS A 2 -18.13 34.97 -21.37
N SER A 3 -17.46 33.82 -21.30
CA SER A 3 -16.37 33.62 -20.36
C SER A 3 -15.16 34.45 -20.76
N ARG A 4 -14.32 34.74 -19.78
CA ARG A 4 -13.08 35.47 -20.07
C ARG A 4 -12.13 34.60 -20.86
N SER A 5 -12.14 33.29 -20.60
CA SER A 5 -11.38 32.37 -21.44
C SER A 5 -12.04 32.24 -22.80
N ASN A 6 -13.36 32.32 -22.85
CA ASN A 6 -14.04 32.48 -24.13
C ASN A 6 -13.71 33.82 -24.76
N ARG A 7 -13.59 34.87 -23.93
CA ARG A 7 -13.11 36.14 -24.44
C ARG A 7 -11.62 36.10 -24.70
N ALA A 8 -10.92 35.12 -24.13
CA ALA A 8 -9.62 34.78 -24.66
C ALA A 8 -9.72 33.88 -25.87
N GLY A 9 -10.83 33.15 -26.01
CA GLY A 9 -10.93 32.13 -27.05
C GLY A 9 -10.09 30.91 -26.76
N LEU A 10 -9.85 30.61 -25.49
CA LEU A 10 -8.89 29.62 -25.06
C LEU A 10 -9.54 28.63 -24.10
N GLN A 11 -8.80 27.57 -23.78
CA GLN A 11 -9.39 26.35 -23.27
C GLN A 11 -8.90 25.96 -21.88
N PHE A 12 -8.00 26.73 -21.29
CA PHE A 12 -7.76 26.46 -19.88
C PHE A 12 -8.50 27.49 -19.02
N PRO A 13 -9.16 27.04 -17.96
CA PRO A 13 -10.14 27.88 -17.29
C PRO A 13 -9.54 29.05 -16.55
N VAL A 14 -9.69 30.25 -17.12
CA VAL A 14 -8.94 31.38 -16.63
C VAL A 14 -9.54 31.95 -15.36
N GLY A 15 -10.79 31.59 -15.05
CA GLY A 15 -11.42 32.13 -13.87
C GLY A 15 -10.83 31.58 -12.58
N ARG A 16 -10.80 30.25 -12.46
CA ARG A 16 -10.29 29.62 -11.25
C ARG A 16 -8.79 29.80 -11.10
N ILE A 17 -8.09 30.04 -12.21
CA ILE A 17 -6.71 30.47 -12.14
C ILE A 17 -6.60 31.81 -11.44
N HIS A 18 -7.47 32.75 -11.82
CA HIS A 18 -7.50 34.02 -11.12
C HIS A 18 -8.00 33.86 -9.69
N ARG A 19 -8.76 32.80 -9.43
CA ARG A 19 -9.07 32.47 -8.05
C ARG A 19 -7.88 31.84 -7.34
N LEU A 20 -7.05 31.09 -8.08
CA LEU A 20 -5.95 30.37 -7.45
C LEU A 20 -4.85 31.32 -7.03
N LEU A 21 -4.61 32.37 -7.81
CA LEU A 21 -3.63 33.35 -7.43
C LEU A 21 -4.12 34.23 -6.28
N ARG A 22 -5.42 34.26 -6.02
CA ARG A 22 -5.91 34.98 -4.86
C ARG A 22 -5.62 34.23 -3.57
N LYS A 23 -5.91 32.95 -3.52
CA LYS A 23 -5.74 32.19 -2.29
C LYS A 23 -4.44 31.43 -2.23
N GLY A 24 -3.60 31.52 -3.26
CA GLY A 24 -2.29 30.91 -3.19
C GLY A 24 -1.23 31.73 -2.50
N ASN A 25 -1.59 32.94 -2.06
CA ASN A 25 -0.69 33.88 -1.37
C ASN A 25 0.55 34.20 -2.19
N TYR A 26 0.42 34.24 -3.50
CA TYR A 26 1.60 34.51 -4.30
C TYR A 26 1.91 35.98 -4.36
N ALA A 27 0.89 36.83 -4.27
CA ALA A 27 1.06 38.25 -4.02
C ALA A 27 -0.22 38.75 -3.39
N GLU A 28 -0.34 40.05 -3.25
CA GLU A 28 -1.56 40.64 -2.72
C GLU A 28 -2.49 41.08 -3.83
N ARG A 29 -1.95 41.54 -4.94
CA ARG A 29 -2.73 41.99 -6.07
C ARG A 29 -2.35 41.17 -7.28
N VAL A 30 -3.35 40.74 -8.05
CA VAL A 30 -3.09 40.13 -9.34
C VAL A 30 -3.65 41.03 -10.42
N GLY A 31 -2.88 41.23 -11.47
CA GLY A 31 -3.36 42.05 -12.56
C GLY A 31 -4.40 41.31 -13.36
N ALA A 32 -5.07 42.04 -14.25
CA ALA A 32 -6.03 41.41 -15.15
C ALA A 32 -5.31 40.51 -16.13
N GLY A 33 -4.23 41.00 -16.71
CA GLY A 33 -3.53 40.22 -17.70
C GLY A 33 -2.76 39.04 -17.19
N ALA A 34 -2.48 38.98 -15.89
CA ALA A 34 -1.58 37.95 -15.38
C ALA A 34 -2.15 36.53 -15.46
N PRO A 35 -3.38 36.23 -15.02
CA PRO A 35 -3.87 34.87 -15.21
C PRO A 35 -4.22 34.57 -16.65
N VAL A 36 -4.52 35.59 -17.45
CA VAL A 36 -4.76 35.38 -18.87
C VAL A 36 -3.48 34.91 -19.53
N TYR A 37 -2.38 35.58 -19.22
CA TYR A 37 -1.09 35.18 -19.77
C TYR A 37 -0.66 33.83 -19.25
N LEU A 38 -1.07 33.48 -18.03
CA LEU A 38 -0.62 32.23 -17.46
C LEU A 38 -1.41 31.06 -18.02
N ALA A 39 -2.68 31.26 -18.33
CA ALA A 39 -3.45 30.18 -18.94
C ALA A 39 -3.04 29.93 -20.36
N ALA A 40 -2.55 30.95 -21.06
CA ALA A 40 -2.01 30.76 -22.39
C ALA A 40 -0.79 29.86 -22.35
N VAL A 41 0.11 30.13 -21.40
CA VAL A 41 1.37 29.42 -21.42
C VAL A 41 1.19 28.01 -20.90
N MET A 42 0.14 27.75 -20.13
CA MET A 42 -0.17 26.35 -19.83
C MET A 42 -0.79 25.70 -21.06
N GLU A 43 -1.56 26.46 -21.84
CA GLU A 43 -2.15 25.88 -23.04
C GLU A 43 -1.08 25.61 -24.09
N TYR A 44 0.00 26.37 -24.08
CA TYR A 44 1.08 26.03 -24.99
C TYR A 44 1.87 24.83 -24.47
N LEU A 45 2.08 24.78 -23.15
CA LEU A 45 2.96 23.77 -22.59
C LEU A 45 2.30 22.41 -22.54
N ALA A 46 1.06 22.36 -22.04
CA ALA A 46 0.39 21.08 -21.89
C ALA A 46 0.02 20.47 -23.23
N ALA A 47 -0.07 21.29 -24.27
CA ALA A 47 -0.23 20.73 -25.60
C ALA A 47 1.07 20.16 -26.12
N GLU A 48 2.18 20.85 -25.88
CA GLU A 48 3.45 20.50 -26.50
C GLU A 48 3.97 19.17 -25.98
N VAL A 49 3.74 18.89 -24.71
CA VAL A 49 4.01 17.54 -24.22
C VAL A 49 3.00 16.55 -24.79
N LEU A 50 1.75 16.97 -24.93
CA LEU A 50 0.73 16.02 -25.36
C LEU A 50 0.81 15.77 -26.85
N GLU A 51 1.32 16.74 -27.59
CA GLU A 51 1.54 16.55 -29.03
C GLU A 51 2.59 15.49 -29.28
N LEU A 52 3.65 15.48 -28.47
CA LEU A 52 4.68 14.48 -28.65
C LEU A 52 4.21 13.12 -28.18
N ALA A 53 3.28 13.08 -27.22
CA ALA A 53 2.76 11.79 -26.79
C ALA A 53 1.86 11.18 -27.85
N GLY A 54 1.04 12.00 -28.50
CA GLY A 54 0.12 11.48 -29.49
C GLY A 54 0.82 10.95 -30.72
N ASN A 55 1.98 11.53 -31.05
CA ASN A 55 2.79 10.94 -32.09
C ASN A 55 3.52 9.71 -31.58
N ALA A 56 3.75 9.63 -30.27
CA ALA A 56 4.42 8.46 -29.74
C ALA A 56 3.48 7.25 -29.69
N ALA A 57 2.25 7.45 -29.23
CA ALA A 57 1.30 6.36 -29.13
C ALA A 57 0.81 5.90 -30.49
N ARG A 58 0.95 6.75 -31.51
CA ARG A 58 0.64 6.35 -32.87
C ARG A 58 1.62 5.30 -33.38
N ASP A 59 2.84 5.30 -32.86
CA ASP A 59 3.84 4.33 -33.31
C ASP A 59 3.48 2.92 -32.90
N ASN A 60 3.01 2.75 -31.67
CA ASN A 60 2.54 1.46 -31.23
C ASN A 60 1.06 1.28 -31.47
N LYS A 61 0.44 2.20 -32.22
CA LYS A 61 -0.94 2.12 -32.70
C LYS A 61 -1.94 2.02 -31.55
N LYS A 62 -1.65 2.70 -30.45
CA LYS A 62 -2.54 2.72 -29.30
C LYS A 62 -3.26 4.06 -29.23
N THR A 63 -4.58 4.01 -29.19
CA THR A 63 -5.36 5.24 -29.08
C THR A 63 -5.29 5.80 -27.66
N ARG A 64 -5.42 4.92 -26.67
CA ARG A 64 -5.24 5.33 -25.27
C ARG A 64 -3.80 5.72 -25.06
N ILE A 65 -3.55 6.92 -24.56
CA ILE A 65 -2.19 7.31 -24.20
C ILE A 65 -1.85 6.64 -22.88
N ILE A 66 -0.87 5.75 -22.91
CA ILE A 66 -0.39 5.08 -21.72
C ILE A 66 0.78 5.93 -21.26
N PRO A 67 1.02 6.12 -19.95
CA PRO A 67 2.10 7.00 -19.50
C PRO A 67 3.49 6.57 -19.92
N ARG A 68 3.67 5.30 -20.30
CA ARG A 68 4.94 4.88 -20.89
C ARG A 68 5.20 5.62 -22.19
N HIS A 69 4.17 5.85 -22.99
CA HIS A 69 4.32 6.72 -24.16
C HIS A 69 4.61 8.14 -23.74
N LEU A 70 4.03 8.57 -22.62
CA LEU A 70 4.20 9.95 -22.20
C LEU A 70 5.62 10.21 -21.73
N GLN A 71 6.17 9.32 -20.92
CA GLN A 71 7.52 9.50 -20.41
C GLN A 71 8.54 9.34 -21.53
N LEU A 72 8.23 8.49 -22.51
CA LEU A 72 9.07 8.39 -23.69
C LEU A 72 9.05 9.67 -24.50
N ALA A 73 7.95 10.42 -24.44
CA ALA A 73 7.86 11.64 -25.24
C ALA A 73 8.70 12.74 -24.64
N ILE A 74 8.69 12.89 -23.32
CA ILE A 74 9.29 14.06 -22.70
C ILE A 74 10.80 13.98 -22.76
N ARG A 75 11.35 12.83 -22.38
CA ARG A 75 12.80 12.72 -22.32
C ARG A 75 13.43 12.61 -23.71
N ASN A 76 12.67 12.27 -24.74
CA ASN A 76 13.25 12.18 -26.07
C ASN A 76 13.58 13.55 -26.62
N ASP A 77 12.64 14.49 -26.54
CA ASP A 77 12.97 15.87 -26.89
C ASP A 77 13.95 16.40 -25.85
N GLU A 78 14.99 17.08 -26.33
CA GLU A 78 16.02 17.51 -25.40
C GLU A 78 15.62 18.79 -24.67
N GLU A 79 14.79 19.63 -25.28
CA GLU A 79 14.46 20.87 -24.61
C GLU A 79 13.44 20.67 -23.50
N LEU A 80 12.44 19.80 -23.72
CA LEU A 80 11.46 19.52 -22.68
C LEU A 80 12.08 18.73 -21.55
N ASN A 81 13.14 17.99 -21.85
CA ASN A 81 13.86 17.19 -20.87
C ASN A 81 14.46 18.07 -19.78
N LYS A 82 14.97 19.23 -20.17
CA LYS A 82 15.62 20.11 -19.21
C LYS A 82 14.60 20.82 -18.32
N LEU A 83 13.35 20.89 -18.77
CA LEU A 83 12.30 21.35 -17.89
C LEU A 83 12.02 20.33 -16.79
N LEU A 84 12.03 19.04 -17.14
CA LEU A 84 11.61 18.02 -16.19
C LEU A 84 12.73 17.05 -15.86
N SER A 85 13.94 17.57 -15.65
CA SER A 85 15.07 16.68 -15.44
C SER A 85 15.00 16.00 -14.09
N GLY A 86 14.52 16.69 -13.06
CA GLY A 86 14.42 16.09 -11.76
C GLY A 86 13.08 15.43 -11.49
N VAL A 87 12.34 15.12 -12.55
CA VAL A 87 11.00 14.56 -12.40
C VAL A 87 10.99 13.16 -12.99
N THR A 88 10.32 12.25 -12.29
CA THR A 88 10.01 10.95 -12.82
C THR A 88 8.55 10.94 -13.21
N ILE A 89 8.15 9.95 -13.97
CA ILE A 89 6.76 9.73 -14.32
C ILE A 89 6.31 8.41 -13.73
N ALA A 90 5.08 8.38 -13.20
CA ALA A 90 4.51 7.14 -12.71
C ALA A 90 4.38 6.13 -13.84
N GLN A 91 4.70 4.87 -13.53
CA GLN A 91 4.77 3.76 -14.50
C GLN A 91 5.69 4.10 -15.67
N GLY A 92 6.73 4.87 -15.38
CA GLY A 92 7.44 5.57 -16.44
C GLY A 92 8.42 4.73 -17.21
N GLY A 93 9.30 4.05 -16.51
CA GLY A 93 10.35 3.34 -17.18
C GLY A 93 11.37 4.31 -17.73
N VAL A 94 12.13 3.82 -18.69
CA VAL A 94 13.26 4.56 -19.24
C VAL A 94 13.25 4.41 -20.74
N LEU A 95 13.90 5.33 -21.43
CA LEU A 95 14.12 5.34 -22.87
C LEU A 95 14.96 4.13 -23.28
N PRO A 96 14.92 3.68 -24.54
CA PRO A 96 15.84 2.61 -24.95
C PRO A 96 17.26 3.11 -25.01
N ASN A 97 18.07 2.75 -24.02
CA ASN A 97 19.45 3.24 -23.94
C ASN A 97 20.33 2.06 -23.53
N ILE A 98 21.06 1.53 -24.50
CA ILE A 98 22.17 0.62 -24.26
C ILE A 98 23.41 1.31 -24.80
N GLN A 99 24.46 1.35 -23.99
CA GLN A 99 25.72 1.90 -24.46
C GLN A 99 26.36 0.96 -25.47
N ALA A 100 27.16 1.53 -26.36
CA ALA A 100 27.68 0.78 -27.50
C ALA A 100 28.72 -0.27 -27.10
N VAL A 101 29.42 -0.07 -25.98
CA VAL A 101 30.41 -1.06 -25.56
C VAL A 101 29.78 -2.33 -25.01
N LEU A 102 28.48 -2.32 -24.75
CA LEU A 102 27.78 -3.49 -24.25
C LEU A 102 27.23 -4.36 -25.38
N LEU A 103 27.24 -3.86 -26.60
CA LEU A 103 26.73 -4.61 -27.74
C LEU A 103 27.66 -5.77 -28.07
N PRO A 104 27.15 -6.83 -28.75
CA PRO A 104 28.02 -7.96 -29.12
C PRO A 104 28.97 -7.64 -30.26
N LYS A 105 29.64 -8.69 -30.78
CA LYS A 105 30.74 -8.66 -31.74
C LYS A 105 30.49 -7.74 -32.92
N LYS A 106 31.43 -6.84 -33.17
CA LYS A 106 31.27 -5.78 -34.18
C LYS A 106 31.34 -6.35 -35.59
N ALA B 1 8.09 49.84 28.37
CA ALA B 1 7.67 48.92 27.33
C ALA B 1 8.65 47.77 27.21
N LYS B 2 8.26 46.60 27.74
CA LYS B 2 9.11 45.43 27.67
C LYS B 2 9.15 44.88 26.26
N SER B 3 10.36 44.82 25.69
CA SER B 3 10.54 44.30 24.34
C SER B 3 10.21 42.82 24.29
N ARG B 4 9.73 42.39 23.12
CA ARG B 4 9.22 41.04 22.98
C ARG B 4 10.32 40.01 23.06
N SER B 5 11.50 40.34 22.52
CA SER B 5 12.61 39.40 22.58
C SER B 5 13.15 39.28 23.99
N ASN B 6 13.04 40.34 24.78
CA ASN B 6 13.51 40.26 26.15
C ASN B 6 12.55 39.48 27.02
N ARG B 7 11.24 39.57 26.75
CA ARG B 7 10.33 38.67 27.44
C ARG B 7 10.39 37.27 26.85
N ALA B 8 10.96 37.12 25.67
CA ALA B 8 11.33 35.81 25.18
C ALA B 8 12.72 35.39 25.64
N GLY B 9 13.54 36.34 26.08
CA GLY B 9 14.88 36.04 26.51
C GLY B 9 15.81 35.73 25.36
N LEU B 10 15.83 36.59 24.35
CA LEU B 10 16.66 36.40 23.18
C LEU B 10 17.33 37.72 22.81
N GLN B 11 17.99 37.72 21.67
CA GLN B 11 18.61 38.93 21.15
C GLN B 11 18.05 39.39 19.82
N PHE B 12 17.44 38.49 19.05
CA PHE B 12 17.02 38.83 17.68
C PHE B 12 15.73 39.62 17.72
N PRO B 13 15.57 40.63 16.89
CA PRO B 13 14.38 41.48 17.00
C PRO B 13 13.12 40.79 16.50
N VAL B 14 12.30 40.33 17.44
CA VAL B 14 11.15 39.52 17.08
C VAL B 14 10.10 40.40 16.43
N GLY B 15 10.09 41.69 16.77
CA GLY B 15 9.26 42.61 16.03
C GLY B 15 9.65 42.73 14.57
N ARG B 16 10.94 42.64 14.27
CA ARG B 16 11.38 42.70 12.88
C ARG B 16 10.98 41.45 12.13
N ILE B 17 11.06 40.30 12.77
CA ILE B 17 10.62 39.07 12.15
C ILE B 17 9.12 39.07 11.97
N HIS B 18 8.40 39.52 13.01
CA HIS B 18 6.94 39.60 12.93
C HIS B 18 6.50 40.62 11.90
N ARG B 19 7.29 41.67 11.69
CA ARG B 19 6.96 42.59 10.61
C ARG B 19 7.24 41.96 9.26
N LEU B 20 8.31 41.17 9.16
CA LEU B 20 8.63 40.58 7.87
C LEU B 20 7.73 39.40 7.56
N LEU B 21 7.27 38.69 8.57
CA LEU B 21 6.51 37.49 8.29
C LEU B 21 5.09 37.80 7.86
N ARG B 22 4.62 39.02 8.07
CA ARG B 22 3.36 39.43 7.49
C ARG B 22 3.54 39.75 6.02
N LYS B 23 4.47 40.64 5.72
CA LYS B 23 4.65 41.13 4.36
C LYS B 23 5.35 40.14 3.45
N GLY B 24 5.87 39.05 3.97
CA GLY B 24 6.49 38.08 3.10
C GLY B 24 5.53 37.13 2.44
N ASN B 25 4.23 37.31 2.69
CA ASN B 25 3.15 36.57 2.05
C ASN B 25 3.25 35.07 2.29
N TYR B 26 3.72 34.69 3.46
CA TYR B 26 3.77 33.30 3.81
C TYR B 26 2.44 32.80 4.36
N ALA B 27 1.58 33.71 4.79
CA ALA B 27 0.17 33.44 5.02
C ALA B 27 -0.55 34.77 4.96
N GLU B 28 -1.86 34.74 5.18
CA GLU B 28 -2.58 35.99 5.36
C GLU B 28 -2.76 36.29 6.83
N ARG B 29 -2.25 35.40 7.69
CA ARG B 29 -2.39 35.53 9.12
C ARG B 29 -1.26 34.76 9.79
N VAL B 30 -0.58 35.39 10.73
CA VAL B 30 0.53 34.77 11.43
C VAL B 30 0.28 34.86 12.93
N GLY B 31 0.50 33.74 13.63
CA GLY B 31 0.26 33.72 15.05
C GLY B 31 1.27 34.57 15.80
N ALA B 32 0.82 35.09 16.95
CA ALA B 32 1.70 35.91 17.78
C ALA B 32 2.81 35.06 18.38
N GLY B 33 2.51 33.83 18.73
CA GLY B 33 3.53 32.93 19.22
C GLY B 33 4.34 32.27 18.13
N ALA B 34 4.13 32.63 16.87
CA ALA B 34 4.93 32.01 15.81
C ALA B 34 6.34 32.59 15.72
N PRO B 35 6.56 33.89 15.47
CA PRO B 35 7.92 34.32 15.14
C PRO B 35 8.84 34.38 16.34
N VAL B 36 8.33 34.22 17.55
CA VAL B 36 9.23 34.02 18.69
C VAL B 36 9.93 32.68 18.54
N TYR B 37 9.24 31.67 18.03
CA TYR B 37 9.88 30.39 17.78
C TYR B 37 10.89 30.50 16.65
N LEU B 38 10.60 31.37 15.67
CA LEU B 38 11.54 31.54 14.58
C LEU B 38 12.76 32.33 15.00
N ALA B 39 12.61 33.22 15.96
CA ALA B 39 13.76 33.97 16.42
C ALA B 39 14.72 33.09 17.18
N ALA B 40 14.22 32.06 17.84
CA ALA B 40 15.09 31.20 18.63
C ALA B 40 15.92 30.29 17.75
N VAL B 41 15.31 29.73 16.71
CA VAL B 41 16.05 28.82 15.84
C VAL B 41 17.05 29.60 15.01
N MET B 42 16.75 30.87 14.70
CA MET B 42 17.71 31.70 13.99
C MET B 42 18.87 32.06 14.89
N GLU B 43 18.58 32.44 16.13
CA GLU B 43 19.64 32.75 17.08
C GLU B 43 20.37 31.51 17.52
N TYR B 44 19.76 30.33 17.37
CA TYR B 44 20.52 29.12 17.58
C TYR B 44 21.47 28.88 16.41
N LEU B 45 20.96 29.03 15.19
CA LEU B 45 21.75 28.68 14.01
C LEU B 45 22.86 29.66 13.76
N ALA B 46 22.60 30.94 14.00
CA ALA B 46 23.65 31.94 13.86
C ALA B 46 24.71 31.79 14.93
N ALA B 47 24.35 31.24 16.09
CA ALA B 47 25.35 30.97 17.10
C ALA B 47 26.20 29.77 16.74
N GLU B 48 25.59 28.76 16.13
CA GLU B 48 26.25 27.47 16.04
C GLU B 48 27.32 27.46 14.96
N VAL B 49 27.09 28.16 13.85
CA VAL B 49 28.15 28.33 12.88
C VAL B 49 29.27 29.19 13.46
N LEU B 50 28.90 30.22 14.21
CA LEU B 50 29.87 31.20 14.66
C LEU B 50 30.74 30.66 15.76
N GLU B 51 30.19 29.79 16.60
CA GLU B 51 30.98 29.12 17.64
C GLU B 51 32.03 28.23 17.00
N LEU B 52 31.66 27.53 15.94
CA LEU B 52 32.65 26.74 15.23
C LEU B 52 33.61 27.63 14.45
N ALA B 53 33.18 28.83 14.09
CA ALA B 53 34.08 29.77 13.42
C ALA B 53 35.15 30.25 14.37
N GLY B 54 34.75 30.74 15.55
CA GLY B 54 35.69 31.23 16.54
C GLY B 54 36.60 30.16 17.09
N ASN B 55 36.23 28.90 16.95
CA ASN B 55 37.19 27.83 17.16
C ASN B 55 38.26 27.86 16.08
N ALA B 56 37.84 28.00 14.82
CA ALA B 56 38.80 27.95 13.72
C ALA B 56 39.65 29.20 13.64
N ALA B 57 39.08 30.36 13.98
CA ALA B 57 39.87 31.59 13.99
C ALA B 57 40.88 31.59 15.12
N ARG B 58 40.57 30.86 16.20
CA ARG B 58 41.53 30.68 17.28
C ARG B 58 42.73 29.88 16.80
N ASP B 59 42.51 28.88 15.94
CA ASP B 59 43.60 28.07 15.44
C ASP B 59 44.48 28.82 14.46
N ASN B 60 43.94 29.81 13.76
CA ASN B 60 44.74 30.62 12.86
C ASN B 60 45.41 31.77 13.57
N LYS B 61 45.29 31.82 14.90
CA LYS B 61 45.91 32.84 15.77
C LYS B 61 45.52 34.25 15.37
N LYS B 62 44.22 34.48 15.22
CA LYS B 62 43.71 35.80 14.89
C LYS B 62 42.41 36.02 15.66
N THR B 63 42.13 37.30 15.94
CA THR B 63 40.90 37.67 16.60
C THR B 63 39.76 37.91 15.63
N ARG B 64 40.07 38.39 14.43
CA ARG B 64 39.04 38.80 13.50
C ARG B 64 38.47 37.58 12.80
N ILE B 65 37.15 37.45 12.83
CA ILE B 65 36.48 36.43 12.03
C ILE B 65 36.54 36.85 10.58
N ILE B 66 37.12 36.01 9.74
CA ILE B 66 37.30 36.30 8.32
C ILE B 66 36.56 35.22 7.55
N PRO B 67 36.13 35.51 6.31
CA PRO B 67 35.51 34.47 5.47
C PRO B 67 36.29 33.18 5.29
N ARG B 68 37.61 33.22 5.41
CA ARG B 68 38.36 31.97 5.42
C ARG B 68 38.02 31.14 6.65
N HIS B 69 37.67 31.78 7.76
CA HIS B 69 37.26 31.01 8.92
C HIS B 69 35.87 30.42 8.73
N LEU B 70 35.04 31.04 7.89
CA LEU B 70 33.66 30.59 7.76
C LEU B 70 33.58 29.29 6.98
N GLN B 71 34.17 29.26 5.79
CA GLN B 71 34.12 28.10 4.93
C GLN B 71 34.81 26.91 5.56
N LEU B 72 35.89 27.17 6.29
CA LEU B 72 36.51 26.10 7.05
C LEU B 72 35.69 25.72 8.26
N ALA B 73 34.76 26.57 8.71
CA ALA B 73 33.91 26.15 9.81
C ALA B 73 32.79 25.26 9.31
N ILE B 74 32.21 25.60 8.17
CA ILE B 74 30.99 24.90 7.76
C ILE B 74 31.32 23.54 7.18
N ARG B 75 32.36 23.45 6.36
CA ARG B 75 32.70 22.18 5.75
C ARG B 75 33.28 21.19 6.74
N ASN B 76 33.92 21.66 7.82
CA ASN B 76 34.55 20.75 8.76
C ASN B 76 33.51 20.02 9.59
N ASP B 77 32.42 20.69 9.94
CA ASP B 77 31.26 20.01 10.47
C ASP B 77 30.68 19.10 9.40
N GLU B 78 30.01 18.03 9.85
CA GLU B 78 29.28 17.20 8.90
C GLU B 78 27.83 17.64 8.78
N GLU B 79 27.12 17.70 9.91
CA GLU B 79 25.68 17.92 9.86
C GLU B 79 25.34 19.31 9.39
N LEU B 80 26.17 20.30 9.74
CA LEU B 80 25.99 21.64 9.21
C LEU B 80 26.25 21.66 7.72
N ASN B 81 27.17 20.81 7.25
CA ASN B 81 27.58 20.84 5.86
C ASN B 81 26.46 20.40 4.95
N LYS B 82 25.62 19.47 5.41
CA LYS B 82 24.55 18.99 4.57
C LYS B 82 23.44 20.02 4.44
N LEU B 83 23.30 20.89 5.45
CA LEU B 83 22.44 22.05 5.31
C LEU B 83 22.96 23.01 4.26
N LEU B 84 24.27 23.17 4.16
CA LEU B 84 24.82 24.14 3.25
C LEU B 84 25.56 23.40 2.15
N SER B 85 24.92 22.33 1.66
CA SER B 85 25.56 21.44 0.69
C SER B 85 25.79 22.14 -0.64
N GLY B 86 24.71 22.52 -1.30
CA GLY B 86 24.84 23.24 -2.54
C GLY B 86 25.24 24.68 -2.39
N VAL B 87 25.21 25.19 -1.16
CA VAL B 87 25.52 26.58 -0.91
C VAL B 87 27.02 26.79 -1.03
N THR B 88 27.43 27.74 -1.84
CA THR B 88 28.81 28.16 -1.91
C THR B 88 29.09 29.15 -0.79
N ILE B 89 30.22 29.82 -0.88
CA ILE B 89 30.52 30.89 0.06
C ILE B 89 31.42 31.89 -0.65
N ALA B 90 31.52 33.10 -0.13
CA ALA B 90 32.41 34.07 -0.74
C ALA B 90 33.78 34.00 -0.10
N GLN B 91 34.82 34.08 -0.93
CA GLN B 91 36.22 34.24 -0.51
C GLN B 91 36.71 33.07 0.34
N GLY B 92 36.04 31.95 0.24
CA GLY B 92 36.26 30.92 1.23
C GLY B 92 37.24 29.87 0.76
N GLY B 93 37.11 29.45 -0.48
CA GLY B 93 37.95 28.40 -0.96
C GLY B 93 37.42 27.05 -0.53
N VAL B 94 38.35 26.11 -0.36
CA VAL B 94 38.04 24.74 -0.05
C VAL B 94 38.99 24.29 1.05
N LEU B 95 38.46 23.49 1.99
CA LEU B 95 39.18 22.69 2.98
C LEU B 95 40.43 22.03 2.41
N PRO B 96 41.54 22.00 3.15
CA PRO B 96 42.68 21.19 2.72
C PRO B 96 42.35 19.71 2.71
N ASN B 97 42.54 19.06 1.57
CA ASN B 97 42.18 17.65 1.40
C ASN B 97 43.02 17.02 0.28
N ILE B 98 43.95 16.16 0.68
CA ILE B 98 44.76 15.45 -0.30
C ILE B 98 44.13 14.10 -0.56
N GLN B 99 44.00 13.74 -1.83
CA GLN B 99 43.59 12.37 -2.14
C GLN B 99 44.78 11.43 -1.98
N ALA B 100 44.47 10.14 -1.87
CA ALA B 100 45.46 9.14 -1.51
C ALA B 100 46.49 8.89 -2.60
N VAL B 101 46.10 8.92 -3.87
CA VAL B 101 47.01 8.62 -4.96
C VAL B 101 47.79 9.86 -5.41
N LEU B 102 47.62 10.99 -4.73
CA LEU B 102 48.31 12.21 -5.14
C LEU B 102 49.75 12.26 -4.64
N LEU B 103 50.08 11.54 -3.57
CA LEU B 103 51.43 11.52 -3.06
C LEU B 103 52.35 10.83 -4.05
N PRO B 104 53.63 11.22 -4.11
CA PRO B 104 54.54 10.62 -5.09
C PRO B 104 54.86 9.16 -4.80
N LYS B 105 55.34 8.47 -5.83
CA LYS B 105 55.68 7.05 -5.74
C LYS B 105 56.95 6.86 -4.93
N ARG C 1 -21.01 15.77 1.94
CA ARG C 1 -20.75 16.37 0.64
C ARG C 1 -19.25 16.31 0.32
N LYS C 2 -18.93 15.91 -0.91
CA LYS C 2 -17.54 15.73 -1.33
C LYS C 2 -17.38 16.22 -2.76
N ARG C 3 -16.36 17.06 -2.98
CA ARG C 3 -16.09 17.63 -4.30
C ARG C 3 -14.60 17.92 -4.42
N LYS C 4 -14.07 17.79 -5.63
CA LYS C 4 -12.65 17.98 -5.88
C LYS C 4 -12.45 18.53 -7.28
N GLU C 5 -11.55 19.50 -7.38
CA GLU C 5 -11.26 20.17 -8.64
C GLU C 5 -10.09 19.48 -9.35
N SER C 6 -9.97 19.77 -10.65
CA SER C 6 -8.97 19.13 -11.49
C SER C 6 -8.74 20.01 -12.70
N TYR C 7 -8.07 19.44 -13.70
CA TYR C 7 -7.90 20.11 -14.98
C TYR C 7 -8.22 19.17 -16.12
N ALA C 8 -8.76 17.99 -15.81
CA ALA C 8 -8.73 16.84 -16.71
C ALA C 8 -9.52 17.08 -17.98
N ILE C 9 -10.69 17.69 -17.85
CA ILE C 9 -11.56 17.90 -19.00
C ILE C 9 -10.96 18.94 -19.92
N TYR C 10 -10.22 19.89 -19.36
CA TYR C 10 -9.57 20.89 -20.19
C TYR C 10 -8.36 20.30 -20.90
N ILE C 11 -7.65 19.39 -20.23
CA ILE C 11 -6.61 18.66 -20.93
C ILE C 11 -7.22 17.71 -21.93
N TYR C 12 -8.30 17.03 -21.55
CA TYR C 12 -8.95 16.15 -22.49
C TYR C 12 -9.39 17.00 -23.66
N LYS C 13 -9.69 18.26 -23.39
CA LYS C 13 -10.09 19.17 -24.44
C LYS C 13 -8.93 19.46 -25.35
N VAL C 14 -7.86 20.01 -24.79
CA VAL C 14 -6.71 20.38 -25.61
C VAL C 14 -6.19 19.20 -26.40
N LEU C 15 -6.55 17.98 -26.02
CA LEU C 15 -6.17 16.83 -26.82
C LEU C 15 -6.95 16.83 -28.12
N LYS C 16 -8.27 16.98 -28.03
CA LYS C 16 -9.13 16.95 -29.20
C LYS C 16 -8.95 18.19 -30.07
N GLN C 17 -8.36 19.25 -29.52
CA GLN C 17 -8.05 20.40 -30.34
C GLN C 17 -6.89 20.11 -31.27
N VAL C 18 -5.94 19.28 -30.82
CA VAL C 18 -4.80 18.95 -31.66
C VAL C 18 -4.82 17.52 -32.19
N HIS C 19 -5.61 16.63 -31.61
CA HIS C 19 -5.71 15.25 -32.07
C HIS C 19 -7.08 14.72 -31.75
N PRO C 20 -7.95 14.60 -32.75
CA PRO C 20 -9.32 14.15 -32.49
C PRO C 20 -9.42 12.66 -32.23
N ASP C 21 -8.32 11.94 -32.40
CA ASP C 21 -8.31 10.50 -32.56
C ASP C 21 -7.43 9.82 -31.52
N THR C 22 -7.47 10.30 -30.28
CA THR C 22 -6.58 9.85 -29.24
C THR C 22 -7.36 9.71 -27.94
N GLY C 23 -7.06 8.65 -27.19
CA GLY C 23 -7.67 8.47 -25.89
C GLY C 23 -6.64 8.61 -24.79
N ILE C 24 -7.09 8.87 -23.56
CA ILE C 24 -6.20 9.02 -22.42
C ILE C 24 -6.66 8.05 -21.34
N SER C 25 -5.74 7.26 -20.82
CA SER C 25 -6.06 6.50 -19.62
C SER C 25 -6.07 7.46 -18.43
N SER C 26 -6.88 7.11 -17.42
CA SER C 26 -7.09 8.02 -16.31
C SER C 26 -5.83 8.21 -15.48
N LYS C 27 -4.96 7.19 -15.45
CA LYS C 27 -3.68 7.37 -14.77
C LYS C 27 -2.76 8.26 -15.59
N ALA C 28 -2.91 8.25 -16.91
CA ALA C 28 -2.16 9.19 -17.72
C ALA C 28 -2.70 10.60 -17.59
N MET C 29 -4.01 10.74 -17.44
CA MET C 29 -4.58 12.07 -17.30
C MET C 29 -4.18 12.67 -15.96
N SER C 30 -3.98 11.84 -14.96
CA SER C 30 -3.53 12.33 -13.66
C SER C 30 -2.10 12.82 -13.69
N ILE C 31 -1.30 12.44 -14.69
CA ILE C 31 0.00 13.07 -14.88
C ILE C 31 -0.18 14.53 -15.24
N MET C 32 -1.02 14.80 -16.23
CA MET C 32 -1.22 16.16 -16.69
C MET C 32 -1.92 17.01 -15.65
N ASN C 33 -2.76 16.40 -14.82
CA ASN C 33 -3.33 17.16 -13.71
C ASN C 33 -2.29 17.43 -12.64
N SER C 34 -1.20 16.66 -12.65
CA SER C 34 -0.07 17.06 -11.84
C SER C 34 0.92 17.91 -12.62
N PHE C 35 1.13 17.59 -13.90
CA PHE C 35 2.17 18.28 -14.67
C PHE C 35 1.82 19.74 -14.89
N VAL C 36 0.55 20.03 -15.17
CA VAL C 36 0.19 21.43 -15.27
C VAL C 36 0.12 22.04 -13.88
N ASN C 37 -0.02 21.23 -12.83
CA ASN C 37 -0.05 21.82 -11.50
C ASN C 37 1.34 22.11 -10.98
N ASP C 38 2.34 21.35 -11.43
CA ASP C 38 3.70 21.72 -11.08
C ASP C 38 4.13 22.99 -11.81
N ILE C 39 3.80 23.07 -13.10
CA ILE C 39 4.18 24.21 -13.91
C ILE C 39 3.49 25.47 -13.42
N PHE C 40 2.23 25.35 -13.03
CA PHE C 40 1.55 26.50 -12.44
C PHE C 40 2.13 26.83 -11.07
N GLU C 41 2.63 25.83 -10.34
CA GLU C 41 3.24 26.12 -9.04
C GLU C 41 4.53 26.88 -9.20
N ARG C 42 5.37 26.50 -10.17
CA ARG C 42 6.67 27.12 -10.31
C ARG C 42 6.59 28.56 -10.78
N ILE C 43 5.76 28.82 -11.78
CA ILE C 43 5.73 30.14 -12.38
C ILE C 43 5.13 31.16 -11.42
N ALA C 44 4.19 30.74 -10.58
CA ALA C 44 3.73 31.61 -9.52
C ALA C 44 4.82 31.86 -8.49
N ALA C 45 5.61 30.82 -8.19
CA ALA C 45 6.73 30.99 -7.27
C ALA C 45 7.80 31.92 -7.84
N GLU C 46 7.89 32.02 -9.17
CA GLU C 46 8.82 32.97 -9.76
C GLU C 46 8.35 34.40 -9.54
N ALA C 47 7.07 34.65 -9.81
CA ALA C 47 6.56 36.01 -9.71
C ALA C 47 6.55 36.50 -8.28
N SER C 48 6.33 35.61 -7.32
CA SER C 48 6.33 35.98 -5.91
C SER C 48 7.69 36.50 -5.49
N ARG C 49 8.76 35.89 -5.99
CA ARG C 49 10.09 36.49 -5.83
C ARG C 49 10.20 37.78 -6.63
N LEU C 50 9.75 37.76 -7.88
CA LEU C 50 9.94 38.89 -8.76
C LEU C 50 9.15 40.11 -8.31
N ALA C 51 7.93 39.90 -7.82
CA ALA C 51 7.18 41.02 -7.26
C ALA C 51 7.82 41.49 -5.97
N HIS C 52 8.46 40.59 -5.23
CA HIS C 52 9.16 41.01 -4.03
C HIS C 52 10.44 41.74 -4.36
N TYR C 53 11.00 41.53 -5.55
CA TYR C 53 12.33 42.05 -5.81
C TYR C 53 12.28 43.50 -6.26
N ASN C 54 11.26 43.87 -7.01
CA ASN C 54 11.07 45.28 -7.27
C ASN C 54 10.17 45.94 -6.24
N LYS C 55 9.84 45.21 -5.16
CA LYS C 55 9.08 45.67 -4.00
C LYS C 55 7.69 46.14 -4.39
N ARG C 56 7.13 45.47 -5.39
CA ARG C 56 5.77 45.70 -5.80
C ARG C 56 4.86 44.78 -5.01
N SER C 57 3.56 45.06 -5.05
CA SER C 57 2.59 44.16 -4.47
C SER C 57 1.70 43.50 -5.51
N THR C 58 1.84 43.89 -6.77
CA THR C 58 1.02 43.37 -7.85
C THR C 58 1.72 42.22 -8.56
N ILE C 59 0.96 41.56 -9.44
CA ILE C 59 1.50 40.66 -10.44
C ILE C 59 0.81 41.04 -11.74
N THR C 60 1.57 41.60 -12.67
CA THR C 60 1.01 41.93 -13.97
C THR C 60 1.33 40.84 -14.95
N SER C 61 1.06 41.12 -16.23
CA SER C 61 1.51 40.22 -17.27
C SER C 61 3.02 40.26 -17.45
N ARG C 62 3.67 41.38 -17.09
CA ARG C 62 5.10 41.50 -17.33
C ARG C 62 5.90 40.59 -16.41
N GLU C 63 5.43 40.38 -15.17
CA GLU C 63 6.13 39.49 -14.26
C GLU C 63 6.10 38.06 -14.74
N ILE C 64 4.97 37.63 -15.26
CA ILE C 64 4.88 36.27 -15.78
C ILE C 64 5.67 36.14 -17.06
N GLN C 65 5.61 37.17 -17.91
CA GLN C 65 6.41 37.21 -19.12
C GLN C 65 7.90 37.26 -18.81
N THR C 66 8.27 37.90 -17.71
CA THR C 66 9.63 37.74 -17.20
C THR C 66 9.88 36.31 -16.78
N ALA C 67 8.90 35.71 -16.10
CA ALA C 67 9.10 34.42 -15.48
C ALA C 67 9.22 33.30 -16.51
N VAL C 68 8.47 33.39 -17.60
CA VAL C 68 8.45 32.27 -18.52
C VAL C 68 9.70 32.27 -19.39
N ARG C 69 10.35 33.42 -19.53
CA ARG C 69 11.68 33.41 -20.09
C ARG C 69 12.68 32.88 -19.08
N LEU C 70 12.42 33.11 -17.81
CA LEU C 70 13.39 32.75 -16.79
C LEU C 70 13.38 31.26 -16.50
N LEU C 71 12.20 30.64 -16.51
CA LEU C 71 12.07 29.26 -16.10
C LEU C 71 12.26 28.28 -17.23
N LEU C 72 11.47 28.38 -18.26
CA LEU C 72 11.49 27.44 -19.36
C LEU C 72 12.76 27.65 -20.18
N PRO C 73 13.26 26.60 -20.83
CA PRO C 73 14.39 26.77 -21.75
C PRO C 73 13.97 27.53 -23.00
N GLY C 74 14.98 27.97 -23.74
CA GLY C 74 14.87 29.01 -24.75
C GLY C 74 13.80 28.89 -25.84
N GLU C 75 13.92 27.87 -26.69
CA GLU C 75 13.03 27.74 -27.84
C GLU C 75 11.60 27.40 -27.41
N LEU C 76 11.45 26.59 -26.35
CA LEU C 76 10.13 26.37 -25.79
C LEU C 76 9.56 27.65 -25.22
N ALA C 77 10.38 28.43 -24.54
CA ALA C 77 9.90 29.72 -24.07
C ALA C 77 9.71 30.69 -25.23
N LYS C 78 10.39 30.47 -26.35
CA LYS C 78 10.35 31.43 -27.44
C LYS C 78 8.99 31.42 -28.13
N HIS C 79 8.38 30.24 -28.29
CA HIS C 79 6.99 30.24 -28.71
C HIS C 79 6.07 30.65 -27.58
N ALA C 80 6.48 30.38 -26.35
CA ALA C 80 5.57 30.53 -25.22
C ALA C 80 5.31 32.00 -24.90
N VAL C 81 6.32 32.85 -25.04
CA VAL C 81 6.06 34.28 -24.83
C VAL C 81 5.16 34.81 -25.92
N SER C 82 5.34 34.34 -27.16
CA SER C 82 4.46 34.75 -28.23
C SER C 82 3.10 34.09 -28.09
N GLU C 83 3.04 32.94 -27.43
CA GLU C 83 1.75 32.31 -27.17
C GLU C 83 0.93 33.04 -26.14
N GLY C 84 1.52 33.98 -25.42
CA GLY C 84 0.78 34.74 -24.44
C GLY C 84 0.44 36.14 -24.92
N THR C 85 1.42 36.80 -25.54
CA THR C 85 1.19 38.18 -25.98
C THR C 85 0.21 38.23 -27.14
N LYS C 86 0.07 37.13 -27.88
CA LYS C 86 -1.07 37.00 -28.78
C LYS C 86 -2.35 36.84 -27.98
N ALA C 87 -2.28 36.10 -26.87
CA ALA C 87 -3.52 35.70 -26.21
C ALA C 87 -4.11 36.82 -25.37
N VAL C 88 -3.26 37.66 -24.77
CA VAL C 88 -3.83 38.78 -24.03
C VAL C 88 -4.27 39.89 -24.97
N THR C 89 -3.77 39.87 -26.22
CA THR C 89 -4.26 40.81 -27.22
C THR C 89 -5.70 40.51 -27.61
N LYS C 90 -6.04 39.23 -27.71
CA LYS C 90 -7.43 38.86 -27.89
C LYS C 90 -8.24 39.18 -26.65
N TYR C 91 -7.60 39.13 -25.48
CA TYR C 91 -8.26 39.61 -24.28
C TYR C 91 -8.29 41.12 -24.23
N THR C 92 -7.40 41.79 -24.99
CA THR C 92 -7.36 43.24 -24.95
C THR C 92 -8.55 43.86 -25.68
N SER C 93 -8.75 43.47 -26.94
CA SER C 93 -9.82 44.09 -27.71
C SER C 93 -11.20 43.62 -27.26
N SER C 94 -11.30 42.38 -26.78
CA SER C 94 -12.58 41.90 -26.26
C SER C 94 -12.93 42.62 -24.98
N LYS C 95 -14.15 43.17 -24.95
CA LYS C 95 -14.63 44.13 -23.94
C LYS C 95 -13.62 45.26 -23.76
N LYS D 2 18.79 55.36 0.87
CA LYS D 2 19.62 55.75 2.00
C LYS D 2 19.40 54.80 3.17
N ARG D 3 18.15 54.41 3.37
CA ARG D 3 17.81 53.51 4.47
C ARG D 3 17.87 52.06 4.05
N LYS D 4 18.66 51.29 4.79
CA LYS D 4 18.74 49.85 4.60
C LYS D 4 18.77 49.22 5.98
N GLU D 5 18.30 47.98 6.06
CA GLU D 5 18.13 47.30 7.33
C GLU D 5 18.70 45.89 7.24
N SER D 6 19.25 45.43 8.36
CA SER D 6 20.06 44.25 8.39
C SER D 6 20.03 43.66 9.79
N TYR D 7 20.97 42.75 10.05
CA TYR D 7 21.04 42.05 11.31
C TYR D 7 22.38 42.26 11.99
N ALA D 8 23.16 43.24 11.51
CA ALA D 8 24.58 43.31 11.80
C ALA D 8 24.86 43.59 13.27
N ILE D 9 23.96 44.29 13.95
CA ILE D 9 24.16 44.48 15.37
C ILE D 9 23.81 43.20 16.12
N TYR D 10 22.86 42.44 15.60
CA TYR D 10 22.41 41.27 16.34
C TYR D 10 23.38 40.12 16.21
N ILE D 11 23.97 39.98 15.03
CA ILE D 11 24.96 38.93 14.83
C ILE D 11 26.08 39.20 15.80
N TYR D 12 26.68 40.38 15.69
CA TYR D 12 27.77 40.75 16.58
C TYR D 12 27.37 40.53 18.04
N LYS D 13 26.13 40.84 18.35
CA LYS D 13 25.63 40.64 19.70
C LYS D 13 25.89 39.21 20.13
N VAL D 14 25.23 38.27 19.46
CA VAL D 14 25.42 36.88 19.79
C VAL D 14 26.90 36.59 19.91
N LEU D 15 27.67 37.09 18.96
CA LEU D 15 29.11 36.83 18.96
C LEU D 15 29.72 37.18 20.30
N LYS D 16 29.43 38.36 20.81
CA LYS D 16 30.02 38.77 22.08
C LYS D 16 29.42 38.03 23.26
N GLN D 17 28.22 37.46 23.09
CA GLN D 17 27.69 36.64 24.16
C GLN D 17 28.08 35.18 24.01
N VAL D 18 28.95 34.86 23.06
CA VAL D 18 29.52 33.53 22.96
C VAL D 18 31.04 33.69 23.04
N HIS D 19 31.60 34.46 22.12
CA HIS D 19 33.02 34.73 22.08
C HIS D 19 33.22 36.22 22.30
N PRO D 20 33.38 36.67 23.55
CA PRO D 20 33.49 38.11 23.81
C PRO D 20 34.82 38.69 23.38
N ASP D 21 35.76 37.85 23.02
CA ASP D 21 37.14 38.22 22.71
C ASP D 21 37.47 37.91 21.26
N THR D 22 36.56 38.28 20.36
CA THR D 22 36.69 37.90 18.96
C THR D 22 36.19 39.02 18.06
N GLY D 23 37.04 39.47 17.15
CA GLY D 23 36.64 40.44 16.15
C GLY D 23 36.01 39.77 14.95
N ILE D 24 35.46 40.60 14.06
CA ILE D 24 34.78 40.09 12.88
C ILE D 24 34.85 41.13 11.78
N SER D 25 35.28 40.71 10.60
CA SER D 25 35.33 41.61 9.47
C SER D 25 33.93 41.87 8.94
N SER D 26 33.77 43.02 8.28
CA SER D 26 32.46 43.38 7.78
C SER D 26 32.08 42.55 6.57
N LYS D 27 33.05 41.97 5.87
CA LYS D 27 32.72 40.95 4.89
C LYS D 27 32.13 39.74 5.56
N ALA D 28 32.68 39.35 6.71
CA ALA D 28 32.14 38.21 7.43
C ALA D 28 30.78 38.53 8.02
N MET D 29 30.51 39.81 8.29
CA MET D 29 29.17 40.21 8.69
C MET D 29 28.20 40.04 7.54
N SER D 30 28.65 40.30 6.32
CA SER D 30 27.77 40.17 5.16
C SER D 30 27.42 38.72 4.89
N ILE D 31 28.30 37.79 5.26
CA ILE D 31 27.97 36.38 5.14
C ILE D 31 26.84 36.02 6.09
N MET D 32 26.93 36.51 7.33
CA MET D 32 25.94 36.19 8.33
C MET D 32 24.59 36.82 8.01
N ASN D 33 24.60 38.06 7.52
CA ASN D 33 23.33 38.69 7.15
C ASN D 33 22.77 38.05 5.90
N SER D 34 23.61 37.46 5.06
CA SER D 34 23.06 36.60 4.04
C SER D 34 22.61 35.28 4.63
N PHE D 35 23.31 34.80 5.65
CA PHE D 35 23.00 33.48 6.19
C PHE D 35 21.71 33.49 6.96
N VAL D 36 21.40 34.60 7.62
CA VAL D 36 20.11 34.72 8.29
C VAL D 36 19.01 34.76 7.25
N ASN D 37 19.16 35.59 6.23
CA ASN D 37 18.08 35.74 5.27
C ASN D 37 18.03 34.63 4.25
N ASP D 38 18.82 33.58 4.40
CA ASP D 38 18.56 32.36 3.66
C ASP D 38 17.75 31.39 4.50
N ILE D 39 18.16 31.22 5.76
CA ILE D 39 17.49 30.27 6.64
C ILE D 39 16.10 30.74 6.98
N PHE D 40 15.94 32.05 7.23
CA PHE D 40 14.62 32.61 7.41
C PHE D 40 13.80 32.52 6.13
N GLU D 41 14.45 32.62 4.97
CA GLU D 41 13.72 32.43 3.72
C GLU D 41 13.33 30.98 3.54
N ARG D 42 14.24 30.05 3.81
CA ARG D 42 13.97 28.65 3.54
C ARG D 42 12.97 28.06 4.52
N ILE D 43 12.88 28.60 5.73
CA ILE D 43 11.92 28.09 6.69
C ILE D 43 10.51 28.53 6.34
N ALA D 44 10.33 29.82 6.05
CA ALA D 44 8.99 30.34 5.84
C ALA D 44 8.36 29.83 4.55
N ALA D 45 9.17 29.36 3.61
CA ALA D 45 8.61 28.70 2.44
C ALA D 45 7.99 27.37 2.83
N GLU D 46 8.56 26.69 3.82
CA GLU D 46 7.96 25.44 4.25
C GLU D 46 6.70 25.68 5.07
N ALA D 47 6.73 26.67 5.97
CA ALA D 47 5.60 26.92 6.85
C ALA D 47 4.41 27.44 6.07
N SER D 48 4.66 28.13 4.97
CA SER D 48 3.58 28.48 4.06
C SER D 48 2.98 27.23 3.47
N ARG D 49 3.83 26.36 2.95
CA ARG D 49 3.38 25.20 2.20
C ARG D 49 2.74 24.17 3.13
N LEU D 50 3.22 24.06 4.36
CA LEU D 50 2.60 23.18 5.33
C LEU D 50 1.18 23.59 5.63
N ALA D 51 0.97 24.86 5.92
CA ALA D 51 -0.38 25.35 6.15
C ALA D 51 -1.18 25.33 4.87
N HIS D 52 -0.51 25.47 3.73
CA HIS D 52 -1.20 25.35 2.45
C HIS D 52 -1.68 23.93 2.21
N TYR D 53 -0.96 22.95 2.73
CA TYR D 53 -1.36 21.57 2.49
C TYR D 53 -2.56 21.19 3.35
N ASN D 54 -2.57 21.65 4.59
CA ASN D 54 -3.69 21.31 5.45
C ASN D 54 -4.72 22.41 5.54
N LYS D 55 -4.59 23.45 4.71
CA LYS D 55 -5.53 24.55 4.58
C LYS D 55 -5.77 25.31 5.87
N ARG D 56 -4.75 25.41 6.71
CA ARG D 56 -4.80 26.36 7.82
C ARG D 56 -4.48 27.74 7.28
N SER D 57 -5.29 28.73 7.61
CA SER D 57 -5.00 30.07 7.15
C SER D 57 -3.98 30.79 8.01
N THR D 58 -3.47 30.16 9.04
CA THR D 58 -2.60 30.80 10.01
C THR D 58 -1.24 30.13 10.00
N ILE D 59 -0.20 30.89 10.29
CA ILE D 59 1.11 30.32 10.60
C ILE D 59 1.31 30.47 12.10
N THR D 60 1.46 29.35 12.79
CA THR D 60 1.58 29.32 14.24
C THR D 60 2.93 28.73 14.62
N SER D 61 3.10 28.48 15.91
CA SER D 61 4.35 27.90 16.40
C SER D 61 4.49 26.45 16.00
N ARG D 62 3.40 25.79 15.67
CA ARG D 62 3.49 24.36 15.43
C ARG D 62 4.11 24.04 14.07
N GLU D 63 3.83 24.87 13.07
CA GLU D 63 4.25 24.56 11.70
C GLU D 63 5.73 24.83 11.53
N ILE D 64 6.21 25.90 12.15
CA ILE D 64 7.64 26.17 12.17
C ILE D 64 8.38 25.06 12.89
N GLN D 65 7.75 24.51 13.93
CA GLN D 65 8.30 23.36 14.63
C GLN D 65 8.31 22.13 13.73
N THR D 66 7.36 22.02 12.80
CA THR D 66 7.42 20.93 11.85
C THR D 66 8.53 21.15 10.84
N ALA D 67 8.67 22.38 10.35
CA ALA D 67 9.65 22.66 9.31
C ALA D 67 11.07 22.55 9.83
N VAL D 68 11.29 22.91 11.09
CA VAL D 68 12.64 22.79 11.62
C VAL D 68 12.98 21.33 11.83
N ARG D 69 11.99 20.48 12.12
CA ARG D 69 12.26 19.06 12.09
C ARG D 69 12.40 18.55 10.67
N LEU D 70 11.79 19.23 9.72
CA LEU D 70 11.85 18.81 8.32
C LEU D 70 13.07 19.35 7.59
N LEU D 71 13.36 20.64 7.74
CA LEU D 71 14.38 21.26 6.91
C LEU D 71 15.77 20.97 7.42
N LEU D 72 16.03 21.29 8.66
CA LEU D 72 17.35 21.04 9.17
C LEU D 72 17.50 19.57 9.54
N PRO D 73 18.71 19.04 9.47
CA PRO D 73 18.92 17.64 9.88
C PRO D 73 18.78 17.46 11.39
N GLY D 74 18.77 16.19 11.78
CA GLY D 74 18.11 15.78 13.02
C GLY D 74 18.77 16.24 14.29
N GLU D 75 20.09 16.13 14.39
CA GLU D 75 20.75 16.57 15.61
C GLU D 75 20.73 18.10 15.70
N LEU D 76 20.80 18.77 14.56
CA LEU D 76 20.50 20.20 14.55
C LEU D 76 19.03 20.45 14.83
N ALA D 77 18.17 19.54 14.40
CA ALA D 77 16.75 19.68 14.72
C ALA D 77 16.48 19.40 16.18
N LYS D 78 17.28 18.53 16.79
CA LYS D 78 17.01 18.11 18.17
C LYS D 78 17.24 19.25 19.15
N HIS D 79 18.33 20.00 18.98
CA HIS D 79 18.54 21.14 19.87
C HIS D 79 17.59 22.27 19.55
N ALA D 80 17.29 22.49 18.27
CA ALA D 80 16.47 23.62 17.90
C ALA D 80 15.03 23.45 18.37
N VAL D 81 14.51 22.22 18.32
CA VAL D 81 13.15 22.00 18.77
C VAL D 81 13.06 22.15 20.28
N SER D 82 14.17 21.94 20.99
CA SER D 82 14.19 22.21 22.42
C SER D 82 14.56 23.66 22.71
N GLU D 83 14.89 24.43 21.69
CA GLU D 83 15.27 25.83 21.94
C GLU D 83 14.05 26.73 21.95
N GLY D 84 13.26 26.69 20.89
CA GLY D 84 12.14 27.59 20.76
C GLY D 84 11.02 27.26 21.71
N THR D 85 10.81 25.96 21.94
CA THR D 85 9.87 25.53 22.97
C THR D 85 10.30 26.02 24.34
N LYS D 86 11.60 26.02 24.61
CA LYS D 86 12.12 26.68 25.79
C LYS D 86 11.95 28.19 25.69
N ALA D 87 12.03 28.73 24.48
CA ALA D 87 11.91 30.17 24.32
C ALA D 87 10.48 30.64 24.45
N VAL D 88 9.51 29.88 23.91
CA VAL D 88 8.13 30.32 24.02
C VAL D 88 7.58 30.11 25.41
N THR D 89 8.18 29.23 26.21
CA THR D 89 7.71 29.03 27.56
C THR D 89 8.04 30.24 28.44
N LYS D 90 9.19 30.87 28.17
CA LYS D 90 9.45 32.16 28.80
C LYS D 90 8.51 33.23 28.24
N TYR D 91 8.14 33.10 26.97
CA TYR D 91 7.19 34.03 26.39
C TYR D 91 5.80 33.80 26.94
N THR D 92 5.51 32.58 27.38
CA THR D 92 4.15 32.20 27.76
C THR D 92 3.69 32.94 28.99
N SER D 93 4.55 33.04 30.01
CA SER D 93 4.15 33.66 31.28
C SER D 93 4.25 35.18 31.23
N SER D 94 3.60 35.79 30.25
CA SER D 94 3.58 37.23 30.11
C SER D 94 2.29 37.64 29.44
N ILE G 1 -45.30 -3.31 -13.47
CA ILE G 1 -45.41 -2.62 -12.19
C ILE G 1 -46.26 -1.35 -12.38
N ASP G 2 -47.02 -1.00 -11.34
CA ASP G 2 -47.98 0.10 -11.42
C ASP G 2 -47.46 1.30 -10.63
N THR G 3 -47.16 2.39 -11.33
CA THR G 3 -46.63 3.59 -10.68
C THR G 3 -47.71 4.27 -9.84
N ALA G 4 -48.96 4.24 -10.32
CA ALA G 4 -50.07 4.81 -9.56
C ALA G 4 -50.35 4.00 -8.31
N ALA G 5 -50.14 2.68 -8.36
CA ALA G 5 -50.22 1.87 -7.15
C ALA G 5 -48.93 1.98 -6.34
N LEU G 6 -47.82 2.32 -6.99
CA LEU G 6 -46.56 2.55 -6.27
C LEU G 6 -46.67 3.77 -5.37
N LYS G 7 -47.31 4.83 -5.86
CA LYS G 7 -47.36 6.08 -5.11
C LYS G 7 -48.40 6.01 -4.00
N GLU G 8 -49.25 4.97 -4.00
CA GLU G 8 -50.20 4.77 -2.92
C GLU G 8 -49.59 3.97 -1.79
N GLU G 9 -48.72 3.00 -2.14
CA GLU G 9 -48.09 2.15 -1.15
C GLU G 9 -47.06 2.91 -0.32
N VAL G 10 -46.58 4.04 -0.83
CA VAL G 10 -45.70 4.88 -0.03
C VAL G 10 -46.53 5.85 0.80
N LEU G 11 -47.77 6.09 0.40
CA LEU G 11 -48.63 6.98 1.17
C LEU G 11 -49.15 6.29 2.42
N LYS G 12 -49.44 4.98 2.32
CA LYS G 12 -49.84 4.22 3.49
C LYS G 12 -48.63 3.91 4.37
N TYR G 13 -47.43 3.89 3.78
CA TYR G 13 -46.22 3.58 4.54
C TYR G 13 -45.83 4.75 5.43
N MSE G 14 -45.72 5.94 4.86
CA MSE G 14 -45.12 7.09 5.51
C MSE G 14 -45.97 7.64 6.66
O MSE G 14 -45.43 8.12 7.65
CB MSE G 14 -44.87 8.18 4.48
CG MSE G 14 -43.92 9.25 4.95
SE MSE G 14 -42.17 8.55 5.37
CE MSE G 14 -41.50 8.25 3.56
N ASN G 15 -47.30 7.53 6.55
CA ASN G 15 -48.17 7.93 7.64
C ASN G 15 -48.15 6.94 8.80
N ARG G 16 -47.78 5.69 8.53
CA ARG G 16 -47.83 4.61 9.52
C ARG G 16 -46.50 4.35 10.20
N CYS G 17 -45.40 4.49 9.45
CA CYS G 17 -44.12 3.92 9.86
C CYS G 17 -43.53 4.64 11.06
N SER G 18 -42.93 3.85 11.95
CA SER G 18 -42.23 4.42 13.09
C SER G 18 -40.91 5.04 12.66
N THR G 19 -40.21 5.62 13.63
CA THR G 19 -38.96 6.32 13.32
C THR G 19 -37.85 5.34 12.96
N GLN G 20 -37.77 4.22 13.68
CA GLN G 20 -36.74 3.23 13.36
C GLN G 20 -37.10 2.46 12.10
N ASP G 21 -38.39 2.27 11.84
CA ASP G 21 -38.80 1.57 10.63
C ASP G 21 -38.72 2.49 9.42
N LEU G 22 -38.69 3.81 9.65
CA LEU G 22 -38.41 4.73 8.55
C LEU G 22 -36.95 4.66 8.16
N ALA G 23 -36.05 4.61 9.15
CA ALA G 23 -34.62 4.61 8.85
C ALA G 23 -34.14 3.24 8.39
N ASP G 24 -34.86 2.18 8.78
CA ASP G 24 -34.44 0.84 8.40
C ASP G 24 -34.65 0.59 6.91
N MSE G 25 -35.61 1.28 6.31
CA MSE G 25 -35.88 1.13 4.90
C MSE G 25 -35.10 2.14 4.06
O MSE G 25 -34.73 1.85 2.93
CB MSE G 25 -37.37 1.26 4.63
CG MSE G 25 -38.22 0.36 5.50
SE MSE G 25 -39.83 -0.31 4.62
CE MSE G 25 -40.67 -1.08 6.19
N THR G 26 -34.86 3.32 4.64
CA THR G 26 -34.25 4.43 3.90
C THR G 26 -32.76 4.56 4.14
N GLY G 27 -32.25 4.16 5.30
CA GLY G 27 -30.85 4.34 5.63
C GLY G 27 -30.47 5.71 6.13
N CYS G 28 -31.44 6.60 6.32
CA CYS G 28 -31.16 7.95 6.78
C CYS G 28 -30.94 7.97 8.29
N THR G 29 -30.52 9.13 8.79
CA THR G 29 -30.22 9.28 10.21
C THR G 29 -31.51 9.37 11.04
N LEU G 30 -31.34 9.34 12.36
CA LEU G 30 -32.49 9.35 13.26
C LEU G 30 -33.13 10.73 13.35
N ALA G 31 -32.36 11.78 13.11
CA ALA G 31 -32.90 13.14 13.22
C ALA G 31 -33.72 13.52 12.00
N GLU G 32 -33.31 13.07 10.82
CA GLU G 32 -34.05 13.40 9.60
C GLU G 32 -35.33 12.58 9.49
N ALA G 33 -35.30 11.35 10.02
CA ALA G 33 -36.49 10.51 10.01
C ALA G 33 -37.54 11.03 10.98
N GLU G 34 -37.09 11.58 12.12
CA GLU G 34 -38.01 12.22 13.05
C GLU G 34 -38.56 13.50 12.45
N PHE G 35 -37.71 14.28 11.78
CA PHE G 35 -38.11 15.57 11.22
C PHE G 35 -39.07 15.38 10.04
N MSE G 36 -38.96 14.25 9.37
CA MSE G 36 -39.94 13.84 8.36
C MSE G 36 -41.30 13.53 8.99
O MSE G 36 -42.34 13.95 8.47
CB MSE G 36 -39.42 12.63 7.60
CG MSE G 36 -40.38 12.07 6.57
SE MSE G 36 -40.91 13.35 5.21
CE MSE G 36 -41.49 12.09 3.83
N VAL G 37 -41.31 12.79 10.10
CA VAL G 37 -42.57 12.39 10.72
C VAL G 37 -43.05 13.43 11.71
N ALA G 38 -42.23 14.46 11.96
CA ALA G 38 -42.72 15.61 12.72
C ALA G 38 -43.71 16.43 11.91
N LYS G 39 -43.54 16.51 10.60
CA LYS G 39 -44.44 17.23 9.72
C LYS G 39 -45.63 16.38 9.29
N ARG G 40 -45.54 15.05 9.40
CA ARG G 40 -46.60 14.14 8.99
C ARG G 40 -47.76 14.24 9.98
N PRO G 41 -49.00 13.77 9.66
CA PRO G 41 -49.61 13.04 8.54
C PRO G 41 -49.47 13.66 7.15
N PHE G 42 -49.37 12.80 6.14
CA PHE G 42 -49.24 13.22 4.76
C PHE G 42 -50.46 12.78 3.98
N PRO G 43 -51.31 13.70 3.51
CA PRO G 43 -52.41 13.29 2.63
C PRO G 43 -51.94 12.90 1.24
N ASP G 44 -50.76 13.35 0.82
CA ASP G 44 -50.28 13.08 -0.53
C ASP G 44 -48.76 13.16 -0.54
N LEU G 45 -48.18 12.83 -1.69
CA LEU G 45 -46.73 12.88 -1.85
C LEU G 45 -46.22 14.31 -1.91
N GLU G 46 -47.04 15.24 -2.39
CA GLU G 46 -46.64 16.64 -2.46
C GLU G 46 -46.56 17.25 -1.07
N SER G 47 -47.42 16.79 -0.15
CA SER G 47 -47.32 17.19 1.25
C SER G 47 -46.05 16.65 1.89
N ALA G 48 -45.52 15.54 1.37
CA ALA G 48 -44.20 15.08 1.80
C ALA G 48 -43.08 15.79 1.04
N LEU G 49 -43.37 16.32 -0.16
CA LEU G 49 -42.33 16.94 -0.98
C LEU G 49 -41.86 18.29 -0.46
N VAL G 50 -42.61 18.91 0.46
CA VAL G 50 -42.21 20.21 1.01
C VAL G 50 -41.37 20.07 2.27
N VAL G 51 -40.99 18.86 2.65
CA VAL G 51 -40.14 18.66 3.82
C VAL G 51 -38.69 18.98 3.44
N LYS G 52 -38.14 19.99 4.09
CA LYS G 52 -36.73 20.34 3.94
C LYS G 52 -36.18 20.67 5.31
N GLN G 53 -34.94 20.24 5.56
CA GLN G 53 -34.32 20.70 6.79
C GLN G 53 -34.02 22.20 6.67
N PRO G 54 -34.27 22.95 7.73
CA PRO G 54 -34.12 24.41 7.65
C PRO G 54 -32.66 24.82 7.55
N ARG G 55 -32.45 26.02 7.03
CA ARG G 55 -31.11 26.55 6.87
C ARG G 55 -30.52 26.87 8.25
N PRO G 56 -29.19 26.78 8.40
CA PRO G 56 -28.58 27.05 9.71
C PRO G 56 -28.70 28.51 10.09
N VAL G 57 -29.16 28.73 11.33
CA VAL G 57 -29.38 30.07 11.86
C VAL G 57 -28.03 30.74 12.11
N ILE G 58 -28.04 32.07 12.15
CA ILE G 58 -26.81 32.83 12.41
C ILE G 58 -26.60 32.88 13.91
N PRO G 59 -25.51 32.31 14.44
CA PRO G 59 -25.31 32.17 15.89
C PRO G 59 -25.00 33.49 16.60
N LYS G 68 -26.96 18.27 -1.04
CA LYS G 68 -27.79 19.28 -1.67
C LYS G 68 -29.02 18.66 -2.35
N THR G 69 -29.87 18.04 -1.52
CA THR G 69 -31.15 17.43 -1.89
C THR G 69 -32.06 17.50 -0.67
N PRO G 70 -33.30 18.00 -0.80
CA PRO G 70 -34.13 18.22 0.38
C PRO G 70 -34.62 16.92 1.00
N LEU G 71 -35.10 17.02 2.23
CA LEU G 71 -35.46 15.83 3.01
C LEU G 71 -36.72 15.17 2.46
N GLY G 72 -37.63 15.95 1.88
CA GLY G 72 -38.79 15.42 1.22
C GLY G 72 -38.48 14.61 -0.03
N PRO G 73 -37.95 15.26 -1.08
CA PRO G 73 -37.65 14.52 -2.33
C PRO G 73 -36.60 13.44 -2.22
N ARG G 74 -35.80 13.42 -1.14
CA ARG G 74 -34.89 12.30 -0.93
C ARG G 74 -35.63 11.08 -0.41
N LEU G 75 -36.43 11.27 0.65
CA LEU G 75 -37.06 10.12 1.32
C LEU G 75 -38.20 9.53 0.48
N VAL G 76 -38.93 10.37 -0.26
CA VAL G 76 -39.96 9.83 -1.13
C VAL G 76 -39.32 9.25 -2.40
N GLY G 77 -38.08 9.63 -2.68
CA GLY G 77 -37.39 9.07 -3.83
C GLY G 77 -36.94 7.64 -3.58
N ILE G 78 -36.49 7.35 -2.37
CA ILE G 78 -35.97 6.01 -2.08
C ILE G 78 -37.10 5.04 -1.75
N CYS G 79 -38.11 5.50 -1.01
CA CYS G 79 -39.16 4.59 -0.56
C CYS G 79 -40.08 4.19 -1.70
N MSE G 80 -40.13 5.00 -2.76
CA MSE G 80 -40.83 4.61 -3.97
C MSE G 80 -40.09 3.47 -4.66
O MSE G 80 -40.70 2.57 -5.24
CB MSE G 80 -40.99 5.80 -4.92
CG MSE G 80 -42.33 6.51 -4.78
SE MSE G 80 -42.86 7.43 -6.41
CE MSE G 80 -43.17 5.90 -7.57
N GLU G 81 -38.75 3.50 -4.58
CA GLU G 81 -37.95 2.40 -5.11
C GLU G 81 -37.97 1.21 -4.17
N ILE G 82 -38.15 1.46 -2.86
CA ILE G 82 -38.29 0.37 -1.91
C ILE G 82 -39.58 -0.40 -2.16
N MSE G 83 -40.68 0.31 -2.36
CA MSE G 83 -41.96 -0.31 -2.68
C MSE G 83 -42.01 -0.91 -4.07
O MSE G 83 -42.86 -1.75 -4.36
CB MSE G 83 -43.11 0.68 -2.53
CG MSE G 83 -43.52 0.99 -1.11
SE MSE G 83 -43.93 -0.56 0.03
CE MSE G 83 -45.00 -1.69 -1.17
N ARG G 84 -41.14 -0.41 -4.96
CA ARG G 84 -40.97 -1.05 -6.25
C ARG G 84 -40.40 -2.45 -6.07
N GLY G 85 -39.28 -2.56 -5.34
CA GLY G 85 -38.60 -3.83 -5.21
C GLY G 85 -39.32 -4.81 -4.29
N TYR G 86 -40.16 -4.27 -3.39
CA TYR G 86 -40.99 -5.12 -2.55
C TYR G 86 -41.97 -5.93 -3.37
N PHE G 87 -42.52 -5.33 -4.42
CA PHE G 87 -43.43 -6.08 -5.29
C PHE G 87 -42.67 -7.08 -6.14
N VAL G 88 -41.39 -6.82 -6.38
CA VAL G 88 -40.53 -7.79 -7.08
C VAL G 88 -40.13 -8.92 -6.15
N VAL G 89 -39.98 -8.61 -4.85
CA VAL G 89 -39.89 -9.66 -3.84
C VAL G 89 -41.14 -10.53 -3.86
N ASP G 90 -42.30 -9.89 -3.99
CA ASP G 90 -43.55 -10.64 -4.14
C ASP G 90 -43.60 -11.34 -5.49
N ALA G 91 -43.07 -10.73 -6.54
CA ALA G 91 -43.08 -11.35 -7.86
C ALA G 91 -42.13 -12.53 -7.93
N LEU G 92 -41.20 -12.62 -6.98
CA LEU G 92 -40.35 -13.79 -6.89
C LEU G 92 -40.96 -14.83 -5.95
N ILE G 93 -41.55 -14.38 -4.85
CA ILE G 93 -42.12 -15.31 -3.86
C ILE G 93 -43.33 -16.02 -4.44
N ARG G 94 -44.23 -15.27 -5.07
CA ARG G 94 -45.45 -15.85 -5.65
C ARG G 94 -45.10 -16.79 -6.79
N GLN G 95 -44.01 -16.51 -7.51
CA GLN G 95 -43.55 -17.43 -8.53
C GLN G 95 -42.88 -18.65 -7.89
N CYS G 96 -42.21 -18.46 -6.75
CA CYS G 96 -41.65 -19.58 -6.03
C CYS G 96 -42.74 -20.43 -5.40
N GLU G 97 -43.89 -19.79 -5.11
CA GLU G 97 -45.06 -20.50 -4.60
C GLU G 97 -45.58 -21.49 -5.62
N GLN G 98 -45.41 -21.19 -6.92
CA GLN G 98 -45.92 -22.05 -7.98
C GLN G 98 -45.24 -23.41 -7.99
N LEU G 99 -43.92 -23.41 -8.18
CA LEU G 99 -43.20 -24.68 -8.30
C LEU G 99 -43.03 -25.36 -6.94
N GLY G 100 -43.28 -24.63 -5.85
CA GLY G 100 -43.14 -25.22 -4.53
C GLY G 100 -44.21 -26.24 -4.21
N GLY G 101 -45.46 -25.95 -4.58
CA GLY G 101 -46.53 -26.89 -4.33
C GLY G 101 -46.46 -28.12 -5.20
N LYS G 102 -45.87 -27.98 -6.40
CA LYS G 102 -45.73 -29.12 -7.30
C LYS G 102 -44.74 -30.13 -6.75
N ILE G 103 -43.73 -29.65 -6.01
CA ILE G 103 -42.86 -30.56 -5.27
C ILE G 103 -43.66 -31.28 -4.20
N GLN G 104 -44.46 -30.52 -3.45
CA GLN G 104 -45.33 -31.13 -2.45
C GLN G 104 -46.36 -32.04 -3.09
N ARG G 105 -46.86 -31.65 -4.27
CA ARG G 105 -47.71 -32.56 -5.03
C ARG G 105 -46.91 -33.73 -5.59
N GLY G 106 -45.62 -33.51 -5.86
CA GLY G 106 -44.76 -34.62 -6.22
C GLY G 106 -44.36 -35.46 -5.01
N ILE G 107 -44.27 -34.83 -3.84
CA ILE G 107 -43.96 -35.57 -2.61
C ILE G 107 -45.21 -36.31 -2.12
N GLU G 108 -46.38 -35.69 -2.24
CA GLU G 108 -47.61 -36.39 -1.89
C GLU G 108 -47.97 -37.46 -2.91
N ALA G 109 -47.38 -37.39 -4.12
CA ALA G 109 -47.51 -38.49 -5.06
C ALA G 109 -46.72 -39.72 -4.62
N TRP G 110 -45.75 -39.55 -3.73
CA TRP G 110 -45.09 -40.73 -3.15
C TRP G 110 -46.00 -41.43 -2.16
N GLY G 111 -46.76 -40.66 -1.39
CA GLY G 111 -47.43 -41.20 -0.22
C GLY G 111 -46.45 -41.19 0.93
N LEU G 112 -45.73 -40.08 1.07
CA LEU G 112 -44.71 -39.95 2.11
C LEU G 112 -45.04 -38.76 2.99
N SER G 113 -44.65 -38.87 4.25
CA SER G 113 -44.98 -37.90 5.28
C SER G 113 -43.86 -36.88 5.42
N ASN G 114 -44.26 -35.65 5.73
CA ASN G 114 -43.33 -34.56 5.96
C ASN G 114 -43.49 -34.08 7.39
N THR G 115 -42.41 -34.18 8.17
CA THR G 115 -42.44 -33.66 9.53
C THR G 115 -42.06 -32.19 9.61
N ALA G 116 -41.93 -31.52 8.47
CA ALA G 116 -41.53 -30.12 8.41
C ALA G 116 -42.69 -29.22 8.00
N THR G 117 -42.74 -28.05 8.63
CA THR G 117 -43.71 -27.01 8.35
C THR G 117 -43.09 -26.05 7.35
N SER G 118 -43.92 -25.43 6.51
CA SER G 118 -43.41 -24.53 5.48
C SER G 118 -42.78 -23.27 6.07
N ASP G 119 -43.20 -22.86 7.27
CA ASP G 119 -42.60 -21.68 7.89
C ASP G 119 -41.23 -21.99 8.47
N GLU G 120 -40.87 -23.26 8.60
CA GLU G 120 -39.48 -23.62 8.87
C GLU G 120 -38.58 -23.39 7.67
N GLY G 121 -39.15 -23.39 6.46
CA GLY G 121 -38.36 -23.18 5.26
C GLY G 121 -37.66 -24.43 4.80
N GLU G 122 -38.08 -25.58 5.31
CA GLU G 122 -37.44 -26.86 5.02
C GLU G 122 -38.52 -27.88 4.71
N THR G 123 -38.13 -28.95 4.03
CA THR G 123 -38.89 -30.19 4.04
C THR G 123 -38.03 -31.25 4.71
N SER G 124 -38.67 -32.14 5.45
CA SER G 124 -37.94 -33.16 6.20
C SER G 124 -38.70 -34.47 6.06
N LEU G 125 -38.28 -35.28 5.10
CA LEU G 125 -38.84 -36.59 4.87
C LEU G 125 -37.93 -37.60 5.57
N VAL G 126 -38.38 -38.12 6.70
CA VAL G 126 -37.55 -38.94 7.57
C VAL G 126 -37.35 -40.34 6.99
N ASN G 127 -38.43 -41.09 6.81
CA ASN G 127 -38.35 -42.50 6.46
C ASN G 127 -39.67 -42.94 5.85
N PHE G 128 -39.67 -44.15 5.30
CA PHE G 128 -40.80 -44.72 4.56
C PHE G 128 -41.12 -46.11 5.08
N ASP G 129 -41.26 -46.24 6.41
CA ASP G 129 -41.61 -47.52 7.01
C ASP G 129 -43.04 -47.93 6.66
N GLN G 130 -43.91 -46.96 6.38
CA GLN G 130 -45.24 -47.28 5.89
C GLN G 130 -45.22 -47.75 4.43
N MSE G 131 -44.16 -47.44 3.70
CA MSE G 131 -44.01 -47.88 2.33
C MSE G 131 -43.20 -49.18 2.34
O MSE G 131 -43.31 -50.02 1.45
CB MSE G 131 -43.34 -46.79 1.48
CG MSE G 131 -43.07 -47.14 0.02
SE MSE G 131 -42.21 -45.70 -0.97
CE MSE G 131 -43.74 -45.10 -2.01
N LYS G 132 -42.39 -49.36 3.40
CA LYS G 132 -41.64 -50.61 3.55
C LYS G 132 -42.56 -51.75 3.96
N SER G 133 -43.61 -51.45 4.73
CA SER G 133 -44.49 -52.51 5.24
C SER G 133 -45.56 -52.88 4.22
N PHE G 134 -46.34 -51.89 3.77
CA PHE G 134 -47.48 -52.15 2.90
C PHE G 134 -47.12 -52.17 1.42
N GLY G 135 -45.91 -51.75 1.06
CA GLY G 135 -45.47 -51.75 -0.33
C GLY G 135 -45.57 -50.38 -0.98
N THR G 136 -44.93 -50.29 -2.15
CA THR G 136 -44.93 -49.06 -2.96
C THR G 136 -46.13 -49.08 -3.90
N PRO G 137 -46.93 -48.02 -3.94
CA PRO G 137 -48.08 -47.99 -4.86
C PRO G 137 -47.64 -47.87 -6.32
N ALA G 138 -48.60 -48.12 -7.21
CA ALA G 138 -48.30 -48.15 -8.64
C ALA G 138 -48.13 -46.74 -9.21
N ASN G 139 -48.64 -45.72 -8.52
CA ASN G 139 -48.60 -44.34 -8.99
C ASN G 139 -47.42 -43.56 -8.45
N SER G 140 -46.64 -44.14 -7.55
CA SER G 140 -45.54 -43.43 -6.91
C SER G 140 -44.31 -43.49 -7.81
N SER G 141 -43.53 -42.41 -7.80
CA SER G 141 -42.28 -42.34 -8.52
C SER G 141 -41.09 -42.74 -7.66
N PHE G 142 -41.32 -43.06 -6.39
CA PHE G 142 -40.26 -43.36 -5.45
C PHE G 142 -39.60 -44.69 -5.78
N ILE G 143 -38.27 -44.73 -5.64
CA ILE G 143 -37.48 -45.94 -5.82
C ILE G 143 -36.94 -46.34 -4.46
N THR G 144 -37.52 -47.37 -3.86
CA THR G 144 -37.16 -47.78 -2.52
C THR G 144 -35.78 -48.42 -2.44
N THR G 145 -35.37 -49.11 -3.48
CA THR G 145 -34.11 -49.83 -3.53
C THR G 145 -33.01 -48.92 -4.07
N PRO G 146 -31.80 -49.00 -3.52
CA PRO G 146 -30.63 -48.28 -4.08
C PRO G 146 -30.40 -48.61 -5.55
N PRO G 147 -29.80 -47.68 -6.31
CA PRO G 147 -29.58 -47.93 -7.74
C PRO G 147 -28.56 -49.02 -7.97
N ALA G 148 -28.74 -49.76 -9.06
CA ALA G 148 -27.90 -50.92 -9.34
C ALA G 148 -26.50 -50.50 -9.78
N SER G 149 -26.38 -49.30 -10.36
CA SER G 149 -25.07 -48.80 -10.78
C SER G 149 -24.22 -48.36 -9.60
N PHE G 150 -24.84 -48.07 -8.46
CA PHE G 150 -24.14 -47.80 -7.22
C PHE G 150 -23.46 -49.06 -6.71
N SER G 151 -22.48 -48.87 -5.82
CA SER G 151 -21.77 -50.01 -5.24
C SER G 151 -22.70 -50.74 -4.28
N PRO G 152 -22.97 -52.03 -4.51
CA PRO G 152 -23.81 -52.77 -3.56
C PRO G 152 -23.10 -53.11 -2.26
N ASP G 153 -21.77 -52.95 -2.20
CA ASP G 153 -21.00 -53.11 -0.97
C ASP G 153 -21.17 -51.93 -0.02
N ILE G 154 -21.87 -50.88 -0.43
CA ILE G 154 -22.15 -49.73 0.41
C ILE G 154 -23.66 -49.57 0.50
N LYS G 155 -24.18 -49.59 1.72
CA LYS G 155 -25.61 -49.47 1.96
C LYS G 155 -25.98 -48.00 2.04
N LEU G 156 -27.03 -47.61 1.31
CA LEU G 156 -27.61 -46.29 1.41
C LEU G 156 -28.78 -46.34 2.37
N GLN G 157 -28.85 -45.39 3.29
CA GLN G 157 -29.88 -45.45 4.30
C GLN G 157 -31.23 -45.00 3.73
N ASP G 158 -32.27 -45.17 4.54
CA ASP G 158 -33.62 -44.93 4.06
C ASP G 158 -33.89 -43.43 3.88
N TYR G 159 -33.31 -42.60 4.76
CA TYR G 159 -33.33 -41.17 4.48
C TYR G 159 -32.41 -40.80 3.33
N GLN G 160 -31.39 -41.60 3.07
CA GLN G 160 -30.55 -41.41 1.89
C GLN G 160 -31.19 -41.95 0.63
N ILE G 161 -32.13 -42.89 0.77
CA ILE G 161 -32.93 -43.32 -0.38
C ILE G 161 -33.93 -42.23 -0.75
N ILE G 162 -34.38 -41.46 0.24
CA ILE G 162 -35.33 -40.38 -0.01
C ILE G 162 -34.67 -39.26 -0.81
N GLY G 163 -33.45 -38.87 -0.41
CA GLY G 163 -32.84 -37.67 -0.96
C GLY G 163 -32.44 -37.81 -2.41
N ILE G 164 -32.12 -39.03 -2.84
CA ILE G 164 -31.75 -39.24 -4.24
C ILE G 164 -32.98 -39.18 -5.14
N ASN G 165 -34.15 -39.56 -4.61
CA ASN G 165 -35.39 -39.37 -5.36
C ASN G 165 -36.02 -38.02 -5.03
N TRP G 166 -35.62 -37.42 -3.90
CA TRP G 166 -35.90 -36.01 -3.69
C TRP G 166 -35.12 -35.16 -4.69
N LEU G 167 -33.90 -35.58 -5.00
CA LEU G 167 -33.18 -34.91 -6.08
C LEU G 167 -33.79 -35.23 -7.43
N TYR G 168 -34.24 -36.48 -7.61
CA TYR G 168 -34.74 -36.92 -8.91
C TYR G 168 -36.11 -36.32 -9.22
N LEU G 169 -37.00 -36.23 -8.23
CA LEU G 169 -38.30 -35.61 -8.44
C LEU G 169 -38.14 -34.10 -8.64
N LEU G 170 -37.11 -33.52 -8.03
CA LEU G 170 -36.78 -32.15 -8.35
C LEU G 170 -36.06 -32.06 -9.70
N TYR G 171 -35.41 -33.15 -10.13
CA TYR G 171 -34.75 -33.15 -11.43
C TYR G 171 -35.76 -33.20 -12.57
N GLU G 172 -36.90 -33.86 -12.34
CA GLU G 172 -37.93 -33.94 -13.37
C GLU G 172 -38.58 -32.59 -13.62
N LEU G 173 -38.82 -31.82 -12.56
CA LEU G 173 -39.63 -30.61 -12.63
C LEU G 173 -38.92 -29.40 -13.22
N LYS G 174 -37.68 -29.56 -13.73
CA LYS G 174 -36.88 -28.46 -14.30
C LYS G 174 -36.70 -27.33 -13.29
N LEU G 175 -35.95 -27.62 -12.23
CA LEU G 175 -35.74 -26.66 -11.16
C LEU G 175 -34.25 -26.56 -10.82
N ALA G 176 -33.95 -25.84 -9.76
CA ALA G 176 -32.67 -25.96 -9.09
C ALA G 176 -32.94 -26.36 -7.65
N GLY G 177 -32.26 -27.40 -7.19
CA GLY G 177 -32.53 -27.98 -5.90
C GLY G 177 -31.55 -27.48 -4.85
N ILE G 178 -31.97 -27.58 -3.59
CA ILE G 178 -31.10 -27.33 -2.45
C ILE G 178 -31.22 -28.53 -1.51
N LEU G 179 -30.33 -29.50 -1.67
CA LEU G 179 -30.20 -30.60 -0.71
C LEU G 179 -29.49 -30.03 0.51
N ALA G 180 -30.25 -29.35 1.38
CA ALA G 180 -29.66 -28.68 2.53
C ALA G 180 -29.82 -29.49 3.80
N ASP G 181 -29.66 -30.81 3.71
CA ASP G 181 -29.46 -31.63 4.90
C ASP G 181 -28.24 -31.15 5.66
N GLU G 182 -28.22 -31.40 6.97
CA GLU G 182 -27.01 -31.15 7.74
C GLU G 182 -25.89 -32.07 7.25
N MSE G 183 -24.69 -31.52 7.28
CA MSE G 183 -23.51 -32.18 6.75
C MSE G 183 -23.08 -33.35 7.64
O MSE G 183 -23.24 -33.30 8.87
CB MSE G 183 -22.39 -31.16 6.62
CG MSE G 183 -22.75 -30.04 5.65
SE MSE G 183 -21.59 -28.45 5.68
CE MSE G 183 -22.35 -27.48 7.23
N GLY G 184 -22.56 -34.39 7.02
CA GLY G 184 -22.23 -35.63 7.69
C GLY G 184 -23.29 -36.70 7.62
N LEU G 185 -24.52 -36.34 7.22
CA LEU G 185 -25.59 -37.28 6.95
C LEU G 185 -25.52 -37.87 5.56
N GLY G 186 -24.34 -37.89 4.94
CA GLY G 186 -24.14 -38.57 3.68
C GLY G 186 -24.69 -37.78 2.52
N LYS G 187 -24.54 -36.45 2.57
CA LYS G 187 -24.93 -35.61 1.44
C LYS G 187 -24.07 -35.91 0.23
N THR G 188 -22.78 -36.18 0.46
CA THR G 188 -21.92 -36.62 -0.63
C THR G 188 -22.27 -38.03 -1.07
N CYS G 189 -22.78 -38.86 -0.14
CA CYS G 189 -23.10 -40.25 -0.48
C CYS G 189 -24.41 -40.35 -1.26
N GLN G 190 -25.26 -39.32 -1.17
CA GLN G 190 -26.50 -39.32 -1.94
C GLN G 190 -26.26 -38.84 -3.37
N THR G 191 -25.43 -37.82 -3.54
CA THR G 191 -25.25 -37.22 -4.86
C THR G 191 -24.43 -38.12 -5.77
N ILE G 192 -23.56 -38.95 -5.19
CA ILE G 192 -22.95 -40.04 -5.96
C ILE G 192 -24.01 -41.07 -6.32
N ALA G 193 -24.92 -41.36 -5.38
CA ALA G 193 -26.00 -42.28 -5.66
C ALA G 193 -27.03 -41.67 -6.59
N PHE G 194 -27.24 -40.35 -6.52
CA PHE G 194 -28.09 -39.67 -7.49
C PHE G 194 -27.45 -39.70 -8.87
N PHE G 195 -26.12 -39.63 -8.93
CA PHE G 195 -25.43 -39.83 -10.20
C PHE G 195 -25.56 -41.28 -10.66
N SER G 196 -25.65 -42.21 -9.72
CA SER G 196 -25.86 -43.61 -10.09
C SER G 196 -27.31 -43.89 -10.45
N LEU G 197 -28.25 -43.17 -9.84
CA LEU G 197 -29.65 -43.29 -10.24
C LEU G 197 -29.88 -42.64 -11.60
N LEU G 198 -29.11 -41.58 -11.90
CA LEU G 198 -29.12 -41.03 -13.26
C LEU G 198 -28.46 -41.98 -14.24
N MSE G 199 -27.53 -42.80 -13.76
CA MSE G 199 -26.88 -43.79 -14.58
C MSE G 199 -27.83 -44.94 -14.92
O MSE G 199 -27.70 -45.57 -15.97
CB MSE G 199 -25.62 -44.31 -13.88
CG MSE G 199 -24.62 -45.00 -14.80
SE MSE G 199 -22.90 -45.26 -13.93
CE MSE G 199 -21.93 -43.83 -14.81
N ASP G 200 -28.79 -45.19 -14.03
CA ASP G 200 -29.78 -46.23 -14.27
C ASP G 200 -30.76 -45.82 -15.38
N LYS G 201 -30.98 -44.52 -15.54
CA LYS G 201 -31.98 -43.98 -16.44
C LYS G 201 -31.40 -43.55 -17.78
N ASN G 202 -30.15 -43.96 -18.07
CA ASN G 202 -29.35 -43.53 -19.23
C ASN G 202 -29.22 -42.01 -19.30
N ILE G 203 -29.05 -41.36 -18.16
CA ILE G 203 -28.68 -39.95 -18.12
C ILE G 203 -27.28 -39.92 -17.52
N ASN G 204 -26.28 -40.00 -18.40
CA ASN G 204 -24.91 -40.25 -17.99
C ASN G 204 -24.03 -39.02 -18.09
N GLY G 205 -24.60 -37.83 -17.96
CA GLY G 205 -23.79 -36.63 -17.88
C GLY G 205 -23.82 -35.78 -19.13
N PRO G 206 -22.87 -34.81 -19.22
CA PRO G 206 -21.82 -34.50 -18.26
C PRO G 206 -22.31 -33.69 -17.06
N HIS G 207 -21.82 -34.01 -15.88
CA HIS G 207 -22.18 -33.29 -14.66
C HIS G 207 -20.96 -32.56 -14.14
N LEU G 208 -21.21 -31.53 -13.34
CA LEU G 208 -20.16 -30.78 -12.69
C LEU G 208 -20.32 -30.89 -11.19
N VAL G 209 -19.20 -31.08 -10.50
CA VAL G 209 -19.15 -30.92 -9.06
C VAL G 209 -18.12 -29.85 -8.75
N ILE G 210 -18.57 -28.71 -8.23
CA ILE G 210 -17.69 -27.67 -7.73
C ILE G 210 -17.54 -27.87 -6.23
N ALA G 211 -16.47 -28.53 -5.84
CA ALA G 211 -16.16 -28.78 -4.44
C ALA G 211 -14.79 -28.18 -4.16
N PRO G 212 -14.64 -27.48 -3.03
CA PRO G 212 -13.38 -26.77 -2.76
C PRO G 212 -12.21 -27.71 -2.55
N ALA G 213 -11.01 -27.13 -2.47
CA ALA G 213 -9.80 -27.93 -2.35
C ALA G 213 -9.72 -28.64 -0.99
N SER G 214 -10.49 -28.17 -0.01
CA SER G 214 -10.63 -28.89 1.25
C SER G 214 -11.53 -30.11 1.13
N THR G 215 -12.33 -30.22 0.07
CA THR G 215 -13.16 -31.40 -0.17
C THR G 215 -13.10 -31.78 -1.65
N MSE G 216 -11.92 -31.69 -2.23
CA MSE G 216 -11.73 -32.20 -3.58
C MSE G 216 -11.31 -33.65 -3.49
O MSE G 216 -11.35 -34.40 -4.46
CB MSE G 216 -10.69 -31.39 -4.35
CG MSE G 216 -9.28 -31.43 -3.77
SE MSE G 216 -7.96 -30.63 -4.96
CE MSE G 216 -7.70 -32.15 -6.16
N GLU G 217 -10.90 -34.02 -2.28
CA GLU G 217 -10.28 -35.31 -2.02
C GLU G 217 -11.26 -36.33 -1.46
N ASN G 218 -12.28 -35.88 -0.73
CA ASN G 218 -13.28 -36.80 -0.20
C ASN G 218 -14.13 -37.36 -1.32
N TRP G 219 -14.46 -36.52 -2.30
CA TRP G 219 -15.29 -36.97 -3.41
C TRP G 219 -14.54 -37.98 -4.27
N LEU G 220 -13.28 -37.69 -4.59
CA LEU G 220 -12.49 -38.59 -5.42
C LEU G 220 -12.17 -39.89 -4.70
N ARG G 221 -12.17 -39.86 -3.36
CA ARG G 221 -12.10 -41.11 -2.61
C ARG G 221 -13.42 -41.88 -2.74
N GLU G 222 -14.54 -41.18 -2.56
CA GLU G 222 -15.83 -41.86 -2.58
C GLU G 222 -16.33 -42.06 -4.00
N PHE G 223 -15.69 -41.43 -4.99
CA PHE G 223 -16.00 -41.74 -6.38
C PHE G 223 -15.58 -43.16 -6.70
N ALA G 224 -14.41 -43.57 -6.21
CA ALA G 224 -14.02 -44.98 -6.35
C ALA G 224 -14.78 -45.85 -5.37
N LYS G 225 -15.09 -45.31 -4.18
CA LYS G 225 -15.64 -46.13 -3.12
C LYS G 225 -17.12 -46.43 -3.33
N PHE G 226 -17.88 -45.48 -3.86
CA PHE G 226 -19.33 -45.59 -3.86
C PHE G 226 -19.92 -45.85 -5.24
N CYS G 227 -19.24 -45.47 -6.32
CA CYS G 227 -19.71 -45.73 -7.68
C CYS G 227 -18.52 -45.77 -8.62
N PRO G 228 -17.82 -46.90 -8.68
CA PRO G 228 -16.61 -46.98 -9.51
C PRO G 228 -16.88 -47.03 -11.00
N LYS G 229 -18.14 -47.17 -11.42
CA LYS G 229 -18.49 -47.08 -12.83
C LYS G 229 -18.61 -45.65 -13.31
N LEU G 230 -18.59 -44.69 -12.38
CA LEU G 230 -18.87 -43.31 -12.71
C LEU G 230 -17.61 -42.64 -13.23
N LYS G 231 -17.66 -42.13 -14.46
CA LYS G 231 -16.46 -41.62 -15.13
C LYS G 231 -16.13 -40.24 -14.60
N ILE G 232 -14.96 -40.10 -13.98
CA ILE G 232 -14.57 -38.88 -13.26
C ILE G 232 -13.54 -38.13 -14.09
N GLU G 233 -13.73 -36.81 -14.20
CA GLU G 233 -12.80 -35.93 -14.89
C GLU G 233 -12.22 -34.95 -13.89
N LEU G 234 -10.94 -35.14 -13.54
CA LEU G 234 -10.26 -34.23 -12.62
C LEU G 234 -9.75 -33.03 -13.40
N TYR G 235 -10.42 -31.89 -13.23
CA TYR G 235 -10.01 -30.65 -13.89
C TYR G 235 -9.17 -29.85 -12.91
N TYR G 236 -7.94 -30.32 -12.69
CA TYR G 236 -7.06 -29.73 -11.70
C TYR G 236 -5.60 -30.03 -12.04
N GLY G 237 -4.73 -29.07 -11.68
CA GLY G 237 -3.31 -29.17 -11.88
C GLY G 237 -2.73 -27.78 -12.06
N SER G 238 -1.61 -27.64 -12.73
CA SER G 238 -1.14 -26.30 -13.09
C SER G 238 -1.97 -25.76 -14.24
N GLN G 239 -1.70 -24.51 -14.61
CA GLN G 239 -2.41 -23.86 -15.70
C GLN G 239 -2.10 -24.55 -17.03
N VAL G 240 -0.84 -24.94 -17.22
CA VAL G 240 -0.46 -25.62 -18.45
C VAL G 240 -0.83 -27.10 -18.39
N GLU G 241 -0.95 -27.64 -17.18
CA GLU G 241 -1.45 -29.01 -17.03
C GLU G 241 -2.94 -29.07 -17.36
N ARG G 242 -3.71 -28.10 -16.85
CA ARG G 242 -5.15 -28.07 -17.13
C ARG G 242 -5.42 -27.70 -18.58
N GLU G 243 -4.46 -27.02 -19.22
CA GLU G 243 -4.53 -26.84 -20.66
C GLU G 243 -4.42 -28.17 -21.39
N GLU G 244 -3.59 -29.08 -20.89
CA GLU G 244 -3.58 -30.43 -21.43
C GLU G 244 -4.85 -31.18 -21.05
N ILE G 245 -5.43 -30.84 -19.90
CA ILE G 245 -6.73 -31.41 -19.55
C ILE G 245 -7.81 -30.85 -20.46
N ARG G 246 -7.72 -29.55 -20.77
CA ARG G 246 -8.68 -28.94 -21.68
C ARG G 246 -8.53 -29.49 -23.09
N GLU G 247 -7.31 -29.85 -23.48
CA GLU G 247 -7.13 -30.49 -24.77
C GLU G 247 -7.57 -31.95 -24.70
N ARG G 248 -7.52 -32.54 -23.51
CA ARG G 248 -8.00 -33.90 -23.34
C ARG G 248 -9.52 -33.99 -23.43
N ILE G 249 -10.21 -32.88 -23.19
CA ILE G 249 -11.67 -32.88 -23.25
C ILE G 249 -12.17 -32.25 -24.56
N ASN G 250 -11.43 -31.28 -25.11
CA ASN G 250 -11.83 -30.70 -26.40
C ASN G 250 -11.62 -31.70 -27.53
N SER G 251 -10.60 -32.55 -27.40
CA SER G 251 -10.50 -33.75 -28.24
C SER G 251 -11.19 -34.89 -27.52
N ASN G 252 -12.47 -35.10 -27.81
CA ASN G 252 -13.28 -36.00 -27.00
C ASN G 252 -12.93 -37.45 -27.31
N LYS G 253 -11.88 -37.96 -26.66
CA LYS G 253 -11.52 -39.36 -26.81
C LYS G 253 -12.10 -40.22 -25.70
N ASP G 254 -12.57 -39.58 -24.63
CA ASP G 254 -13.11 -40.27 -23.45
C ASP G 254 -14.26 -39.41 -22.91
N SER G 255 -15.46 -39.98 -22.86
CA SER G 255 -16.57 -39.26 -22.27
C SER G 255 -16.54 -39.37 -20.75
N TYR G 256 -16.92 -38.30 -20.09
CA TYR G 256 -17.03 -38.25 -18.65
C TYR G 256 -18.47 -37.96 -18.27
N ASN G 257 -18.90 -38.54 -17.17
CA ASN G 257 -20.15 -38.14 -16.55
C ASN G 257 -19.96 -36.97 -15.61
N VAL G 258 -18.79 -36.87 -14.98
CA VAL G 258 -18.58 -36.00 -13.82
C VAL G 258 -17.25 -35.27 -13.97
N MSE G 259 -17.29 -33.94 -13.82
CA MSE G 259 -16.08 -33.10 -13.73
C MSE G 259 -15.96 -32.47 -12.34
O MSE G 259 -16.95 -31.97 -11.80
CB MSE G 259 -16.10 -32.01 -14.81
CG MSE G 259 -14.87 -31.13 -14.79
SE MSE G 259 -14.86 -29.73 -16.15
CE MSE G 259 -14.84 -30.83 -17.75
N LEU G 260 -14.77 -32.51 -11.77
CA LEU G 260 -14.53 -31.98 -10.43
C LEU G 260 -13.60 -30.79 -10.48
N THR G 261 -14.07 -29.66 -9.94
CA THR G 261 -13.27 -28.44 -9.83
C THR G 261 -13.55 -27.79 -8.49
N THR G 262 -12.78 -26.75 -8.20
CA THR G 262 -12.96 -25.93 -7.01
C THR G 262 -13.71 -24.65 -7.36
N TYR G 263 -14.03 -23.89 -6.32
CA TYR G 263 -14.53 -22.54 -6.52
C TYR G 263 -13.41 -21.63 -7.00
N ARG G 264 -12.17 -22.00 -6.71
CA ARG G 264 -11.01 -21.24 -7.16
C ARG G 264 -10.88 -21.29 -8.67
N LEU G 265 -10.90 -22.50 -9.23
CA LEU G 265 -10.54 -22.68 -10.63
C LEU G 265 -11.65 -22.19 -11.56
N ALA G 266 -12.88 -22.19 -11.08
CA ALA G 266 -14.01 -22.01 -11.98
C ALA G 266 -14.18 -20.58 -12.47
N ALA G 267 -13.61 -19.60 -11.77
CA ALA G 267 -14.00 -18.22 -11.98
C ALA G 267 -12.85 -17.27 -12.27
N THR G 268 -11.63 -17.61 -11.89
CA THR G 268 -10.54 -16.64 -11.98
C THR G 268 -9.87 -16.66 -13.34
N SER G 269 -10.03 -17.75 -14.09
CA SER G 269 -9.46 -17.86 -15.42
C SER G 269 -10.55 -17.71 -16.47
N LYS G 270 -10.29 -16.86 -17.46
CA LYS G 270 -11.19 -16.74 -18.59
C LYS G 270 -11.20 -18.03 -19.41
N ALA G 271 -10.05 -18.71 -19.45
CA ALA G 271 -9.91 -19.94 -20.21
C ALA G 271 -10.80 -21.05 -19.65
N ASP G 272 -10.84 -21.18 -18.32
CA ASP G 272 -11.79 -22.10 -17.68
C ASP G 272 -13.21 -21.61 -17.87
N ARG G 273 -13.40 -20.28 -17.87
CA ARG G 273 -14.73 -19.68 -17.99
C ARG G 273 -15.36 -19.98 -19.33
N LEU G 274 -14.59 -19.83 -20.40
CA LEU G 274 -15.05 -20.28 -21.71
C LEU G 274 -15.07 -21.80 -21.82
N PHE G 275 -14.28 -22.50 -21.01
CA PHE G 275 -14.29 -23.96 -21.07
C PHE G 275 -15.54 -24.53 -20.45
N LEU G 276 -15.84 -24.13 -19.21
CA LEU G 276 -16.99 -24.68 -18.50
C LEU G 276 -18.31 -24.26 -19.15
N ARG G 277 -18.28 -23.11 -19.82
CA ARG G 277 -19.44 -22.61 -20.58
C ARG G 277 -19.60 -23.51 -21.81
N ASN G 278 -18.47 -24.02 -22.33
CA ASN G 278 -18.47 -24.94 -23.46
C ASN G 278 -18.55 -26.40 -23.02
N GLN G 279 -18.94 -26.68 -21.78
CA GLN G 279 -19.19 -28.07 -21.40
C GLN G 279 -20.67 -28.40 -21.37
N LYS G 280 -21.52 -27.44 -20.98
CA LYS G 280 -22.98 -27.57 -20.94
C LYS G 280 -23.42 -28.74 -20.07
N PHE G 281 -23.14 -28.60 -18.77
CA PHE G 281 -23.37 -29.68 -17.83
C PHE G 281 -24.86 -29.91 -17.61
N ASN G 282 -25.20 -31.16 -17.27
CA ASN G 282 -26.58 -31.47 -16.93
C ASN G 282 -26.84 -31.09 -15.48
N VAL G 283 -26.16 -31.76 -14.57
CA VAL G 283 -26.31 -31.44 -13.15
C VAL G 283 -25.05 -30.74 -12.66
N CYS G 284 -25.22 -29.64 -11.93
CA CYS G 284 -24.11 -28.98 -11.26
C CYS G 284 -24.39 -29.03 -9.76
N VAL G 285 -23.40 -29.51 -9.00
CA VAL G 285 -23.53 -29.70 -7.56
C VAL G 285 -22.60 -28.71 -6.87
N TYR G 286 -23.16 -27.89 -5.99
CA TYR G 286 -22.45 -26.77 -5.38
C TYR G 286 -22.14 -27.11 -3.92
N ASP G 287 -20.95 -27.65 -3.69
CA ASP G 287 -20.56 -28.09 -2.36
C ASP G 287 -20.02 -26.91 -1.57
N GLU G 288 -20.79 -26.49 -0.54
CA GLU G 288 -20.57 -25.23 0.19
C GLU G 288 -20.52 -24.05 -0.77
N GLY G 289 -21.66 -23.78 -1.41
CA GLY G 289 -21.81 -22.56 -2.17
C GLY G 289 -22.20 -21.41 -1.27
N HIS G 290 -21.23 -20.90 -0.51
CA HIS G 290 -21.46 -19.73 0.32
C HIS G 290 -21.36 -18.44 -0.49
N TYR G 291 -20.82 -18.50 -1.70
CA TYR G 291 -20.90 -17.36 -2.60
C TYR G 291 -22.33 -17.15 -3.08
N LEU G 292 -23.14 -18.21 -3.08
CA LEU G 292 -24.56 -18.12 -3.36
C LEU G 292 -25.32 -17.40 -2.24
N LYS G 293 -24.74 -17.29 -1.05
CA LYS G 293 -25.31 -16.47 0.01
C LYS G 293 -25.18 -14.99 -0.25
N ASN G 294 -24.18 -14.56 -1.00
CA ASN G 294 -23.94 -13.15 -1.31
C ASN G 294 -24.23 -12.91 -2.78
N ARG G 295 -25.41 -12.34 -3.06
CA ARG G 295 -25.81 -12.06 -4.44
C ARG G 295 -24.95 -10.98 -5.08
N ALA G 296 -24.59 -9.94 -4.33
CA ALA G 296 -23.80 -8.84 -4.86
C ALA G 296 -22.30 -9.16 -4.79
N SER G 297 -21.85 -9.97 -5.75
CA SER G 297 -20.45 -10.33 -5.85
C SER G 297 -20.17 -10.76 -7.29
N GLU G 298 -18.91 -10.64 -7.68
CA GLU G 298 -18.50 -11.13 -9.00
C GLU G 298 -18.55 -12.66 -9.03
N ARG G 299 -18.28 -13.30 -7.90
CA ARG G 299 -18.20 -14.76 -7.85
C ARG G 299 -19.57 -15.40 -8.02
N TYR G 300 -20.62 -14.76 -7.49
CA TYR G 300 -21.96 -15.31 -7.57
C TYR G 300 -22.46 -15.35 -9.00
N ARG G 301 -22.19 -14.30 -9.77
CA ARG G 301 -22.47 -14.33 -11.20
C ARG G 301 -21.62 -15.38 -11.89
N HIS G 302 -20.37 -15.55 -11.43
CA HIS G 302 -19.50 -16.59 -11.96
C HIS G 302 -19.99 -17.98 -11.58
N LEU G 303 -20.64 -18.09 -10.43
CA LEU G 303 -21.22 -19.37 -10.04
C LEU G 303 -22.37 -19.76 -10.96
N MSE G 304 -23.19 -18.79 -11.36
CA MSE G 304 -24.42 -19.10 -12.05
C MSE G 304 -24.31 -19.01 -13.57
O MSE G 304 -25.22 -19.42 -14.28
CB MSE G 304 -25.53 -18.16 -11.57
CG MSE G 304 -25.84 -18.28 -10.10
SE MSE G 304 -26.79 -19.92 -9.72
CE MSE G 304 -25.33 -20.91 -8.91
N SER G 305 -23.19 -18.47 -14.07
CA SER G 305 -23.01 -18.34 -15.50
C SER G 305 -22.77 -19.68 -16.18
N ILE G 306 -22.21 -20.64 -15.47
CA ILE G 306 -21.93 -21.96 -16.02
C ILE G 306 -23.25 -22.70 -16.15
N PRO G 307 -23.56 -23.24 -17.33
CA PRO G 307 -24.90 -23.81 -17.55
C PRO G 307 -25.09 -25.14 -16.84
N ALA G 308 -26.34 -25.37 -16.42
CA ALA G 308 -26.73 -26.62 -15.77
C ALA G 308 -28.23 -26.80 -15.88
N ASP G 309 -28.65 -28.00 -16.25
CA ASP G 309 -30.07 -28.32 -16.28
C ASP G 309 -30.61 -28.59 -14.87
N PHE G 310 -29.73 -28.76 -13.89
CA PHE G 310 -30.14 -29.06 -12.51
C PHE G 310 -29.05 -28.61 -11.57
N ARG G 311 -29.35 -27.61 -10.74
CA ARG G 311 -28.37 -27.03 -9.84
C ARG G 311 -28.69 -27.41 -8.40
N VAL G 312 -27.72 -28.03 -7.72
CA VAL G 312 -27.90 -28.57 -6.37
C VAL G 312 -26.94 -27.87 -5.40
N LEU G 313 -27.45 -27.44 -4.25
CA LEU G 313 -26.63 -26.95 -3.14
C LEU G 313 -26.49 -28.01 -2.06
N LEU G 314 -25.27 -28.16 -1.56
CA LEU G 314 -24.97 -29.03 -0.42
C LEU G 314 -24.36 -28.20 0.71
N THR G 315 -25.17 -27.87 1.70
CA THR G 315 -24.73 -27.06 2.84
C THR G 315 -25.67 -27.32 4.00
N GLY G 316 -25.10 -27.58 5.17
CA GLY G 316 -25.89 -27.91 6.35
C GLY G 316 -26.50 -26.75 7.09
N THR G 317 -26.36 -25.52 6.58
CA THR G 317 -26.96 -24.36 7.21
C THR G 317 -28.42 -24.26 6.82
N PRO G 318 -29.34 -24.08 7.76
CA PRO G 318 -30.74 -23.81 7.39
C PRO G 318 -30.89 -22.41 6.83
N LEU G 319 -32.09 -22.13 6.33
CA LEU G 319 -32.37 -20.81 5.77
C LEU G 319 -32.53 -19.79 6.90
N GLN G 320 -31.54 -18.92 7.04
CA GLN G 320 -31.48 -17.96 8.13
C GLN G 320 -32.41 -16.79 7.86
N ASN G 321 -32.60 -15.96 8.89
CA ASN G 321 -33.42 -14.75 8.78
C ASN G 321 -32.55 -13.62 8.23
N ASN G 322 -32.28 -13.70 6.93
CA ASN G 322 -31.50 -12.68 6.23
C ASN G 322 -32.00 -12.63 4.80
N LEU G 323 -32.61 -11.51 4.40
CA LEU G 323 -33.18 -11.42 3.06
C LEU G 323 -32.09 -11.25 2.01
N LYS G 324 -30.89 -10.84 2.42
CA LYS G 324 -29.77 -10.83 1.48
C LYS G 324 -29.33 -12.25 1.17
N GLU G 325 -29.57 -13.19 2.09
CA GLU G 325 -29.36 -14.59 1.79
C GLU G 325 -30.49 -15.16 0.95
N LEU G 326 -31.75 -14.86 1.35
CA LEU G 326 -32.92 -15.56 0.80
C LEU G 326 -33.20 -15.20 -0.65
N ILE G 327 -33.12 -13.91 -0.98
CA ILE G 327 -33.29 -13.47 -2.36
C ILE G 327 -32.17 -14.02 -3.23
N SER G 328 -30.96 -14.12 -2.66
CA SER G 328 -29.85 -14.73 -3.37
C SER G 328 -30.09 -16.23 -3.58
N LEU G 329 -30.96 -16.83 -2.76
CA LEU G 329 -31.37 -18.22 -2.97
C LEU G 329 -32.65 -18.30 -3.80
N LEU G 330 -33.38 -17.19 -3.94
CA LEU G 330 -34.60 -17.22 -4.77
C LEU G 330 -34.27 -17.20 -6.25
N ALA G 331 -33.23 -16.47 -6.65
CA ALA G 331 -32.82 -16.49 -8.04
C ALA G 331 -32.21 -17.83 -8.43
N PHE G 332 -31.68 -18.56 -7.44
CA PHE G 332 -31.09 -19.87 -7.69
C PHE G 332 -32.16 -20.89 -8.06
N ILE G 333 -33.11 -21.16 -7.16
CA ILE G 333 -34.09 -22.23 -7.35
C ILE G 333 -35.10 -21.93 -8.43
N LEU G 334 -35.32 -20.66 -8.76
CA LEU G 334 -36.34 -20.41 -9.76
C LEU G 334 -35.68 -20.23 -11.12
N PRO G 335 -36.02 -21.08 -12.10
CA PRO G 335 -35.42 -20.94 -13.43
C PRO G 335 -35.96 -19.71 -14.13
N HIS G 336 -35.20 -19.26 -15.13
CA HIS G 336 -35.38 -18.07 -15.97
C HIS G 336 -35.56 -16.77 -15.18
N VAL G 337 -35.11 -16.70 -13.92
CA VAL G 337 -35.08 -15.41 -13.23
C VAL G 337 -33.64 -14.93 -13.08
N PHE G 338 -32.67 -15.84 -13.14
CA PHE G 338 -31.30 -15.41 -13.33
C PHE G 338 -31.10 -14.81 -14.70
N ASP G 339 -31.86 -15.29 -15.69
CA ASP G 339 -31.86 -14.69 -17.01
C ASP G 339 -32.65 -13.37 -17.05
N TYR G 340 -33.42 -13.08 -16.01
CA TYR G 340 -34.14 -11.82 -15.93
C TYR G 340 -33.21 -10.68 -15.55
N GLY G 341 -33.75 -9.47 -15.55
CA GLY G 341 -32.92 -8.28 -15.33
C GLY G 341 -32.44 -8.17 -13.90
N LEU G 342 -33.36 -8.32 -12.93
CA LEU G 342 -33.12 -8.23 -11.50
C LEU G 342 -32.54 -6.88 -11.10
N LYS G 343 -32.93 -5.82 -11.81
CA LYS G 343 -32.39 -4.45 -11.59
C LYS G 343 -33.10 -3.74 -10.43
N SER G 344 -34.21 -4.31 -9.93
CA SER G 344 -34.93 -3.67 -8.84
C SER G 344 -34.45 -4.10 -7.46
N LEU G 345 -33.58 -5.11 -7.38
CA LEU G 345 -33.09 -5.56 -6.08
C LEU G 345 -31.66 -5.15 -5.77
N ASP G 346 -30.97 -4.48 -6.70
CA ASP G 346 -29.66 -3.93 -6.38
C ASP G 346 -29.76 -2.76 -5.40
N VAL G 347 -30.86 -2.00 -5.49
CA VAL G 347 -31.15 -0.98 -4.48
C VAL G 347 -31.43 -1.64 -3.13
N ILE G 348 -32.05 -2.82 -3.16
CA ILE G 348 -32.37 -3.56 -1.94
C ILE G 348 -31.08 -4.05 -1.27
N PHE G 349 -30.10 -4.48 -2.06
CA PHE G 349 -28.89 -5.12 -1.56
C PHE G 349 -27.74 -4.17 -1.31
N THR G 350 -27.84 -2.89 -1.69
CA THR G 350 -26.72 -1.98 -1.57
C THR G 350 -26.69 -1.21 -0.25
N MSE G 351 -27.76 -1.27 0.54
CA MSE G 351 -27.75 -0.64 1.84
C MSE G 351 -26.92 -1.47 2.81
O MSE G 351 -27.41 -2.47 3.33
CB MSE G 351 -29.18 -0.46 2.38
CG MSE G 351 -30.08 0.40 1.51
SE MSE G 351 -31.93 0.26 2.10
CE MSE G 351 -32.49 -1.15 0.90
N LYS G 352 -25.69 -1.02 3.04
CA LYS G 352 -24.75 -1.69 3.98
C LYS G 352 -25.22 -1.43 5.41
N LYS G 353 -25.26 -2.48 6.24
CA LYS G 353 -25.71 -2.36 7.62
C LYS G 353 -24.80 -1.41 8.40
N SER G 354 -25.36 -0.81 9.44
CA SER G 354 -24.71 0.30 10.13
C SER G 354 -25.10 0.23 11.60
N PRO G 355 -24.46 1.03 12.47
CA PRO G 355 -25.02 1.27 13.81
C PRO G 355 -26.42 1.89 13.79
N GLU G 356 -26.78 2.61 12.73
CA GLU G 356 -28.05 3.33 12.69
C GLU G 356 -29.16 2.56 12.00
N SER G 357 -28.85 1.83 10.92
CA SER G 357 -29.91 1.25 10.09
C SER G 357 -29.54 -0.16 9.65
N ASP G 358 -30.56 -0.91 9.26
CA ASP G 358 -30.42 -2.28 8.75
C ASP G 358 -31.69 -2.61 7.97
N PHE G 359 -31.53 -3.26 6.82
CA PHE G 359 -32.70 -3.55 5.99
C PHE G 359 -33.44 -4.79 6.46
N GLU G 360 -32.81 -5.62 7.29
CA GLU G 360 -33.46 -6.84 7.75
C GLU G 360 -34.45 -6.57 8.88
N ARG G 361 -34.29 -5.46 9.60
CA ARG G 361 -35.20 -5.07 10.67
C ARG G 361 -36.34 -4.18 10.21
N ALA G 362 -36.62 -4.13 8.92
CA ALA G 362 -37.74 -3.36 8.41
C ALA G 362 -39.02 -4.17 8.58
N LEU G 363 -40.12 -3.47 8.88
CA LEU G 363 -41.37 -4.15 9.22
C LEU G 363 -42.00 -4.82 8.01
N LEU G 364 -42.02 -4.13 6.87
CA LEU G 364 -42.52 -4.74 5.65
C LEU G 364 -41.56 -5.79 5.13
N SER G 365 -40.25 -5.63 5.37
CA SER G 365 -39.28 -6.62 4.93
C SER G 365 -39.33 -7.87 5.80
N GLU G 366 -39.55 -7.69 7.11
CA GLU G 366 -39.61 -8.83 8.02
C GLU G 366 -40.78 -9.74 7.71
N GLN G 367 -41.89 -9.17 7.25
CA GLN G 367 -43.02 -9.98 6.81
C GLN G 367 -42.69 -10.73 5.53
N ARG G 368 -41.75 -10.21 4.74
CA ARG G 368 -41.38 -10.88 3.51
C ARG G 368 -40.33 -11.95 3.73
N VAL G 369 -39.50 -11.83 4.77
CA VAL G 369 -38.55 -12.88 5.12
C VAL G 369 -39.30 -14.13 5.59
N SER G 370 -40.39 -13.92 6.34
CA SER G 370 -41.30 -15.01 6.64
C SER G 370 -42.01 -15.47 5.37
N ARG G 371 -42.27 -14.54 4.44
CA ARG G 371 -42.97 -14.91 3.21
C ARG G 371 -42.06 -15.62 2.23
N ALA G 372 -40.77 -15.29 2.23
CA ALA G 372 -39.83 -15.99 1.36
C ALA G 372 -39.51 -17.39 1.86
N LYS G 373 -39.45 -17.54 3.19
CA LYS G 373 -39.13 -18.85 3.77
C LYS G 373 -40.27 -19.83 3.58
N MSE G 374 -41.51 -19.33 3.58
CA MSE G 374 -42.70 -20.18 3.47
C MSE G 374 -42.82 -20.90 2.14
O MSE G 374 -43.43 -21.96 2.05
CB MSE G 374 -43.96 -19.34 3.70
CG MSE G 374 -44.34 -19.17 5.16
SE MSE G 374 -45.50 -17.63 5.36
CE MSE G 374 -45.02 -17.09 7.17
N MSE G 375 -42.23 -20.31 1.09
CA MSE G 375 -42.33 -20.87 -0.24
C MSE G 375 -41.07 -21.63 -0.67
O MSE G 375 -41.11 -22.44 -1.58
CB MSE G 375 -42.64 -19.78 -1.24
CG MSE G 375 -43.77 -18.92 -0.78
SE MSE G 375 -45.41 -19.94 -0.62
CE MSE G 375 -46.66 -18.48 -0.43
N MSE G 376 -39.98 -21.39 0.04
CA MSE G 376 -38.72 -22.08 -0.26
C MSE G 376 -38.57 -23.38 0.54
O MSE G 376 -37.48 -23.96 0.60
CB MSE G 376 -37.53 -21.16 0.01
CG MSE G 376 -37.16 -20.28 -1.17
SE MSE G 376 -35.56 -19.22 -0.90
CE MSE G 376 -36.03 -18.45 0.82
N ALA G 377 -39.67 -23.81 1.15
CA ALA G 377 -39.64 -25.01 2.01
C ALA G 377 -39.58 -26.35 1.27
N PRO G 378 -40.37 -26.63 0.20
CA PRO G 378 -40.17 -27.92 -0.47
C PRO G 378 -38.89 -27.99 -1.31
N PHE G 379 -38.18 -26.89 -1.47
CA PHE G 379 -36.89 -26.82 -2.15
C PHE G 379 -35.72 -27.11 -1.24
N VAL G 380 -35.93 -27.22 0.07
CA VAL G 380 -34.85 -27.36 1.04
C VAL G 380 -35.12 -28.62 1.86
N LEU G 381 -34.30 -29.65 1.67
CA LEU G 381 -34.46 -30.91 2.37
C LEU G 381 -33.45 -30.99 3.49
N ARG G 382 -33.90 -30.72 4.72
CA ARG G 382 -33.04 -30.77 5.88
C ARG G 382 -33.62 -31.75 6.88
N ARG G 383 -32.91 -32.86 7.11
CA ARG G 383 -33.23 -33.83 8.15
C ARG G 383 -32.24 -33.66 9.30
N LYS G 384 -32.78 -33.62 10.52
CA LYS G 384 -31.95 -33.42 11.69
C LYS G 384 -31.40 -34.75 12.18
N LYS G 385 -30.49 -34.68 13.14
CA LYS G 385 -29.90 -35.90 13.71
C LYS G 385 -30.92 -36.70 14.49
N SER G 386 -31.64 -36.04 15.38
CA SER G 386 -32.54 -36.72 16.31
C SER G 386 -33.83 -37.22 15.65
N GLN G 387 -34.08 -36.88 14.40
CA GLN G 387 -35.23 -37.41 13.68
C GLN G 387 -34.92 -38.73 12.99
N VAL G 388 -33.64 -39.04 12.77
CA VAL G 388 -33.22 -40.29 12.16
C VAL G 388 -32.22 -41.05 13.03
N LEU G 389 -32.27 -40.80 14.34
CA LEU G 389 -31.32 -41.44 15.25
C LEU G 389 -31.72 -42.88 15.53
N LYS G 395 -27.09 -43.35 16.69
CA LYS G 395 -26.01 -42.59 17.30
C LYS G 395 -26.43 -42.01 18.64
N THR G 396 -26.90 -42.86 19.55
CA THR G 396 -27.29 -42.40 20.87
C THR G 396 -26.26 -41.41 21.38
N ARG G 397 -26.73 -40.24 21.84
CA ARG G 397 -25.82 -39.23 22.37
C ARG G 397 -25.57 -39.50 23.84
N ILE G 398 -24.29 -39.49 24.23
CA ILE G 398 -23.90 -39.41 25.63
C ILE G 398 -22.98 -38.21 25.79
N ILE G 399 -23.16 -37.47 26.87
CA ILE G 399 -22.33 -36.31 27.18
C ILE G 399 -21.69 -36.61 28.53
N GLU G 400 -20.55 -37.27 28.53
CA GLU G 400 -19.95 -37.77 29.76
C GLU G 400 -18.99 -36.73 30.32
N PHE G 401 -19.42 -36.06 31.39
CA PHE G 401 -18.57 -35.13 32.08
C PHE G 401 -17.43 -35.89 32.77
N CYS G 402 -16.25 -35.30 32.75
CA CYS G 402 -15.10 -35.93 33.38
C CYS G 402 -14.93 -35.36 34.78
N GLU G 403 -14.33 -36.17 35.65
CA GLU G 403 -13.95 -35.69 36.96
C GLU G 403 -12.77 -34.74 36.84
N PHE G 404 -12.54 -33.97 37.89
CA PHE G 404 -11.43 -33.02 37.89
C PHE G 404 -10.14 -33.71 38.31
N SER G 405 -9.03 -33.13 37.88
CA SER G 405 -7.72 -33.51 38.37
C SER G 405 -7.03 -32.25 38.89
N GLU G 406 -6.23 -32.45 39.95
CA GLU G 406 -5.52 -31.34 40.58
C GLU G 406 -4.49 -30.69 39.67
N GLU G 407 -3.95 -31.43 38.71
CA GLU G 407 -3.00 -30.88 37.76
C GLU G 407 -3.67 -29.89 36.81
N GLU G 408 -4.83 -30.25 36.27
CA GLU G 408 -5.61 -29.31 35.48
C GLU G 408 -6.15 -28.18 36.35
N ARG G 409 -6.52 -28.48 37.59
CA ARG G 409 -7.18 -27.50 38.45
C ARG G 409 -6.23 -26.45 38.98
N ARG G 410 -4.94 -26.79 39.17
CA ARG G 410 -4.01 -25.85 39.78
C ARG G 410 -3.61 -24.74 38.81
N ARG G 411 -3.73 -24.99 37.51
CA ARG G 411 -3.61 -23.90 36.55
C ARG G 411 -4.97 -23.33 36.17
N TYR G 412 -6.06 -23.99 36.56
CA TYR G 412 -7.39 -23.48 36.26
C TYR G 412 -7.83 -22.44 37.28
N ASP G 413 -7.33 -22.56 38.52
CA ASP G 413 -7.87 -21.74 39.60
C ASP G 413 -7.10 -20.46 39.82
N ASP G 414 -5.83 -20.41 39.38
CA ASP G 414 -5.14 -19.13 39.31
C ASP G 414 -5.32 -18.47 37.95
N PHE G 415 -6.07 -19.10 37.05
CA PHE G 415 -6.56 -18.49 35.82
C PHE G 415 -7.78 -17.63 36.06
N ALA G 416 -8.17 -17.42 37.31
CA ALA G 416 -9.02 -16.32 37.72
C ALA G 416 -8.22 -15.08 38.10
N SER G 417 -6.90 -15.15 38.00
CA SER G 417 -6.00 -14.03 38.28
C SER G 417 -5.22 -13.56 37.06
N LYS G 418 -4.62 -14.48 36.31
CA LYS G 418 -3.89 -14.09 35.10
C LYS G 418 -4.84 -13.73 33.96
N GLN G 419 -6.08 -14.18 34.02
CA GLN G 419 -7.08 -13.78 33.04
C GLN G 419 -7.71 -12.44 33.39
N SER G 420 -8.00 -12.22 34.67
CA SER G 420 -8.66 -10.99 35.13
C SER G 420 -7.64 -9.86 35.20
N VAL G 421 -7.50 -9.16 34.08
CA VAL G 421 -6.66 -7.97 34.02
C VAL G 421 -7.44 -6.79 34.58
N ASN G 422 -6.79 -6.02 35.46
CA ASN G 422 -7.44 -4.89 36.13
C ASN G 422 -7.54 -3.69 35.18
N SER G 423 -8.46 -3.81 34.22
CA SER G 423 -8.74 -2.75 33.27
C SER G 423 -10.22 -2.53 32.98
N LEU G 424 -11.10 -3.47 33.32
CA LEU G 424 -12.51 -3.35 33.01
C LEU G 424 -13.33 -3.73 34.25
N LEU G 425 -14.37 -2.94 34.52
CA LEU G 425 -15.18 -2.98 35.76
C LEU G 425 -14.33 -2.91 37.02
N VAL G 429 -10.96 1.74 37.07
CA VAL G 429 -9.55 1.97 36.74
C VAL G 429 -9.43 2.37 35.26
N MSE G 430 -8.57 3.34 34.98
CA MSE G 430 -8.38 3.85 33.63
C MSE G 430 -6.93 4.24 33.44
O MSE G 430 -6.35 4.90 34.31
CB MSE G 430 -9.29 5.05 33.39
CG MSE G 430 -10.77 4.70 33.40
SE MSE G 430 -11.30 3.42 32.08
CE MSE G 430 -11.00 4.51 30.49
N LYS G 431 -6.34 3.85 32.31
CA LYS G 431 -4.97 4.21 31.99
C LYS G 431 -4.93 5.56 31.27
N THR G 432 -3.82 6.26 31.42
CA THR G 432 -3.65 7.58 30.85
C THR G 432 -3.29 7.47 29.37
N ASN G 433 -4.12 8.07 28.51
CA ASN G 433 -3.88 8.06 27.08
C ASN G 433 -3.93 9.48 26.52
N LEU G 434 -3.93 9.62 25.19
CA LEU G 434 -3.90 10.94 24.57
C LEU G 434 -5.26 11.64 24.70
N ASP G 435 -6.33 11.02 24.22
CA ASP G 435 -7.64 11.63 24.23
C ASP G 435 -8.61 10.80 25.09
N THR G 436 -9.86 11.26 25.14
CA THR G 436 -10.90 10.66 25.97
C THR G 436 -11.44 9.41 25.28
N ASN G 437 -10.67 8.33 25.37
CA ASN G 437 -11.05 7.07 24.74
C ASN G 437 -12.06 6.39 25.66
N ALA G 438 -13.33 6.71 25.43
CA ALA G 438 -14.41 6.23 26.29
C ALA G 438 -14.73 4.77 26.03
N ASN G 439 -14.54 4.29 24.79
CA ASN G 439 -14.93 2.95 24.43
C ASN G 439 -13.85 2.15 23.70
N LEU G 440 -12.64 2.72 23.51
CA LEU G 440 -11.56 1.91 22.94
C LEU G 440 -11.04 0.90 23.96
N ALA G 441 -10.99 1.30 25.24
CA ALA G 441 -10.70 0.36 26.32
C ALA G 441 -11.79 -0.71 26.45
N LYS G 442 -13.01 -0.42 26.02
CA LYS G 442 -14.00 -1.47 25.85
C LYS G 442 -13.70 -2.33 24.63
N LYS G 443 -13.18 -1.73 23.55
CA LYS G 443 -12.93 -2.48 22.32
C LYS G 443 -11.59 -3.21 22.32
N LYS G 444 -10.78 -3.03 23.36
CA LYS G 444 -9.63 -3.92 23.55
C LYS G 444 -10.01 -5.16 24.35
N SER G 445 -11.21 -5.18 24.95
CA SER G 445 -11.71 -6.37 25.62
C SER G 445 -12.30 -7.36 24.61
N THR G 446 -13.05 -8.35 25.12
CA THR G 446 -13.55 -9.55 24.43
C THR G 446 -12.56 -10.12 23.42
N ALA G 447 -11.31 -10.27 23.87
CA ALA G 447 -10.27 -10.87 23.05
C ALA G 447 -10.47 -12.38 23.01
N GLY G 448 -10.37 -12.95 21.81
CA GLY G 448 -10.64 -14.38 21.63
C GLY G 448 -9.56 -15.30 22.14
N PHE G 449 -8.41 -14.77 22.60
CA PHE G 449 -7.32 -15.64 23.03
C PHE G 449 -7.66 -16.34 24.34
N VAL G 450 -8.08 -15.58 25.35
CA VAL G 450 -8.30 -16.14 26.69
C VAL G 450 -9.51 -17.06 26.76
N LEU G 451 -10.46 -16.94 25.83
CA LEU G 451 -11.55 -17.91 25.76
C LEU G 451 -11.06 -19.25 25.26
N VAL G 452 -10.26 -19.26 24.19
CA VAL G 452 -9.73 -20.51 23.65
C VAL G 452 -8.60 -21.04 24.54
N GLN G 453 -7.93 -20.15 25.29
CA GLN G 453 -6.99 -20.63 26.30
C GLN G 453 -7.70 -21.27 27.49
N LEU G 454 -8.84 -20.73 27.90
CA LEU G 454 -9.69 -21.43 28.86
C LEU G 454 -10.28 -22.70 28.24
N ARG G 455 -10.54 -22.68 26.92
CA ARG G 455 -10.88 -23.88 26.18
C ARG G 455 -9.67 -24.74 25.86
N LYS G 456 -8.47 -24.32 26.27
CA LYS G 456 -7.29 -25.17 26.24
C LYS G 456 -6.89 -25.64 27.64
N LEU G 457 -7.30 -24.91 28.68
CA LEU G 457 -7.18 -25.41 30.04
C LEU G 457 -8.06 -26.63 30.27
N ALA G 458 -9.30 -26.58 29.76
CA ALA G 458 -10.18 -27.75 29.77
C ALA G 458 -9.63 -28.88 28.92
N ASP G 459 -8.78 -28.56 27.94
CA ASP G 459 -8.12 -29.55 27.12
C ASP G 459 -6.96 -30.20 27.86
N HIS G 460 -6.09 -30.88 27.11
CA HIS G 460 -4.95 -31.53 27.73
C HIS G 460 -3.99 -30.49 28.30
N PRO G 461 -3.72 -30.50 29.59
CA PRO G 461 -2.98 -29.41 30.24
C PRO G 461 -1.48 -29.34 29.92
N MSE G 462 -0.97 -30.30 29.17
CA MSE G 462 0.44 -30.33 28.87
C MSE G 462 0.81 -29.29 27.84
O MSE G 462 2.00 -28.91 27.76
CB MSE G 462 0.83 -31.73 28.39
CG MSE G 462 0.99 -31.80 26.88
SE MSE G 462 2.30 -33.20 26.43
CE MSE G 462 3.91 -32.25 27.01
N LEU G 463 -0.16 -28.78 27.08
CA LEU G 463 0.16 -27.83 26.01
C LEU G 463 0.60 -26.48 26.56
N PHE G 464 0.25 -26.16 27.80
CA PHE G 464 0.70 -24.91 28.39
C PHE G 464 2.15 -25.04 28.87
N ARG G 465 2.73 -23.92 29.31
CA ARG G 465 4.13 -23.89 29.70
C ARG G 465 4.26 -24.41 31.14
N ILE G 466 4.10 -25.72 31.28
CA ILE G 466 4.07 -26.36 32.59
C ILE G 466 5.25 -27.30 32.80
N HIS G 467 6.04 -27.57 31.77
CA HIS G 467 7.13 -28.53 31.82
C HIS G 467 8.49 -27.86 31.72
N TYR G 468 8.71 -27.06 30.69
CA TYR G 468 9.99 -26.41 30.43
C TYR G 468 9.73 -24.91 30.41
N LYS G 469 9.71 -24.30 31.59
CA LYS G 469 9.33 -22.90 31.74
C LYS G 469 10.30 -21.93 31.08
N ASP G 470 11.52 -21.80 31.61
CA ASP G 470 12.46 -20.89 31.00
C ASP G 470 13.85 -21.51 30.84
N ASP G 471 14.28 -22.30 31.83
CA ASP G 471 15.67 -22.68 31.92
C ASP G 471 15.99 -23.95 31.14
N ILE G 472 15.00 -24.82 30.92
CA ILE G 472 15.24 -26.07 30.19
C ILE G 472 15.47 -25.78 28.72
N LEU G 473 14.96 -24.64 28.24
CA LEU G 473 15.16 -24.24 26.85
C LEU G 473 16.51 -23.59 26.61
N ARG G 474 17.23 -23.20 27.67
CA ARG G 474 18.61 -22.79 27.49
C ARG G 474 19.51 -23.99 27.23
N GLN G 475 19.20 -25.11 27.87
CA GLN G 475 19.94 -26.35 27.62
C GLN G 475 19.63 -26.89 26.23
N MSE G 476 18.47 -26.56 25.69
CA MSE G 476 18.18 -26.94 24.34
C MSE G 476 19.01 -26.07 23.43
O MSE G 476 19.49 -26.56 22.39
CB MSE G 476 16.70 -26.72 24.05
CG MSE G 476 15.85 -27.48 25.07
SE MSE G 476 14.71 -28.77 24.13
CE MSE G 476 13.54 -27.49 23.22
N ALA G 477 19.19 -24.81 23.81
CA ALA G 477 19.85 -23.84 22.92
C ALA G 477 21.31 -24.20 22.68
N LYS G 478 22.04 -24.57 23.73
CA LYS G 478 23.43 -24.98 23.58
C LYS G 478 23.53 -26.36 22.95
N ALA G 479 22.55 -27.23 23.18
CA ALA G 479 22.57 -28.59 22.65
C ALA G 479 21.67 -28.75 21.43
N ILE G 480 21.36 -27.67 20.74
CA ILE G 480 20.97 -27.73 19.33
C ILE G 480 21.98 -27.03 18.43
N MSE G 481 22.95 -26.35 19.00
CA MSE G 481 23.99 -25.76 18.16
C MSE G 481 24.94 -26.86 17.72
O MSE G 481 25.59 -26.69 16.67
CB MSE G 481 24.74 -24.71 18.96
CG MSE G 481 23.99 -23.39 18.93
SE MSE G 481 22.59 -23.46 17.53
CE MSE G 481 23.21 -21.94 16.45
N ASN G 482 25.01 -27.96 18.46
CA ASN G 482 25.93 -29.05 18.14
C ASN G 482 25.36 -29.95 17.05
N GLU G 483 24.99 -29.32 15.94
CA GLU G 483 24.21 -29.92 14.87
C GLU G 483 24.53 -29.15 13.59
N PRO G 484 23.95 -29.51 12.44
CA PRO G 484 23.90 -28.54 11.33
C PRO G 484 23.09 -27.29 11.61
N GLN G 485 22.28 -27.27 12.67
CA GLN G 485 21.65 -26.04 13.16
C GLN G 485 22.74 -25.20 13.83
N TYR G 486 23.48 -24.47 13.01
CA TYR G 486 24.55 -23.60 13.47
C TYR G 486 24.58 -22.42 12.49
N LYS G 487 23.87 -21.36 12.84
CA LYS G 487 23.87 -20.14 12.03
C LYS G 487 24.98 -19.22 12.53
N LYS G 488 24.91 -17.95 12.14
CA LYS G 488 25.99 -16.99 12.41
C LYS G 488 26.18 -16.75 13.90
N ALA G 489 25.18 -16.14 14.55
CA ALA G 489 25.16 -16.04 16.00
C ALA G 489 23.71 -16.21 16.44
N ASN G 490 23.30 -17.45 16.69
CA ASN G 490 21.87 -17.69 17.04
C ASN G 490 21.70 -18.50 18.33
N GLU G 491 22.38 -18.12 19.42
CA GLU G 491 22.17 -18.80 20.68
C GLU G 491 21.04 -18.19 21.49
N LEU G 492 20.68 -16.93 21.22
CA LEU G 492 19.60 -16.26 21.94
C LEU G 492 18.41 -15.94 21.04
N TYR G 493 18.41 -16.40 19.79
CA TYR G 493 17.25 -16.29 18.93
C TYR G 493 16.50 -17.61 18.81
N ILE G 494 17.24 -18.70 18.60
CA ILE G 494 16.66 -20.04 18.55
C ILE G 494 16.05 -20.41 19.89
N PHE G 495 16.71 -20.01 20.99
CA PHE G 495 16.14 -20.16 22.33
C PHE G 495 14.87 -19.31 22.47
N GLU G 496 14.87 -18.09 21.94
CA GLU G 496 13.66 -17.28 21.92
C GLU G 496 12.64 -17.81 20.92
N ASP G 497 13.14 -18.49 19.90
CA ASP G 497 12.27 -19.18 18.91
C ASP G 497 11.71 -20.41 19.63
N MSE G 498 12.40 -20.87 20.68
CA MSE G 498 11.94 -21.99 21.46
C MSE G 498 11.24 -21.53 22.72
O MSE G 498 10.75 -22.39 23.47
CB MSE G 498 13.17 -22.84 21.77
CG MSE G 498 13.01 -24.23 21.17
SE MSE G 498 13.60 -24.47 19.31
CE MSE G 498 12.59 -23.13 18.30
N GLN G 499 11.14 -20.22 22.95
CA GLN G 499 10.41 -19.74 24.12
C GLN G 499 8.91 -19.63 23.86
N TYR G 500 8.48 -19.53 22.61
CA TYR G 500 7.06 -19.36 22.30
C TYR G 500 6.38 -20.65 21.86
N MSE G 501 7.14 -21.72 21.68
CA MSE G 501 6.53 -23.00 21.33
C MSE G 501 5.98 -23.65 22.56
O MSE G 501 6.42 -23.32 23.68
CB MSE G 501 7.57 -23.95 20.73
CG MSE G 501 8.88 -23.22 20.45
SE MSE G 501 9.89 -24.29 19.13
CE MSE G 501 8.55 -25.71 18.88
N SER G 502 5.05 -24.59 22.38
CA SER G 502 4.43 -25.26 23.51
C SER G 502 5.32 -26.37 24.06
N ASP G 503 4.98 -26.84 25.26
CA ASP G 503 5.80 -27.85 25.93
C ASP G 503 5.65 -29.23 25.29
N ILE G 504 4.54 -29.48 24.58
CA ILE G 504 4.46 -30.68 23.76
C ILE G 504 5.43 -30.56 22.57
N GLU G 505 5.54 -29.36 21.99
CA GLU G 505 6.42 -29.15 20.84
C GLU G 505 7.88 -29.08 21.24
N LEU G 506 8.19 -28.48 22.39
CA LEU G 506 9.55 -28.48 22.92
C LEU G 506 9.97 -29.84 23.44
N HIS G 507 9.03 -30.75 23.65
CA HIS G 507 9.31 -32.18 23.66
C HIS G 507 9.42 -32.76 22.26
N ASN G 508 8.69 -32.22 21.29
CA ASN G 508 8.60 -32.83 19.97
C ASN G 508 9.72 -32.40 19.01
N LEU G 509 10.54 -31.42 19.39
CA LEU G 509 11.79 -31.18 18.65
C LEU G 509 12.99 -31.78 19.36
N CYS G 510 12.78 -32.34 20.55
CA CYS G 510 13.82 -33.10 21.24
C CYS G 510 13.49 -34.59 21.33
N CYS G 511 12.41 -35.06 20.70
CA CYS G 511 12.24 -36.49 20.54
C CYS G 511 12.27 -36.90 19.07
N LYS G 512 11.62 -36.11 18.21
CA LYS G 512 11.67 -36.37 16.77
C LYS G 512 13.05 -36.09 16.20
N PHE G 513 13.74 -35.09 16.73
CA PHE G 513 15.10 -34.74 16.30
C PHE G 513 16.04 -34.92 17.48
N PRO G 514 16.68 -36.08 17.63
CA PRO G 514 17.52 -36.33 18.82
C PRO G 514 18.83 -35.56 18.83
N SER G 515 18.74 -34.25 19.03
CA SER G 515 19.90 -33.42 19.34
C SER G 515 20.12 -33.24 20.82
N ILE G 516 19.04 -33.28 21.62
CA ILE G 516 19.12 -33.26 23.06
C ILE G 516 18.06 -34.20 23.61
N ASN G 517 18.49 -35.19 24.40
CA ASN G 517 17.60 -36.25 24.84
C ASN G 517 17.64 -36.46 26.36
N SER G 518 18.21 -35.49 27.10
CA SER G 518 18.27 -35.61 28.55
C SER G 518 16.91 -35.45 29.20
N PHE G 519 16.05 -34.60 28.61
CA PHE G 519 14.72 -34.36 29.13
C PHE G 519 13.68 -34.49 28.03
N GLN G 520 13.77 -35.56 27.24
CA GLN G 520 12.70 -35.79 26.27
C GLN G 520 11.42 -36.30 26.92
N LEU G 521 11.50 -37.29 27.80
CA LEU G 521 10.35 -37.80 28.52
C LEU G 521 10.28 -37.15 29.91
N LYS G 522 9.08 -36.76 30.32
CA LYS G 522 8.92 -36.09 31.64
C LYS G 522 8.10 -36.99 32.56
N ASP G 523 8.46 -38.28 32.61
CA ASP G 523 7.72 -39.27 33.43
C ASP G 523 6.37 -39.51 32.77
N GLU G 524 6.30 -39.25 31.46
CA GLU G 524 5.06 -39.41 30.64
C GLU G 524 3.95 -38.56 31.25
N PRO G 525 3.98 -37.21 31.12
CA PRO G 525 2.96 -36.35 31.73
C PRO G 525 1.71 -36.20 30.86
N TRP G 526 1.70 -36.81 29.68
CA TRP G 526 0.48 -36.89 28.89
C TRP G 526 -0.53 -37.87 29.47
N MSE G 527 -0.09 -38.81 30.29
CA MSE G 527 -1.02 -39.72 30.93
C MSE G 527 -1.64 -39.07 32.15
O MSE G 527 -2.60 -39.64 32.70
CB MSE G 527 -0.27 -40.99 31.33
CG MSE G 527 0.50 -40.79 32.63
SE MSE G 527 1.52 -42.44 33.01
CE MSE G 527 0.95 -43.45 31.42
N ASP G 528 -1.13 -37.94 32.57
CA ASP G 528 -1.64 -37.24 33.76
C ASP G 528 -2.61 -36.15 33.30
N ALA G 529 -3.82 -36.58 32.94
CA ALA G 529 -4.86 -35.65 32.52
C ALA G 529 -6.23 -36.27 32.78
N THR G 530 -7.21 -35.42 33.05
CA THR G 530 -8.57 -35.89 33.34
C THR G 530 -9.26 -36.41 32.08
N LYS G 531 -8.85 -35.95 30.91
CA LYS G 531 -9.47 -36.41 29.67
C LYS G 531 -8.82 -37.66 29.13
N VAL G 532 -7.65 -38.05 29.65
CA VAL G 532 -6.98 -39.24 29.13
C VAL G 532 -7.23 -40.44 30.03
N ARG G 533 -7.47 -40.21 31.33
CA ARG G 533 -7.88 -41.33 32.17
C ARG G 533 -9.36 -41.65 31.99
N LYS G 534 -10.13 -40.71 31.46
CA LYS G 534 -11.46 -41.02 30.96
C LYS G 534 -11.39 -41.58 29.55
N LEU G 535 -10.35 -41.24 28.80
CA LEU G 535 -10.07 -41.95 27.55
C LEU G 535 -9.43 -43.30 27.84
N LYS G 536 -8.80 -43.45 29.00
CA LYS G 536 -8.40 -44.78 29.45
C LYS G 536 -9.61 -45.62 29.81
N LYS G 537 -10.70 -44.99 30.24
CA LYS G 537 -11.99 -45.67 30.24
C LYS G 537 -12.44 -45.98 28.82
N LEU G 538 -12.28 -45.04 27.89
CA LEU G 538 -12.62 -45.26 26.49
C LEU G 538 -11.66 -46.21 25.80
N LEU G 539 -10.41 -46.27 26.27
CA LEU G 539 -9.53 -47.35 25.88
C LEU G 539 -10.05 -48.71 26.33
N THR G 540 -10.57 -48.81 27.54
CA THR G 540 -11.25 -50.02 27.97
C THR G 540 -12.66 -50.13 27.42
N ASN G 541 -13.16 -49.11 26.72
CA ASN G 541 -14.30 -49.30 25.83
C ASN G 541 -13.89 -49.95 24.51
N ALA G 542 -12.59 -50.15 24.29
CA ALA G 542 -12.07 -50.77 23.08
C ALA G 542 -11.31 -52.07 23.35
N VAL G 543 -11.52 -52.69 24.51
CA VAL G 543 -10.87 -53.96 24.82
C VAL G 543 -11.85 -55.13 24.92
N GLU G 544 -13.15 -54.88 25.12
CA GLU G 544 -14.09 -55.98 25.19
C GLU G 544 -14.51 -56.47 23.80
N ASN G 545 -14.29 -55.65 22.77
CA ASN G 545 -14.60 -56.03 21.40
C ASN G 545 -13.68 -55.24 20.48
N GLY G 546 -13.87 -55.43 19.17
CA GLY G 546 -13.17 -54.62 18.20
C GLY G 546 -13.78 -53.24 18.05
N ASP G 547 -13.69 -52.43 19.09
CA ASP G 547 -14.23 -51.07 19.07
C ASP G 547 -13.15 -50.14 18.54
N ARG G 548 -13.00 -50.10 17.23
CA ARG G 548 -12.17 -49.09 16.59
C ARG G 548 -12.89 -47.77 16.69
N VAL G 549 -12.20 -46.75 17.17
CA VAL G 549 -12.86 -45.52 17.57
C VAL G 549 -12.48 -44.38 16.66
N VAL G 550 -13.34 -43.37 16.65
CA VAL G 550 -13.11 -42.09 16.00
C VAL G 550 -12.85 -41.08 17.11
N LEU G 551 -11.65 -40.51 17.13
CA LEU G 551 -11.24 -39.58 18.18
C LEU G 551 -11.03 -38.21 17.55
N PHE G 552 -12.03 -37.33 17.67
CA PHE G 552 -11.91 -35.97 17.18
C PHE G 552 -11.12 -35.13 18.18
N SER G 553 -10.37 -34.17 17.66
CA SER G 553 -9.62 -33.24 18.50
C SER G 553 -9.54 -31.91 17.78
N GLN G 554 -9.90 -30.83 18.47
CA GLN G 554 -10.03 -29.54 17.80
C GLN G 554 -8.68 -28.96 17.40
N PHE G 555 -7.64 -29.23 18.18
CA PHE G 555 -6.37 -28.52 18.00
C PHE G 555 -5.27 -29.45 17.51
N THR G 556 -4.30 -28.86 16.81
CA THR G 556 -3.18 -29.60 16.22
C THR G 556 -2.14 -29.98 17.26
N GLN G 557 -1.86 -29.10 18.23
CA GLN G 557 -0.99 -29.49 19.33
C GLN G 557 -1.66 -30.51 20.23
N VAL G 558 -2.99 -30.39 20.40
CA VAL G 558 -3.77 -31.45 21.04
C VAL G 558 -3.65 -32.74 20.25
N LEU G 559 -3.66 -32.65 18.91
CA LEU G 559 -3.36 -33.81 18.09
C LEU G 559 -1.91 -34.24 18.25
N ASP G 560 -0.99 -33.29 18.41
CA ASP G 560 0.39 -33.62 18.75
C ASP G 560 0.54 -34.11 20.17
N ILE G 561 -0.36 -33.74 21.07
CA ILE G 561 -0.41 -34.41 22.36
C ILE G 561 -0.97 -35.82 22.18
N LEU G 562 -2.13 -35.93 21.53
CA LEU G 562 -2.86 -37.18 21.40
C LEU G 562 -2.19 -38.19 20.48
N GLN G 563 -1.22 -37.76 19.66
CA GLN G 563 -0.41 -38.75 18.96
C GLN G 563 0.53 -39.46 19.91
N LEU G 564 0.92 -38.79 21.00
CA LEU G 564 1.87 -39.34 21.95
C LEU G 564 1.24 -39.83 23.24
N VAL G 565 -0.06 -39.56 23.47
CA VAL G 565 -0.76 -40.28 24.53
C VAL G 565 -0.95 -41.73 24.12
N MSE G 566 -0.80 -41.99 22.82
CA MSE G 566 -0.86 -43.37 22.36
C MSE G 566 0.54 -43.94 22.34
O MSE G 566 0.73 -45.13 22.05
CB MSE G 566 -1.46 -43.41 20.97
CG MSE G 566 -2.95 -43.10 21.01
SE MSE G 566 -3.62 -43.40 22.84
CE MSE G 566 -3.83 -45.35 22.76
N LYS G 567 1.54 -43.13 22.65
CA LYS G 567 2.89 -43.65 22.73
C LYS G 567 3.15 -44.29 24.08
N SER G 568 2.12 -44.47 24.89
CA SER G 568 2.22 -45.07 26.22
C SER G 568 1.36 -46.32 26.38
N LEU G 569 0.09 -46.28 25.95
CA LEU G 569 -0.86 -47.34 26.28
C LEU G 569 -1.04 -48.34 25.14
N ASN G 570 -1.51 -47.89 23.99
CA ASN G 570 -1.64 -48.71 22.80
C ASN G 570 -1.05 -47.95 21.62
N LEU G 571 -0.52 -48.69 20.65
CA LEU G 571 0.41 -48.13 19.67
C LEU G 571 -0.27 -47.15 18.71
N LYS G 572 0.43 -46.06 18.42
CA LYS G 572 -0.05 -45.05 17.48
C LYS G 572 0.59 -45.27 16.11
N PHE G 573 -0.23 -45.13 15.08
CA PHE G 573 0.12 -45.54 13.73
C PHE G 573 -0.16 -44.49 12.67
N LEU G 574 -1.19 -43.65 12.81
CA LEU G 574 -1.58 -42.73 11.74
C LEU G 574 -2.44 -41.65 12.35
N ARG G 575 -1.86 -40.44 12.43
CA ARG G 575 -2.51 -39.25 12.96
C ARG G 575 -3.42 -38.67 11.87
N PHE G 576 -4.72 -38.95 11.96
CA PHE G 576 -5.66 -38.69 10.86
C PHE G 576 -6.00 -37.20 10.80
N ASP G 577 -5.03 -36.41 10.33
CA ASP G 577 -5.19 -34.96 10.27
C ASP G 577 -6.16 -34.54 9.18
N GLY G 578 -6.62 -33.30 9.31
CA GLY G 578 -7.34 -32.62 8.26
C GLY G 578 -6.48 -31.76 7.37
N SER G 579 -5.19 -32.05 7.26
CA SER G 579 -4.27 -31.32 6.39
C SER G 579 -3.85 -32.16 5.19
N THR G 580 -4.73 -33.06 4.75
CA THR G 580 -4.55 -33.89 3.57
C THR G 580 -5.29 -33.33 2.36
N GLN G 581 -5.31 -32.01 2.22
CA GLN G 581 -6.25 -31.29 1.36
C GLN G 581 -5.69 -31.05 -0.04
N VAL G 582 -4.86 -31.94 -0.57
CA VAL G 582 -4.24 -31.72 -1.88
C VAL G 582 -4.80 -32.69 -2.92
N ASP G 583 -4.84 -33.97 -2.57
CA ASP G 583 -5.42 -34.99 -3.44
C ASP G 583 -6.08 -36.06 -2.56
N PHE G 584 -6.74 -37.02 -3.23
CA PHE G 584 -7.59 -38.01 -2.56
C PHE G 584 -6.81 -38.91 -1.61
N ARG G 585 -7.33 -39.07 -0.39
CA ARG G 585 -6.68 -39.95 0.56
C ARG G 585 -7.40 -41.28 0.61
N GLN G 586 -6.62 -42.36 0.54
CA GLN G 586 -7.12 -43.72 0.74
C GLN G 586 -6.33 -44.40 1.83
N ASP G 587 -4.99 -44.31 1.73
CA ASP G 587 -4.10 -45.03 2.64
C ASP G 587 -4.14 -44.51 4.07
N LEU G 588 -4.73 -43.34 4.29
CA LEU G 588 -5.06 -42.94 5.65
C LEU G 588 -6.32 -43.62 6.17
N ILE G 589 -7.17 -44.15 5.30
CA ILE G 589 -8.53 -44.52 5.69
C ILE G 589 -8.93 -45.93 5.26
N ASP G 590 -8.20 -46.55 4.32
CA ASP G 590 -8.66 -47.85 3.83
C ASP G 590 -8.21 -48.98 4.74
N GLN G 591 -6.91 -49.03 5.08
CA GLN G 591 -6.33 -50.07 5.91
C GLN G 591 -6.70 -49.83 7.38
N PHE G 592 -7.92 -50.23 7.70
CA PHE G 592 -8.43 -50.08 9.06
C PHE G 592 -9.33 -51.27 9.37
N TYR G 593 -9.95 -51.20 10.56
CA TYR G 593 -10.89 -52.19 11.09
C TYR G 593 -10.20 -53.54 11.28
N ALA G 594 -8.97 -53.50 11.78
CA ALA G 594 -8.35 -54.68 12.37
C ALA G 594 -8.27 -54.49 13.87
N ASP G 595 -7.82 -55.54 14.57
CA ASP G 595 -8.04 -55.71 16.00
C ASP G 595 -7.42 -54.63 16.90
N GLU G 596 -6.09 -54.51 16.92
CA GLU G 596 -5.47 -53.56 17.82
C GLU G 596 -4.28 -52.85 17.20
N SER G 597 -3.74 -53.37 16.09
CA SER G 597 -2.64 -52.69 15.42
C SER G 597 -3.11 -51.39 14.79
N ILE G 598 -4.37 -51.32 14.39
CA ILE G 598 -4.95 -50.10 13.83
C ILE G 598 -6.28 -49.86 14.55
N ASN G 599 -6.22 -49.09 15.63
CA ASN G 599 -7.36 -48.85 16.52
C ASN G 599 -7.75 -47.38 16.59
N VAL G 600 -6.77 -46.49 16.84
CA VAL G 600 -7.05 -45.09 17.13
C VAL G 600 -6.53 -44.21 15.99
N PHE G 601 -7.46 -43.77 15.14
CA PHE G 601 -7.15 -42.81 14.09
C PHE G 601 -7.83 -41.50 14.48
N LEU G 602 -7.00 -40.50 14.78
CA LEU G 602 -7.46 -39.29 15.46
C LEU G 602 -7.99 -38.31 14.43
N LEU G 603 -9.32 -38.21 14.34
CA LEU G 603 -9.93 -37.18 13.52
C LEU G 603 -9.74 -35.80 14.15
N SER G 604 -10.20 -34.79 13.41
CA SER G 604 -10.01 -33.42 13.82
C SER G 604 -11.10 -32.55 13.21
N THR G 605 -11.27 -31.38 13.82
CA THR G 605 -12.23 -30.39 13.35
C THR G 605 -11.87 -29.87 11.95
N LYS G 606 -10.58 -29.81 11.62
CA LYS G 606 -10.18 -29.31 10.30
C LYS G 606 -10.30 -30.36 9.20
N ALA G 607 -10.83 -31.55 9.49
CA ALA G 607 -11.05 -32.54 8.44
C ALA G 607 -12.30 -32.21 7.64
N GLY G 608 -12.44 -32.89 6.51
CA GLY G 608 -13.60 -32.68 5.65
C GLY G 608 -14.85 -33.31 6.23
N GLY G 609 -15.79 -32.47 6.66
CA GLY G 609 -16.99 -32.95 7.31
C GLY G 609 -18.15 -33.19 6.36
N PHE G 610 -17.92 -32.97 5.07
CA PHE G 610 -18.96 -33.30 4.10
C PHE G 610 -19.10 -34.81 3.93
N GLY G 611 -17.98 -35.52 3.95
CA GLY G 611 -17.96 -36.94 3.68
C GLY G 611 -17.73 -37.75 4.94
N ILE G 612 -17.99 -39.06 4.84
CA ILE G 612 -17.92 -39.93 6.00
C ILE G 612 -17.04 -41.14 5.69
N ASN G 613 -16.88 -42.03 6.66
CA ASN G 613 -16.09 -43.25 6.49
C ASN G 613 -17.00 -44.44 6.79
N LEU G 614 -16.41 -45.62 6.91
CA LEU G 614 -17.20 -46.83 7.12
C LEU G 614 -17.79 -46.86 8.52
N ALA G 615 -19.02 -47.35 8.61
CA ALA G 615 -19.86 -47.20 9.79
C ALA G 615 -19.57 -48.19 10.91
N CYS G 616 -18.52 -49.00 10.80
CA CYS G 616 -18.22 -49.97 11.85
C CYS G 616 -17.55 -49.30 13.05
N ALA G 617 -16.87 -48.18 12.82
CA ALA G 617 -16.25 -47.42 13.91
C ALA G 617 -17.34 -46.66 14.65
N ASN G 618 -17.98 -47.33 15.61
CA ASN G 618 -19.19 -46.86 16.26
C ASN G 618 -18.95 -45.71 17.23
N MSE G 619 -18.07 -45.91 18.21
CA MSE G 619 -17.87 -44.91 19.25
C MSE G 619 -17.00 -43.78 18.71
O MSE G 619 -15.79 -43.93 18.56
CB MSE G 619 -17.19 -45.54 20.48
CG MSE G 619 -18.07 -46.54 21.20
SE MSE G 619 -19.72 -45.81 21.87
CE MSE G 619 -18.98 -44.65 23.24
N VAL G 620 -17.63 -42.65 18.39
CA VAL G 620 -16.93 -41.46 17.92
C VAL G 620 -16.78 -40.50 19.11
N ILE G 621 -15.53 -40.13 19.40
CA ILE G 621 -15.18 -39.40 20.62
C ILE G 621 -14.73 -38.02 20.24
N LEU G 622 -15.29 -37.01 20.89
CA LEU G 622 -14.83 -35.64 20.72
C LEU G 622 -13.99 -35.24 21.93
N TYR G 623 -12.72 -34.89 21.68
CA TYR G 623 -11.89 -34.39 22.77
C TYR G 623 -12.31 -33.00 23.21
N ASP G 624 -12.73 -32.16 22.26
CA ASP G 624 -13.14 -30.80 22.56
C ASP G 624 -14.54 -30.58 21.99
N VAL G 625 -15.31 -29.72 22.65
CA VAL G 625 -16.66 -29.43 22.21
C VAL G 625 -16.67 -28.09 21.49
N SER G 626 -17.77 -27.81 20.83
CA SER G 626 -17.85 -26.71 19.87
C SER G 626 -18.43 -25.45 20.50
N PHE G 627 -18.35 -24.37 19.73
CA PHE G 627 -18.88 -23.06 20.10
C PHE G 627 -20.05 -22.60 19.24
N ASN G 628 -20.00 -22.81 17.92
CA ASN G 628 -21.07 -22.49 17.00
C ASN G 628 -21.62 -23.75 16.35
N PRO G 629 -22.87 -23.71 15.82
CA PRO G 629 -23.36 -24.84 15.03
C PRO G 629 -22.83 -24.84 13.60
N PHE G 630 -21.51 -24.93 13.43
CA PHE G 630 -20.90 -25.19 12.13
C PHE G 630 -20.11 -26.48 12.24
N ASP G 631 -19.60 -26.79 13.44
CA ASP G 631 -19.08 -28.13 13.72
C ASP G 631 -19.56 -28.62 15.08
N ASP G 632 -20.86 -28.49 15.37
CA ASP G 632 -21.43 -29.11 16.55
C ASP G 632 -21.87 -30.54 16.25
N LEU G 633 -21.98 -30.88 14.97
CA LEU G 633 -22.62 -32.10 14.55
C LEU G 633 -21.81 -32.87 13.51
N GLN G 634 -20.89 -32.17 12.83
CA GLN G 634 -20.08 -32.78 11.77
C GLN G 634 -19.10 -33.79 12.35
N ALA G 635 -18.56 -33.51 13.52
CA ALA G 635 -17.70 -34.45 14.24
C ALA G 635 -18.49 -35.57 14.90
N GLU G 636 -19.81 -35.57 14.76
CA GLU G 636 -20.68 -36.37 15.61
C GLU G 636 -21.60 -37.30 14.81
N ASP G 637 -21.37 -37.44 13.50
CA ASP G 637 -22.25 -38.29 12.71
C ASP G 637 -21.49 -39.08 11.65
N ARG G 638 -20.22 -39.42 11.90
CA ARG G 638 -19.51 -40.21 10.90
C ARG G 638 -19.96 -41.66 10.87
N ALA G 639 -20.43 -42.20 11.99
CA ALA G 639 -21.02 -43.53 12.00
C ALA G 639 -22.53 -43.46 12.19
N HIS G 640 -23.19 -42.45 11.64
CA HIS G 640 -24.64 -42.26 11.84
C HIS G 640 -25.38 -42.85 10.64
N ARG G 641 -25.93 -44.04 10.86
CA ARG G 641 -26.73 -44.74 9.87
C ARG G 641 -28.04 -45.18 10.51
N VAL G 642 -28.98 -45.59 9.66
CA VAL G 642 -30.20 -46.20 10.18
C VAL G 642 -30.14 -47.72 10.05
N GLY G 643 -29.12 -48.22 9.35
CA GLY G 643 -28.95 -49.65 9.17
C GLY G 643 -27.75 -50.25 9.88
N GLN G 644 -27.35 -49.67 11.00
CA GLN G 644 -26.24 -50.21 11.77
C GLN G 644 -26.66 -51.49 12.48
N LYS G 645 -25.71 -52.42 12.60
CA LYS G 645 -25.99 -53.74 13.15
C LYS G 645 -25.75 -53.84 14.65
N LYS G 646 -25.05 -52.89 15.25
CA LYS G 646 -24.71 -52.95 16.66
C LYS G 646 -25.05 -51.60 17.30
N GLU G 647 -24.65 -51.43 18.55
CA GLU G 647 -24.90 -50.20 19.28
C GLU G 647 -23.91 -49.12 18.83
N VAL G 648 -24.44 -47.93 18.54
CA VAL G 648 -23.65 -46.83 18.04
C VAL G 648 -23.89 -45.61 18.93
N THR G 649 -22.80 -44.94 19.31
CA THR G 649 -22.86 -43.91 20.34
C THR G 649 -21.79 -42.85 20.11
N VAL G 650 -22.19 -41.57 20.10
CA VAL G 650 -21.29 -40.43 19.95
C VAL G 650 -20.88 -39.91 21.32
N TYR G 651 -19.60 -39.56 21.45
CA TYR G 651 -19.01 -39.11 22.71
C TYR G 651 -18.45 -37.70 22.53
N LYS G 652 -18.51 -36.91 23.61
CA LYS G 652 -17.78 -35.65 23.66
C LYS G 652 -17.31 -35.37 25.08
N PHE G 653 -16.09 -34.82 25.18
CA PHE G 653 -15.42 -34.63 26.47
C PHE G 653 -15.74 -33.27 27.09
N VAL G 654 -16.31 -33.27 28.30
CA VAL G 654 -16.65 -32.04 28.99
C VAL G 654 -16.01 -32.10 30.39
N VAL G 655 -15.55 -30.95 30.89
CA VAL G 655 -14.82 -30.88 32.17
C VAL G 655 -15.73 -30.15 33.16
N LYS G 656 -15.30 -30.04 34.43
CA LYS G 656 -16.12 -29.80 35.62
C LYS G 656 -16.98 -28.54 35.60
N ASP G 657 -16.38 -27.36 35.50
CA ASP G 657 -17.10 -26.10 35.40
C ASP G 657 -16.31 -25.13 34.54
N THR G 658 -15.65 -25.64 33.52
CA THR G 658 -14.93 -24.81 32.57
C THR G 658 -15.91 -24.07 31.67
N ILE G 659 -15.39 -23.10 30.92
CA ILE G 659 -16.20 -22.46 29.89
C ILE G 659 -16.35 -23.33 28.66
N GLU G 660 -15.55 -24.41 28.55
CA GLU G 660 -15.84 -25.45 27.56
C GLU G 660 -17.15 -26.15 27.88
N GLU G 661 -17.54 -26.20 29.15
CA GLU G 661 -18.92 -26.59 29.47
C GLU G 661 -19.90 -25.46 29.23
N HIS G 662 -19.44 -24.21 29.37
CA HIS G 662 -20.35 -23.07 29.29
C HIS G 662 -20.59 -22.62 27.85
N ILE G 663 -19.77 -23.10 26.91
CA ILE G 663 -20.15 -22.95 25.51
C ILE G 663 -21.22 -23.97 25.13
N GLN G 664 -21.27 -25.10 25.85
CA GLN G 664 -22.44 -25.97 25.79
C GLN G 664 -23.58 -25.30 26.54
N ARG G 665 -24.81 -25.46 26.05
CA ARG G 665 -25.91 -24.60 26.47
C ARG G 665 -26.55 -25.12 27.76
N LEU G 666 -26.45 -24.33 28.83
CA LEU G 666 -27.07 -24.68 30.11
C LEU G 666 -27.68 -23.50 30.86
N ALA G 667 -27.90 -22.34 30.21
CA ALA G 667 -28.32 -21.15 30.95
C ALA G 667 -29.79 -21.19 31.34
N ASN G 668 -30.69 -21.14 30.35
CA ASN G 668 -32.12 -21.10 30.57
C ASN G 668 -32.82 -21.38 29.24
N ALA G 669 -34.15 -21.53 29.31
CA ALA G 669 -34.98 -21.65 28.14
C ALA G 669 -35.97 -20.48 28.09
N LYS G 670 -36.85 -20.49 27.10
CA LYS G 670 -37.88 -19.47 26.94
C LYS G 670 -39.23 -20.15 26.84
N ILE G 671 -40.26 -19.47 27.35
CA ILE G 671 -41.63 -19.97 27.32
C ILE G 671 -42.45 -19.01 26.44
N ALA G 672 -42.86 -19.50 25.28
CA ALA G 672 -43.67 -18.71 24.36
C ALA G 672 -44.62 -19.60 23.57
N PRO H 1 71.36 23.55 -13.37
CA PRO H 1 71.46 23.53 -11.91
C PRO H 1 70.76 22.33 -11.30
N HIS H 2 70.05 22.56 -10.21
CA HIS H 2 69.23 21.54 -9.57
C HIS H 2 67.81 21.66 -10.10
N ARG H 3 67.29 20.56 -10.62
CA ARG H 3 65.88 20.49 -10.98
C ARG H 3 65.18 19.56 -9.99
N TYR H 4 63.97 19.94 -9.61
CA TYR H 4 63.19 19.14 -8.68
C TYR H 4 62.65 17.88 -9.36
N ARG H 5 62.06 17.00 -8.56
CA ARG H 5 61.33 15.89 -9.12
C ARG H 5 60.00 16.40 -9.69
N PRO H 6 59.59 15.89 -10.85
CA PRO H 6 58.33 16.34 -11.44
C PRO H 6 57.14 15.83 -10.64
N GLY H 7 56.15 16.69 -10.49
CA GLY H 7 55.02 16.43 -9.62
C GLY H 7 55.20 17.00 -8.22
N THR H 8 56.43 16.97 -7.72
CA THR H 8 56.68 17.40 -6.35
C THR H 8 56.55 18.91 -6.20
N VAL H 9 56.85 19.68 -7.25
CA VAL H 9 56.53 21.09 -7.18
C VAL H 9 55.04 21.29 -7.28
N ALA H 10 54.38 20.47 -8.11
CA ALA H 10 52.94 20.56 -8.26
C ALA H 10 52.22 20.20 -6.97
N LEU H 11 52.75 19.24 -6.22
CA LEU H 11 52.14 18.91 -4.95
C LEU H 11 52.31 20.02 -3.93
N ARG H 12 53.37 20.81 -4.06
CA ARG H 12 53.55 21.94 -3.16
C ARG H 12 52.52 23.01 -3.44
N GLU H 13 52.14 23.17 -4.70
CA GLU H 13 51.11 24.14 -5.05
C GLU H 13 49.72 23.74 -4.59
N ILE H 14 49.49 22.46 -4.32
CA ILE H 14 48.23 22.05 -3.71
C ILE H 14 48.11 22.63 -2.32
N ARG H 15 49.13 22.40 -1.49
CA ARG H 15 49.10 22.90 -0.13
C ARG H 15 49.27 24.40 -0.06
N ARG H 16 49.83 25.02 -1.10
CA ARG H 16 49.88 26.48 -1.13
C ARG H 16 48.52 27.05 -1.47
N TYR H 17 47.80 26.41 -2.37
CA TYR H 17 46.55 27.00 -2.81
C TYR H 17 45.34 26.52 -2.02
N GLN H 18 45.45 25.40 -1.31
CA GLN H 18 44.34 25.02 -0.45
C GLN H 18 44.31 25.89 0.80
N LYS H 19 45.45 26.31 1.31
CA LYS H 19 45.47 27.16 2.48
C LYS H 19 45.21 28.62 2.16
N SER H 20 45.37 29.04 0.91
CA SER H 20 45.17 30.42 0.54
C SER H 20 43.76 30.60 -0.02
N THR H 21 43.34 31.86 -0.18
CA THR H 21 41.95 32.11 -0.49
C THR H 21 41.75 33.21 -1.51
N GLU H 22 42.81 33.68 -2.15
CA GLU H 22 42.64 34.77 -3.09
C GLU H 22 42.04 34.25 -4.39
N LEU H 23 41.59 35.18 -5.22
CA LEU H 23 40.97 34.83 -6.49
C LEU H 23 42.03 34.40 -7.47
N LEU H 24 41.68 33.49 -8.37
CA LEU H 24 42.71 32.81 -9.13
C LEU H 24 42.62 33.09 -10.61
N ILE H 25 41.65 33.88 -11.03
CA ILE H 25 41.60 34.37 -12.40
C ILE H 25 41.70 35.88 -12.32
N ARG H 26 42.59 36.45 -13.13
CA ARG H 26 42.77 37.87 -13.20
C ARG H 26 41.47 38.57 -13.55
N LYS H 27 41.25 39.73 -12.94
CA LYS H 27 39.95 40.39 -13.00
C LYS H 27 39.62 40.87 -14.40
N LEU H 28 40.54 41.61 -15.02
CA LEU H 28 40.25 42.18 -16.33
C LEU H 28 40.08 41.15 -17.46
N PRO H 29 40.81 40.03 -17.52
CA PRO H 29 40.39 39.00 -18.49
C PRO H 29 39.07 38.37 -18.15
N PHE H 30 38.71 38.32 -16.88
CA PHE H 30 37.39 37.79 -16.55
C PHE H 30 36.30 38.79 -16.90
N GLN H 31 36.58 40.08 -16.71
CA GLN H 31 35.55 41.09 -16.93
C GLN H 31 35.27 41.25 -18.41
N ARG H 32 36.31 41.30 -19.23
CA ARG H 32 36.13 41.45 -20.66
C ARG H 32 35.50 40.23 -21.31
N LEU H 33 35.57 39.08 -20.63
CA LEU H 33 34.80 37.93 -21.08
C LEU H 33 33.33 38.13 -20.80
N VAL H 34 33.01 38.80 -19.69
CA VAL H 34 31.62 38.91 -19.27
C VAL H 34 30.85 39.83 -20.20
N ARG H 35 31.41 40.99 -20.52
CA ARG H 35 30.76 41.94 -21.40
C ARG H 35 30.59 41.43 -22.82
N GLU H 36 31.45 40.51 -23.25
CA GLU H 36 31.30 39.92 -24.59
C GLU H 36 30.03 39.08 -24.67
N ILE H 37 29.79 38.22 -23.67
CA ILE H 37 28.58 37.43 -23.67
C ILE H 37 27.37 38.26 -23.28
N ALA H 38 27.60 39.45 -22.71
CA ALA H 38 26.50 40.34 -22.37
C ALA H 38 25.78 40.84 -23.62
N GLN H 39 26.49 41.57 -24.48
CA GLN H 39 25.82 42.15 -25.63
C GLN H 39 25.53 41.13 -26.71
N ASP H 40 26.14 39.94 -26.61
CA ASP H 40 25.61 38.79 -27.32
C ASP H 40 24.22 38.44 -26.85
N PHE H 41 23.94 38.65 -25.57
CA PHE H 41 22.64 38.25 -25.07
C PHE H 41 21.67 39.42 -25.15
N LYS H 42 22.12 40.61 -24.74
CA LYS H 42 21.40 41.86 -24.96
C LYS H 42 22.39 43.00 -24.77
N THR H 43 22.38 43.99 -25.66
CA THR H 43 23.42 44.99 -25.62
C THR H 43 23.09 46.16 -24.69
N ASP H 44 24.00 47.14 -24.70
CA ASP H 44 23.91 48.39 -23.93
C ASP H 44 23.84 48.15 -22.44
N LEU H 45 24.74 47.32 -21.92
CA LEU H 45 24.67 46.89 -20.52
C LEU H 45 25.95 47.30 -19.80
N ARG H 46 25.78 47.89 -18.63
CA ARG H 46 26.89 48.17 -17.73
C ARG H 46 26.79 47.29 -16.50
N PHE H 47 27.90 47.21 -15.78
CA PHE H 47 27.99 46.31 -14.63
C PHE H 47 28.42 47.07 -13.40
N GLN H 48 27.85 46.70 -12.26
CA GLN H 48 28.38 47.14 -10.99
C GLN H 48 29.73 46.50 -10.74
N SER H 49 30.60 47.23 -10.05
CA SER H 49 31.98 46.80 -9.87
C SER H 49 32.07 45.61 -8.95
N SER H 50 31.08 45.43 -8.08
CA SER H 50 31.03 44.24 -7.24
C SER H 50 30.19 43.16 -7.88
N ALA H 51 29.46 43.47 -8.95
CA ALA H 51 28.60 42.47 -9.56
C ALA H 51 29.40 41.43 -10.31
N VAL H 52 30.51 41.82 -10.89
CA VAL H 52 31.38 40.84 -11.53
C VAL H 52 32.16 40.07 -10.48
N MET H 53 32.33 40.65 -9.30
CA MET H 53 33.10 39.99 -8.26
C MET H 53 32.39 38.76 -7.74
N ALA H 54 31.08 38.87 -7.48
CA ALA H 54 30.33 37.68 -7.13
C ALA H 54 30.22 36.73 -8.29
N LEU H 55 30.18 37.26 -9.51
CA LEU H 55 30.10 36.42 -10.69
C LEU H 55 31.38 35.63 -10.86
N GLN H 56 32.50 36.19 -10.42
CA GLN H 56 33.75 35.46 -10.45
C GLN H 56 33.73 34.30 -9.49
N GLU H 57 33.34 34.55 -8.24
CA GLU H 57 33.38 33.49 -7.24
C GLU H 57 32.23 32.52 -7.44
N ALA H 58 31.24 32.90 -8.24
CA ALA H 58 30.28 31.90 -8.70
C ALA H 58 30.94 30.88 -9.59
N SER H 59 31.69 31.36 -10.58
CA SER H 59 32.31 30.45 -11.53
C SER H 59 33.47 29.70 -10.90
N GLU H 60 34.22 30.40 -10.03
CA GLU H 60 35.44 29.79 -9.51
C GLU H 60 35.12 28.67 -8.53
N ALA H 61 34.14 28.90 -7.65
CA ALA H 61 33.71 27.82 -6.77
C ALA H 61 32.98 26.74 -7.54
N TYR H 62 32.42 27.07 -8.70
CA TYR H 62 31.88 26.04 -9.55
C TYR H 62 33.00 25.25 -10.21
N LEU H 63 34.07 25.92 -10.60
CA LEU H 63 35.17 25.21 -11.27
C LEU H 63 35.99 24.39 -10.30
N VAL H 64 36.12 24.82 -9.05
CA VAL H 64 36.74 23.95 -8.05
C VAL H 64 35.82 22.77 -7.77
N GLY H 65 34.52 23.02 -7.72
CA GLY H 65 33.56 21.96 -7.48
C GLY H 65 33.41 21.02 -8.66
N LEU H 66 33.99 21.38 -9.80
CA LEU H 66 34.10 20.43 -10.90
C LEU H 66 35.44 19.71 -10.84
N PHE H 67 36.51 20.46 -10.62
CA PHE H 67 37.85 19.90 -10.74
C PHE H 67 38.14 18.94 -9.60
N GLU H 68 37.76 19.31 -8.38
CA GLU H 68 37.84 18.39 -7.26
C GLU H 68 36.95 17.17 -7.49
N ASP H 69 35.86 17.33 -8.22
CA ASP H 69 35.05 16.17 -8.57
C ASP H 69 35.69 15.34 -9.68
N THR H 70 36.18 15.98 -10.73
CA THR H 70 36.72 15.19 -11.84
C THR H 70 38.04 14.54 -11.50
N ASN H 71 38.70 14.96 -10.42
CA ASN H 71 39.85 14.24 -9.92
C ASN H 71 39.48 12.86 -9.43
N LEU H 72 38.28 12.74 -8.87
CA LEU H 72 37.82 11.46 -8.33
C LEU H 72 37.58 10.43 -9.42
N CYS H 73 37.24 10.86 -10.63
CA CYS H 73 37.03 9.91 -11.71
C CYS H 73 38.35 9.39 -12.23
N ALA H 74 39.35 10.27 -12.33
CA ALA H 74 40.65 9.85 -12.84
C ALA H 74 41.36 8.93 -11.87
N ILE H 75 41.10 9.10 -10.57
CA ILE H 75 41.52 8.11 -9.59
C ILE H 75 40.81 6.80 -9.84
N HIS H 76 39.53 6.87 -10.18
CA HIS H 76 38.73 5.67 -10.33
C HIS H 76 39.11 4.86 -11.55
N ALA H 77 39.74 5.47 -12.54
CA ALA H 77 40.29 4.76 -13.68
C ALA H 77 41.74 4.38 -13.48
N LYS H 78 42.22 4.46 -12.24
CA LYS H 78 43.61 4.15 -11.85
C LYS H 78 44.61 4.98 -12.65
N ARG H 79 44.39 6.29 -12.68
CA ARG H 79 45.33 7.23 -13.24
C ARG H 79 45.50 8.38 -12.27
N VAL H 80 46.41 9.28 -12.59
CA VAL H 80 46.63 10.47 -11.78
C VAL H 80 46.50 11.73 -12.60
N THR H 81 46.10 11.62 -13.85
CA THR H 81 45.90 12.77 -14.73
C THR H 81 44.46 12.80 -15.20
N ILE H 82 43.91 13.99 -15.30
CA ILE H 82 42.58 14.16 -15.85
C ILE H 82 42.68 14.28 -17.36
N MET H 83 41.68 13.76 -18.06
CA MET H 83 41.58 13.82 -19.50
C MET H 83 40.19 14.33 -19.83
N PRO H 84 39.96 14.85 -21.05
CA PRO H 84 38.63 15.39 -21.35
C PRO H 84 37.50 14.38 -21.39
N LYS H 85 37.76 13.10 -21.20
CA LYS H 85 36.67 12.20 -20.88
C LYS H 85 36.37 12.19 -19.39
N ASP H 86 37.30 12.62 -18.54
CA ASP H 86 37.01 12.65 -17.12
C ASP H 86 36.03 13.77 -16.79
N ILE H 87 36.29 14.97 -17.29
CA ILE H 87 35.37 16.07 -17.07
C ILE H 87 34.06 15.83 -17.81
N GLN H 88 34.10 15.09 -18.92
CA GLN H 88 32.89 14.70 -19.61
C GLN H 88 32.06 13.73 -18.77
N LEU H 89 32.71 12.94 -17.94
CA LEU H 89 31.95 12.13 -16.99
C LEU H 89 31.31 12.99 -15.92
N ALA H 90 31.94 14.11 -15.56
CA ALA H 90 31.54 14.85 -14.38
C ALA H 90 30.20 15.53 -14.58
N ARG H 91 30.04 16.25 -15.68
CA ARG H 91 28.76 16.91 -15.91
C ARG H 91 27.66 15.94 -16.32
N ARG H 92 28.03 14.76 -16.81
CA ARG H 92 27.02 13.77 -17.16
C ARG H 92 26.36 13.22 -15.92
N ILE H 93 27.13 13.04 -14.86
CA ILE H 93 26.55 12.58 -13.61
C ILE H 93 25.86 13.73 -12.89
N ARG H 94 26.46 14.92 -12.94
CA ARG H 94 25.94 16.07 -12.22
C ARG H 94 24.61 16.56 -12.78
N GLY H 95 24.38 16.38 -14.08
CA GLY H 95 23.10 16.80 -14.62
C GLY H 95 23.19 17.86 -15.69
N GLU H 96 24.23 17.82 -16.50
CA GLU H 96 24.29 18.66 -17.69
C GLU H 96 24.21 17.86 -18.97
N ARG H 97 25.11 16.89 -19.17
CA ARG H 97 25.19 16.12 -20.40
C ARG H 97 24.57 14.74 -20.22
N ALA H 98 23.45 14.67 -19.49
CA ALA H 98 22.76 13.43 -19.22
C ALA H 98 22.16 12.81 -20.48
N PRO I 1 22.49 -29.76 -22.47
CA PRO I 1 21.89 -29.33 -23.74
C PRO I 1 22.66 -28.19 -24.38
N HIS I 2 21.92 -27.22 -24.90
CA HIS I 2 22.51 -26.01 -25.46
C HIS I 2 22.52 -24.95 -24.37
N ARG I 3 23.71 -24.40 -24.11
CA ARG I 3 23.83 -23.23 -23.25
C ARG I 3 24.20 -22.02 -24.10
N TYR I 4 23.61 -20.88 -23.78
CA TYR I 4 23.87 -19.65 -24.50
C TYR I 4 25.26 -19.12 -24.16
N ARG I 5 25.66 -18.09 -24.90
CA ARG I 5 26.85 -17.35 -24.52
C ARG I 5 26.55 -16.47 -23.31
N PRO I 6 27.47 -16.41 -22.36
CA PRO I 6 27.22 -15.57 -21.17
C PRO I 6 27.26 -14.10 -21.51
N GLY I 7 26.35 -13.36 -20.90
CA GLY I 7 26.13 -11.96 -21.23
C GLY I 7 25.03 -11.77 -22.27
N THR I 8 24.93 -12.70 -23.21
CA THR I 8 23.97 -12.53 -24.29
C THR I 8 22.54 -12.73 -23.82
N VAL I 9 22.32 -13.55 -22.80
CA VAL I 9 20.99 -13.59 -22.21
C VAL I 9 20.75 -12.32 -21.42
N ALA I 10 21.80 -11.83 -20.76
CA ALA I 10 21.68 -10.60 -19.98
C ALA I 10 21.40 -9.41 -20.86
N LEU I 11 21.98 -9.39 -22.07
CA LEU I 11 21.70 -8.30 -22.99
C LEU I 11 20.27 -8.36 -23.49
N ARG I 12 19.68 -9.55 -23.56
CA ARG I 12 18.29 -9.67 -23.97
C ARG I 12 17.37 -9.09 -22.91
N GLU I 13 17.76 -9.23 -21.64
CA GLU I 13 16.95 -8.67 -20.56
C GLU I 13 17.02 -7.16 -20.50
N ILE I 14 18.04 -6.54 -21.09
CA ILE I 14 18.06 -5.08 -21.21
C ILE I 14 16.93 -4.62 -22.10
N ARG I 15 16.84 -5.19 -23.30
CA ARG I 15 15.81 -4.80 -24.24
C ARG I 15 14.44 -5.30 -23.82
N ARG I 16 14.37 -6.31 -22.97
CA ARG I 16 13.08 -6.73 -22.44
C ARG I 16 12.61 -5.76 -21.37
N TYR I 17 13.53 -5.26 -20.55
CA TYR I 17 13.11 -4.44 -19.44
C TYR I 17 13.11 -2.96 -19.76
N GLN I 18 13.82 -2.52 -20.80
CA GLN I 18 13.70 -1.13 -21.19
C GLN I 18 12.38 -0.86 -21.89
N LYS I 19 11.87 -1.82 -22.64
CA LYS I 19 10.60 -1.62 -23.31
C LYS I 19 9.40 -1.85 -22.40
N SER I 20 9.58 -2.54 -21.29
CA SER I 20 8.47 -2.83 -20.39
C SER I 20 8.45 -1.80 -19.26
N THR I 21 7.36 -1.78 -18.50
CA THR I 21 7.18 -0.69 -17.55
C THR I 21 6.61 -1.14 -16.22
N GLU I 22 6.53 -2.44 -15.98
CA GLU I 22 5.96 -2.89 -14.72
C GLU I 22 6.94 -2.68 -13.57
N LEU I 23 6.43 -2.79 -12.36
CA LEU I 23 7.25 -2.59 -11.18
C LEU I 23 8.12 -3.81 -10.96
N LEU I 24 9.31 -3.60 -10.41
CA LEU I 24 10.32 -4.63 -10.46
C LEU I 24 10.70 -5.14 -9.09
N ILE I 25 10.11 -4.61 -8.03
CA ILE I 25 10.25 -5.18 -6.71
C ILE I 25 8.86 -5.59 -6.27
N ARG I 26 8.77 -6.82 -5.77
CA ARG I 26 7.52 -7.36 -5.27
C ARG I 26 6.96 -6.47 -4.17
N LYS I 27 5.63 -6.34 -4.16
CA LYS I 27 4.97 -5.35 -3.32
C LYS I 27 5.12 -5.66 -1.85
N LEU I 28 4.80 -6.89 -1.45
CA LEU I 28 4.82 -7.24 -0.03
C LEU I 28 6.21 -7.24 0.60
N PRO I 29 7.31 -7.64 -0.05
CA PRO I 29 8.61 -7.37 0.55
C PRO I 29 8.94 -5.89 0.59
N PHE I 30 8.42 -5.11 -0.33
CA PHE I 30 8.67 -3.68 -0.23
C PHE I 30 7.83 -3.07 0.88
N GLN I 31 6.61 -3.56 1.07
CA GLN I 31 5.73 -2.95 2.06
C GLN I 31 6.19 -3.25 3.47
N ARG I 32 6.59 -4.51 3.72
CA ARG I 32 7.05 -4.88 5.05
C ARG I 32 8.38 -4.26 5.39
N LEU I 33 9.13 -3.79 4.39
CA LEU I 33 10.31 -2.99 4.67
C LEU I 33 9.90 -1.61 5.13
N VAL I 34 8.80 -1.08 4.60
CA VAL I 34 8.42 0.29 4.88
C VAL I 34 7.94 0.44 6.30
N ARG I 35 7.07 -0.47 6.76
CA ARG I 35 6.55 -0.41 8.11
C ARG I 35 7.61 -0.64 9.17
N GLU I 36 8.69 -1.35 8.84
CA GLU I 36 9.78 -1.55 9.78
C GLU I 36 10.49 -0.23 10.09
N ILE I 37 10.80 0.54 9.06
CA ILE I 37 11.43 1.83 9.27
C ILE I 37 10.43 2.86 9.77
N ALA I 38 9.14 2.57 9.63
CA ALA I 38 8.11 3.46 10.14
C ALA I 38 8.15 3.55 11.66
N GLN I 39 7.91 2.43 12.34
CA GLN I 39 7.83 2.48 13.79
C GLN I 39 9.21 2.61 14.45
N ASP I 40 10.27 2.38 13.67
CA ASP I 40 11.57 2.87 14.06
C ASP I 40 11.59 4.39 14.14
N PHE I 41 10.83 5.04 13.26
CA PHE I 41 10.87 6.49 13.26
C PHE I 41 9.80 7.05 14.16
N LYS I 42 8.59 6.51 14.07
CA LYS I 42 7.49 6.77 15.01
C LYS I 42 6.45 5.67 14.85
N THR I 43 5.95 5.14 15.95
CA THR I 43 5.11 3.96 15.83
C THR I 43 3.64 4.32 15.62
N ASP I 44 2.82 3.26 15.61
CA ASP I 44 1.36 3.30 15.47
C ASP I 44 0.93 3.96 14.16
N LEU I 45 1.52 3.54 13.05
CA LEU I 45 1.29 4.19 11.77
C LEU I 45 0.70 3.21 10.78
N ARG I 46 -0.35 3.64 10.09
CA ARG I 46 -0.91 2.88 8.98
C ARG I 46 -0.65 3.61 7.68
N PHE I 47 -0.81 2.90 6.58
CA PHE I 47 -0.49 3.44 5.27
C PHE I 47 -1.67 3.30 4.33
N GLN I 48 -1.87 4.31 3.50
CA GLN I 48 -2.78 4.18 2.38
C GLN I 48 -2.21 3.21 1.37
N SER I 49 -3.11 2.50 0.70
CA SER I 49 -2.69 1.42 -0.19
C SER I 49 -2.02 1.95 -1.44
N SER I 50 -2.31 3.20 -1.81
CA SER I 50 -1.60 3.83 -2.91
C SER I 50 -0.40 4.62 -2.42
N ALA I 51 -0.28 4.82 -1.11
CA ALA I 51 0.82 5.63 -0.59
C ALA I 51 2.14 4.89 -0.70
N VAL I 52 2.12 3.57 -0.54
CA VAL I 52 3.34 2.80 -0.74
C VAL I 52 3.64 2.66 -2.22
N MET I 53 2.61 2.79 -3.06
CA MET I 53 2.81 2.63 -4.49
C MET I 53 3.65 3.75 -5.06
N ALA I 54 3.35 4.99 -4.69
CA ALA I 54 4.20 6.10 -5.09
C ALA I 54 5.56 6.00 -4.43
N LEU I 55 5.60 5.48 -3.20
CA LEU I 55 6.85 5.33 -2.51
C LEU I 55 7.73 4.30 -3.18
N GLN I 56 7.11 3.31 -3.83
CA GLN I 56 7.87 2.35 -4.59
C GLN I 56 8.51 2.99 -5.81
N GLU I 57 7.71 3.71 -6.59
CA GLU I 57 8.24 4.30 -7.81
C GLU I 57 9.12 5.50 -7.52
N ALA I 58 9.06 6.02 -6.30
CA ALA I 58 10.07 6.96 -5.86
C ALA I 58 11.43 6.29 -5.78
N SER I 59 11.48 5.14 -5.11
CA SER I 59 12.75 4.47 -4.91
C SER I 59 13.22 3.83 -6.20
N GLU I 60 12.29 3.29 -6.98
CA GLU I 60 12.69 2.53 -8.16
C GLU I 60 13.25 3.44 -9.23
N ALA I 61 12.61 4.58 -9.46
CA ALA I 61 13.16 5.53 -10.41
C ALA I 61 14.42 6.18 -9.86
N TYR I 62 14.58 6.19 -8.54
CA TYR I 62 15.84 6.62 -7.98
C TYR I 62 16.92 5.58 -8.18
N LEU I 63 16.56 4.30 -8.08
CA LEU I 63 17.55 3.25 -8.24
C LEU I 63 17.93 3.05 -9.70
N VAL I 64 17.02 3.27 -10.64
CA VAL I 64 17.41 3.29 -12.03
C VAL I 64 18.29 4.50 -12.31
N GLY I 65 17.94 5.63 -11.71
CA GLY I 65 18.74 6.83 -11.89
C GLY I 65 20.08 6.77 -11.19
N LEU I 66 20.29 5.77 -10.36
CA LEU I 66 21.63 5.49 -9.85
C LEU I 66 22.34 4.48 -10.71
N PHE I 67 21.64 3.40 -11.08
CA PHE I 67 22.29 2.29 -11.76
C PHE I 67 22.68 2.67 -13.17
N GLU I 68 21.80 3.36 -13.88
CA GLU I 68 22.15 3.92 -15.18
C GLU I 68 23.28 4.92 -15.06
N ASP I 69 23.38 5.61 -13.93
CA ASP I 69 24.51 6.49 -13.73
C ASP I 69 25.77 5.72 -13.38
N THR I 70 25.70 4.74 -12.48
CA THR I 70 26.92 4.06 -12.08
C THR I 70 27.46 3.14 -13.15
N ASN I 71 26.65 2.84 -14.17
CA ASN I 71 27.17 2.14 -15.34
C ASN I 71 28.17 2.99 -16.09
N LEU I 72 27.96 4.31 -16.10
CA LEU I 72 28.84 5.21 -16.80
C LEU I 72 30.22 5.30 -16.17
N CYS I 73 30.33 5.07 -14.88
CA CYS I 73 31.64 5.10 -14.24
C CYS I 73 32.43 3.85 -14.55
N ALA I 74 31.75 2.70 -14.59
CA ALA I 74 32.43 1.45 -14.86
C ALA I 74 32.88 1.37 -16.30
N ILE I 75 32.16 2.03 -17.20
CA ILE I 75 32.66 2.23 -18.56
C ILE I 75 33.90 3.10 -18.52
N HIS I 76 33.90 4.12 -17.66
CA HIS I 76 34.98 5.08 -17.65
C HIS I 76 36.27 4.49 -17.09
N ALA I 77 36.17 3.42 -16.31
CA ALA I 77 37.35 2.70 -15.85
C ALA I 77 37.71 1.55 -16.78
N LYS I 78 37.14 1.54 -17.99
CA LYS I 78 37.35 0.50 -19.00
C LYS I 78 37.01 -0.89 -18.47
N ARG I 79 35.84 -1.01 -17.87
CA ARG I 79 35.29 -2.29 -17.46
C ARG I 79 33.86 -2.36 -17.93
N VAL I 80 33.24 -3.53 -17.72
CA VAL I 80 31.84 -3.73 -18.06
C VAL I 80 31.04 -4.20 -16.86
N THR I 81 31.66 -4.27 -15.68
CA THR I 81 30.99 -4.67 -14.46
C THR I 81 31.06 -3.55 -13.44
N ILE I 82 29.99 -3.37 -12.69
CA ILE I 82 29.99 -2.41 -11.60
C ILE I 82 30.53 -3.07 -10.36
N MET I 83 31.23 -2.29 -9.54
CA MET I 83 31.79 -2.72 -8.28
C MET I 83 31.38 -1.71 -7.24
N PRO I 84 31.42 -2.07 -5.95
CA PRO I 84 30.97 -1.11 -4.93
C PRO I 84 31.81 0.14 -4.78
N LYS I 85 32.91 0.28 -5.52
CA LYS I 85 33.50 1.61 -5.64
C LYS I 85 32.85 2.40 -6.76
N ASP I 86 32.16 1.76 -7.71
CA ASP I 86 31.49 2.53 -8.75
C ASP I 86 30.29 3.25 -8.20
N ILE I 87 29.43 2.55 -7.46
CA ILE I 87 28.28 3.19 -6.85
C ILE I 87 28.73 4.17 -5.77
N GLN I 88 29.88 3.92 -5.14
CA GLN I 88 30.44 4.87 -4.18
C GLN I 88 30.89 6.15 -4.88
N LEU I 89 31.29 6.06 -6.14
CA LEU I 89 31.55 7.26 -6.89
C LEU I 89 30.27 8.02 -7.20
N ALA I 90 29.16 7.30 -7.35
CA ALA I 90 27.96 7.91 -7.90
C ALA I 90 27.33 8.89 -6.91
N ARG I 91 27.15 8.46 -5.66
CA ARG I 91 26.57 9.38 -4.70
C ARG I 91 27.54 10.46 -4.25
N ARG I 92 28.83 10.23 -4.42
CA ARG I 92 29.81 11.25 -4.06
C ARG I 92 29.72 12.43 -5.02
N ILE I 93 29.49 12.17 -6.28
CA ILE I 93 29.32 13.24 -7.24
C ILE I 93 27.93 13.85 -7.12
N ARG I 94 26.92 13.00 -6.91
CA ARG I 94 25.54 13.44 -6.86
C ARG I 94 25.25 14.32 -5.66
N GLY I 95 25.94 14.11 -4.55
CA GLY I 95 25.71 14.97 -3.40
C GLY I 95 25.23 14.25 -2.17
N GLU I 96 25.68 13.03 -1.95
CA GLU I 96 25.45 12.35 -0.69
C GLU I 96 26.72 12.16 0.12
N ARG I 97 27.73 11.52 -0.46
CA ARG I 97 28.96 11.19 0.26
C ARG I 97 30.08 12.15 -0.14
N ALA I 98 29.75 13.43 -0.29
CA ALA I 98 30.71 14.45 -0.68
C ALA I 98 31.76 14.69 0.40
N LEU J 6 43.77 40.24 -32.25
CA LEU J 6 44.76 40.27 -31.18
C LEU J 6 44.66 39.02 -30.31
N ARG J 7 43.61 38.96 -29.49
CA ARG J 7 43.34 37.83 -28.63
C ARG J 7 41.84 37.64 -28.50
N ASP J 8 41.42 36.41 -28.26
CA ASP J 8 40.02 36.13 -27.92
C ASP J 8 39.80 36.34 -26.43
N ASN J 9 38.63 36.87 -26.10
CA ASN J 9 38.31 37.04 -24.68
C ASN J 9 38.06 35.69 -24.01
N ILE J 10 37.59 34.70 -24.76
CA ILE J 10 37.49 33.35 -24.21
C ILE J 10 38.89 32.79 -23.99
N GLN J 11 39.86 33.18 -24.82
CA GLN J 11 41.25 32.87 -24.54
C GLN J 11 41.86 33.84 -23.53
N GLY J 12 41.10 34.81 -23.04
CA GLY J 12 41.53 35.53 -21.85
C GLY J 12 41.58 34.64 -20.63
N ILE J 13 40.70 33.64 -20.55
CA ILE J 13 40.85 32.61 -19.53
C ILE J 13 42.06 31.79 -19.93
N THR J 14 43.17 32.00 -19.24
CA THR J 14 44.43 31.58 -19.82
C THR J 14 44.87 30.24 -19.27
N LYS J 15 45.72 29.57 -20.04
CA LYS J 15 46.18 28.23 -19.69
C LYS J 15 46.95 28.14 -18.36
N PRO J 16 47.75 29.12 -17.92
CA PRO J 16 48.20 29.08 -16.53
C PRO J 16 47.11 29.27 -15.50
N ALA J 17 45.96 29.85 -15.86
CA ALA J 17 44.94 30.08 -14.84
C ALA J 17 44.22 28.80 -14.46
N ILE J 18 43.84 28.00 -15.46
CA ILE J 18 43.15 26.75 -15.14
C ILE J 18 44.12 25.77 -14.51
N ARG J 19 45.40 25.85 -14.89
CA ARG J 19 46.43 25.07 -14.22
C ARG J 19 46.56 25.48 -12.77
N ARG J 20 46.51 26.78 -12.51
CA ARG J 20 46.49 27.24 -11.12
C ARG J 20 45.19 26.89 -10.43
N LEU J 21 44.11 26.71 -11.20
CA LEU J 21 42.82 26.50 -10.58
C LEU J 21 42.70 25.08 -10.05
N ALA J 22 43.15 24.10 -10.81
CA ALA J 22 43.06 22.71 -10.39
C ALA J 22 43.94 22.41 -9.20
N ARG J 23 44.99 23.22 -9.00
CA ARG J 23 45.81 23.06 -7.82
C ARG J 23 45.04 23.39 -6.57
N ARG J 24 44.07 24.31 -6.67
CA ARG J 24 43.14 24.49 -5.57
C ARG J 24 42.21 23.30 -5.47
N GLY J 25 41.83 22.72 -6.60
CA GLY J 25 41.00 21.54 -6.52
C GLY J 25 41.75 20.27 -6.23
N GLY J 26 43.08 20.30 -6.23
CA GLY J 26 43.83 19.12 -5.86
C GLY J 26 44.03 18.12 -6.98
N VAL J 27 44.23 18.58 -8.19
CA VAL J 27 44.61 17.73 -9.31
C VAL J 27 46.11 17.82 -9.49
N LYS J 28 46.77 16.66 -9.56
CA LYS J 28 48.22 16.63 -9.65
C LYS J 28 48.73 17.11 -11.01
N ARG J 29 48.33 16.43 -12.07
CA ARG J 29 48.89 16.69 -13.40
C ARG J 29 47.78 16.69 -14.43
N ILE J 30 47.83 17.64 -15.36
CA ILE J 30 46.72 17.92 -16.24
C ILE J 30 47.10 17.50 -17.66
N SER J 31 46.11 17.09 -18.44
CA SER J 31 46.29 16.97 -19.88
C SER J 31 46.16 18.32 -20.54
N GLY J 32 46.85 18.49 -21.67
CA GLY J 32 46.81 19.74 -22.40
C GLY J 32 45.54 19.96 -23.17
N LEU J 33 44.72 18.93 -23.32
CA LEU J 33 43.44 19.07 -23.98
C LEU J 33 42.36 19.60 -23.04
N ILE J 34 42.65 19.67 -21.74
CA ILE J 34 41.67 20.14 -20.77
C ILE J 34 41.40 21.62 -20.96
N TYR J 35 42.43 22.38 -21.37
CA TYR J 35 42.33 23.83 -21.47
C TYR J 35 41.32 24.28 -22.53
N GLU J 36 41.07 23.44 -23.53
CA GLU J 36 40.06 23.80 -24.50
C GLU J 36 38.76 23.07 -24.28
N GLU J 37 38.68 22.28 -23.21
CA GLU J 37 37.38 21.71 -22.84
C GLU J 37 36.69 22.57 -21.79
N THR J 38 37.43 23.02 -20.77
CA THR J 38 36.82 23.76 -19.68
C THR J 38 36.35 25.12 -20.16
N ARG J 39 37.02 25.70 -21.15
CA ARG J 39 36.54 26.92 -21.78
C ARG J 39 35.14 26.74 -22.35
N GLY J 40 34.84 25.54 -22.87
CA GLY J 40 33.48 25.23 -23.22
C GLY J 40 32.60 25.05 -22.01
N VAL J 41 33.14 24.51 -20.92
CA VAL J 41 32.35 24.25 -19.73
C VAL J 41 32.03 25.54 -19.02
N LEU J 42 33.00 26.46 -18.98
CA LEU J 42 32.78 27.74 -18.33
C LEU J 42 31.80 28.58 -19.12
N LYS J 43 31.92 28.59 -20.45
CA LYS J 43 31.08 29.45 -21.25
C LYS J 43 29.65 28.93 -21.33
N VAL J 44 29.47 27.62 -21.21
CA VAL J 44 28.09 27.13 -21.12
C VAL J 44 27.55 27.38 -19.72
N PHE J 45 28.43 27.57 -18.75
CA PHE J 45 27.96 27.92 -17.43
C PHE J 45 27.52 29.36 -17.39
N LEU J 46 28.25 30.25 -18.05
CA LEU J 46 27.88 31.66 -18.04
C LEU J 46 26.61 31.90 -18.84
N GLU J 47 26.45 31.21 -19.97
CA GLU J 47 25.23 31.38 -20.76
C GLU J 47 23.99 30.82 -20.09
N ASN J 48 24.10 30.18 -18.93
CA ASN J 48 22.91 30.05 -18.11
C ASN J 48 22.78 31.24 -17.18
N VAL J 49 23.85 31.57 -16.46
CA VAL J 49 23.67 32.54 -15.38
C VAL J 49 23.59 33.97 -15.92
N ILE J 50 24.37 34.29 -16.94
CA ILE J 50 24.30 35.64 -17.46
C ILE J 50 23.06 35.81 -18.33
N ARG J 51 22.48 34.70 -18.78
CA ARG J 51 21.13 34.72 -19.31
C ARG J 51 20.15 35.10 -18.22
N ASP J 52 20.34 34.54 -17.04
CA ASP J 52 19.39 34.83 -15.99
C ASP J 52 19.67 36.20 -15.39
N ALA J 53 20.93 36.61 -15.40
CA ALA J 53 21.31 37.87 -14.76
C ALA J 53 20.75 39.08 -15.48
N VAL J 54 20.65 39.01 -16.81
CA VAL J 54 20.12 40.14 -17.55
C VAL J 54 18.60 40.23 -17.39
N THR J 55 17.93 39.06 -17.27
CA THR J 55 16.47 39.02 -17.35
C THR J 55 15.80 39.61 -16.11
N TYR J 56 16.50 39.58 -14.97
CA TYR J 56 16.02 40.34 -13.82
C TYR J 56 16.12 41.83 -14.11
N THR J 57 17.28 42.29 -14.58
CA THR J 57 17.44 43.70 -14.92
C THR J 57 16.57 44.08 -16.09
N GLU J 58 16.28 43.12 -16.97
CA GLU J 58 15.28 43.31 -18.00
C GLU J 58 13.92 43.57 -17.39
N HIS J 59 13.60 42.86 -16.32
CA HIS J 59 12.31 43.07 -15.67
C HIS J 59 12.28 44.39 -14.91
N ALA J 60 13.38 44.76 -14.27
CA ALA J 60 13.40 46.02 -13.53
C ALA J 60 13.52 47.23 -14.44
N LYS J 61 13.64 47.02 -15.75
CA LYS J 61 13.76 48.06 -16.77
C LYS J 61 14.96 48.97 -16.50
N ARG J 62 16.01 48.37 -15.97
CA ARG J 62 17.28 49.03 -15.73
C ARG J 62 18.19 48.76 -16.92
N LYS J 63 19.18 49.62 -17.12
CA LYS J 63 20.20 49.32 -18.11
C LYS J 63 21.53 48.98 -17.47
N THR J 64 21.55 48.78 -16.15
CA THR J 64 22.74 48.34 -15.45
C THR J 64 22.44 47.06 -14.72
N VAL J 65 23.42 46.17 -14.68
CA VAL J 65 23.32 44.95 -13.90
C VAL J 65 23.80 45.22 -12.49
N THR J 66 23.05 44.78 -11.49
CA THR J 66 23.50 44.95 -10.12
C THR J 66 23.96 43.61 -9.58
N ALA J 67 24.63 43.67 -8.43
CA ALA J 67 25.11 42.44 -7.81
C ALA J 67 23.97 41.62 -7.23
N MET J 68 22.91 42.29 -6.75
CA MET J 68 21.82 41.60 -6.10
C MET J 68 21.03 40.74 -7.06
N ASP J 69 21.06 41.08 -8.33
CA ASP J 69 20.39 40.26 -9.31
C ASP J 69 21.16 39.01 -9.64
N VAL J 70 22.48 39.03 -9.47
CA VAL J 70 23.28 37.87 -9.78
C VAL J 70 22.98 36.76 -8.79
N VAL J 71 22.75 37.15 -7.54
CA VAL J 71 22.30 36.18 -6.54
C VAL J 71 20.91 35.69 -6.89
N TYR J 72 20.04 36.57 -7.35
CA TYR J 72 18.70 36.13 -7.73
C TYR J 72 18.74 35.38 -9.04
N ALA J 73 19.81 35.53 -9.81
CA ALA J 73 20.04 34.61 -10.90
C ALA J 73 20.55 33.29 -10.39
N LEU J 74 21.56 33.31 -9.52
CA LEU J 74 22.16 32.07 -9.06
C LEU J 74 21.30 31.34 -8.06
N LYS J 75 20.23 31.95 -7.57
CA LYS J 75 19.35 31.26 -6.63
C LYS J 75 18.59 30.16 -7.34
N ARG J 76 17.91 30.50 -8.44
CA ARG J 76 17.15 29.47 -9.14
C ARG J 76 18.03 28.57 -9.98
N GLN J 77 19.33 28.84 -10.06
CA GLN J 77 20.23 27.88 -10.66
C GLN J 77 20.44 26.67 -9.76
N GLY J 78 20.18 26.82 -8.47
CA GLY J 78 20.58 25.83 -7.50
C GLY J 78 21.97 26.05 -6.94
N ARG J 79 22.62 27.15 -7.31
CA ARG J 79 24.00 27.43 -6.96
C ARG J 79 24.00 28.69 -6.10
N THR J 80 23.18 28.68 -5.06
CA THR J 80 23.00 29.85 -4.20
C THR J 80 24.30 30.24 -3.51
N LEU J 81 24.50 31.54 -3.38
CA LEU J 81 25.78 32.10 -3.00
C LEU J 81 25.56 33.20 -1.98
N TYR J 82 26.40 33.18 -0.95
CA TYR J 82 26.25 34.08 0.18
C TYR J 82 27.22 35.24 0.03
N GLY J 83 27.25 36.06 1.07
CA GLY J 83 28.28 37.07 1.20
C GLY J 83 28.17 38.25 0.27
N PHE J 84 27.01 38.51 -0.31
CA PHE J 84 26.88 39.68 -1.16
C PHE J 84 25.56 40.39 -0.96
N GLY J 85 24.94 40.25 0.20
CA GLY J 85 23.62 40.82 0.40
C GLY J 85 22.55 39.94 -0.18
N GLY J 86 21.41 39.85 0.50
CA GLY J 86 20.31 39.02 0.03
C GLY J 86 20.57 37.53 0.09
N ARG K 1 8.80 -19.03 9.82
CA ARG K 1 8.71 -19.69 11.16
C ARG K 1 9.02 -18.66 12.25
N HIS K 2 8.53 -17.43 12.08
CA HIS K 2 8.76 -16.34 13.08
C HIS K 2 10.26 -16.25 13.40
N ARG K 3 11.09 -15.94 12.39
CA ARG K 3 12.56 -15.83 12.59
C ARG K 3 13.05 -14.49 12.04
N LYS K 4 12.13 -13.69 11.47
CA LYS K 4 12.50 -12.37 10.89
C LYS K 4 11.78 -11.25 11.65
N VAL K 5 10.65 -11.58 12.30
CA VAL K 5 9.90 -10.56 13.04
C VAL K 5 10.49 -9.18 12.82
N LEU K 6 10.08 -8.58 11.69
CA LEU K 6 10.41 -7.17 11.31
C LEU K 6 11.90 -6.82 11.42
N ARG K 7 12.79 -7.73 11.01
CA ARG K 7 14.21 -7.38 11.00
C ARG K 7 14.82 -7.53 9.62
N ASP K 8 14.65 -8.68 8.99
CA ASP K 8 15.42 -9.01 7.80
C ASP K 8 14.69 -8.59 6.53
N ASN K 9 13.88 -7.54 6.62
CA ASN K 9 13.14 -7.08 5.46
C ASN K 9 14.02 -6.41 4.44
N ILE K 10 15.21 -5.97 4.84
CA ILE K 10 16.21 -5.47 3.90
C ILE K 10 16.68 -6.60 2.99
N GLN K 11 16.59 -7.85 3.44
CA GLN K 11 16.83 -8.94 2.53
C GLN K 11 15.61 -9.23 1.65
N GLY K 12 14.48 -8.57 1.89
CA GLY K 12 13.34 -8.71 1.00
C GLY K 12 13.60 -8.20 -0.39
N ILE K 13 14.46 -7.19 -0.51
CA ILE K 13 14.96 -6.76 -1.81
C ILE K 13 15.95 -7.82 -2.24
N THR K 14 15.48 -8.82 -2.97
CA THR K 14 16.31 -9.99 -3.11
C THR K 14 17.38 -9.80 -4.16
N LYS K 15 18.30 -10.75 -4.19
CA LYS K 15 19.39 -10.70 -5.14
C LYS K 15 18.95 -10.83 -6.60
N PRO K 16 17.94 -11.63 -6.97
CA PRO K 16 17.41 -11.50 -8.33
C PRO K 16 16.69 -10.19 -8.60
N ALA K 17 16.19 -9.50 -7.58
CA ALA K 17 15.43 -8.27 -7.85
C ALA K 17 16.36 -7.16 -8.33
N ILE K 18 17.45 -6.93 -7.61
CA ILE K 18 18.41 -5.94 -8.05
C ILE K 18 19.14 -6.43 -9.28
N ARG K 19 19.25 -7.76 -9.45
CA ARG K 19 19.67 -8.32 -10.72
C ARG K 19 18.72 -7.90 -11.83
N ARG K 20 17.42 -8.01 -11.55
CA ARG K 20 16.42 -7.57 -12.51
C ARG K 20 16.42 -6.06 -12.65
N LEU K 21 16.77 -5.34 -11.58
CA LEU K 21 16.62 -3.89 -11.59
C LEU K 21 17.68 -3.23 -12.45
N ALA K 22 18.91 -3.72 -12.39
CA ALA K 22 19.98 -3.13 -13.17
C ALA K 22 19.83 -3.44 -14.65
N ARG K 23 19.05 -4.46 -14.99
CA ARG K 23 18.80 -4.74 -16.40
C ARG K 23 17.93 -3.66 -17.03
N ARG K 24 17.02 -3.07 -16.26
CA ARG K 24 16.25 -1.96 -16.81
C ARG K 24 17.11 -0.72 -16.94
N GLY K 25 17.97 -0.47 -15.97
CA GLY K 25 18.88 0.65 -16.04
C GLY K 25 20.09 0.38 -16.91
N GLY K 26 20.18 -0.84 -17.41
CA GLY K 26 21.15 -1.11 -18.45
C GLY K 26 22.54 -1.42 -17.99
N VAL K 27 22.70 -2.14 -16.91
CA VAL K 27 24.01 -2.65 -16.53
C VAL K 27 24.13 -4.06 -17.09
N LYS K 28 25.25 -4.35 -17.72
CA LYS K 28 25.39 -5.60 -18.45
C LYS K 28 25.67 -6.79 -17.53
N ARG K 29 26.70 -6.68 -16.69
CA ARG K 29 27.14 -7.77 -15.83
C ARG K 29 27.46 -7.22 -14.45
N ILE K 30 26.95 -7.87 -13.40
CA ILE K 30 27.05 -7.33 -12.05
C ILE K 30 28.05 -8.16 -11.27
N SER K 31 28.86 -7.49 -10.45
CA SER K 31 29.72 -8.21 -9.52
C SER K 31 28.94 -8.61 -8.28
N GLY K 32 29.39 -9.69 -7.65
CA GLY K 32 28.60 -10.39 -6.65
C GLY K 32 28.45 -9.69 -5.32
N LEU K 33 29.27 -8.69 -5.04
CA LEU K 33 29.18 -7.99 -3.76
C LEU K 33 28.45 -6.67 -3.88
N ILE K 34 27.78 -6.44 -5.00
CA ILE K 34 27.02 -5.21 -5.18
C ILE K 34 25.76 -5.23 -4.33
N TYR K 35 25.13 -6.41 -4.18
CA TYR K 35 23.78 -6.51 -3.63
C TYR K 35 23.70 -6.03 -2.20
N GLU K 36 24.77 -6.19 -1.43
CA GLU K 36 24.71 -5.71 -0.06
C GLU K 36 24.87 -4.21 0.01
N GLU K 37 25.59 -3.61 -0.94
CA GLU K 37 25.81 -2.17 -0.87
C GLU K 37 24.56 -1.40 -1.26
N THR K 38 23.88 -1.83 -2.32
CA THR K 38 22.67 -1.13 -2.73
C THR K 38 21.52 -1.38 -1.76
N ARG K 39 21.61 -2.41 -0.92
CA ARG K 39 20.67 -2.54 0.19
C ARG K 39 20.84 -1.38 1.16
N GLY K 40 22.07 -0.97 1.41
CA GLY K 40 22.31 0.17 2.28
C GLY K 40 21.97 1.49 1.62
N VAL K 41 22.17 1.57 0.30
CA VAL K 41 21.86 2.79 -0.42
C VAL K 41 20.37 3.04 -0.47
N LEU K 42 19.62 2.00 -0.78
CA LEU K 42 18.17 2.11 -0.87
C LEU K 42 17.57 2.45 0.48
N LYS K 43 18.09 1.86 1.54
CA LYS K 43 17.52 2.10 2.85
C LYS K 43 17.84 3.51 3.33
N VAL K 44 19.02 4.03 3.01
CA VAL K 44 19.29 5.40 3.40
C VAL K 44 18.56 6.35 2.48
N PHE K 45 18.09 5.88 1.33
CA PHE K 45 17.17 6.70 0.57
C PHE K 45 15.80 6.73 1.23
N LEU K 46 15.32 5.58 1.68
CA LEU K 46 13.99 5.55 2.32
C LEU K 46 14.01 6.22 3.67
N GLU K 47 15.16 6.21 4.34
CA GLU K 47 15.22 6.86 5.64
C GLU K 47 15.23 8.37 5.55
N ASN K 48 15.12 8.95 4.36
CA ASN K 48 14.77 10.34 4.26
C ASN K 48 13.29 10.52 4.00
N VAL K 49 12.74 9.79 3.02
CA VAL K 49 11.37 10.08 2.62
C VAL K 49 10.37 9.59 3.66
N ILE K 50 10.67 8.50 4.36
CA ILE K 50 9.78 8.11 5.43
C ILE K 50 9.95 9.05 6.62
N ARG K 51 11.17 9.55 6.83
CA ARG K 51 11.42 10.55 7.87
C ARG K 51 10.61 11.81 7.62
N ASP K 52 10.52 12.22 6.37
CA ASP K 52 9.81 13.44 6.08
C ASP K 52 8.31 13.24 6.09
N ALA K 53 7.82 12.20 5.42
CA ALA K 53 6.39 12.06 5.23
C ALA K 53 5.69 11.67 6.51
N VAL K 54 6.42 11.11 7.47
CA VAL K 54 5.89 10.97 8.81
C VAL K 54 5.68 12.33 9.43
N THR K 55 6.67 13.23 9.29
CA THR K 55 6.66 14.51 9.99
C THR K 55 5.53 15.40 9.46
N TYR K 56 5.20 15.24 8.19
CA TYR K 56 3.99 15.86 7.65
C TYR K 56 2.75 15.34 8.34
N THR K 57 2.60 14.02 8.38
CA THR K 57 1.39 13.42 8.93
C THR K 57 1.33 13.61 10.43
N GLU K 58 2.50 13.62 11.08
CA GLU K 58 2.50 13.92 12.50
C GLU K 58 2.16 15.38 12.73
N HIS K 59 2.44 16.26 11.76
CA HIS K 59 1.90 17.60 11.83
C HIS K 59 0.43 17.62 11.45
N ALA K 60 -0.01 16.71 10.60
CA ALA K 60 -1.41 16.64 10.24
C ALA K 60 -2.31 16.09 11.33
N LYS K 61 -1.75 15.81 12.52
CA LYS K 61 -2.46 15.41 13.72
C LYS K 61 -3.25 14.12 13.48
N ARG K 62 -2.63 13.21 12.73
CA ARG K 62 -3.29 12.00 12.31
C ARG K 62 -2.19 10.97 12.11
N LYS K 63 -2.56 9.70 11.97
CA LYS K 63 -1.51 8.70 11.97
C LYS K 63 -1.38 7.97 10.63
N THR K 64 -2.40 8.02 9.79
CA THR K 64 -2.31 7.32 8.52
C THR K 64 -1.50 8.16 7.54
N VAL K 65 -0.45 7.58 6.96
CA VAL K 65 0.30 8.26 5.92
C VAL K 65 -0.58 8.26 4.67
N THR K 66 -0.89 9.46 4.18
CA THR K 66 -1.75 9.60 3.01
C THR K 66 -0.89 9.56 1.75
N ALA K 67 -1.42 10.02 0.64
CA ALA K 67 -0.72 9.94 -0.62
C ALA K 67 0.12 11.17 -0.95
N MET K 68 -0.46 12.36 -0.92
CA MET K 68 0.18 13.55 -1.48
C MET K 68 1.37 13.99 -0.64
N ASP K 69 1.35 13.68 0.65
CA ASP K 69 2.46 13.98 1.54
C ASP K 69 3.76 13.31 1.10
N VAL K 70 3.65 12.10 0.54
CA VAL K 70 4.81 11.44 -0.03
C VAL K 70 5.39 12.27 -1.17
N VAL K 71 4.51 12.80 -2.03
CA VAL K 71 4.95 13.71 -3.07
C VAL K 71 5.50 14.97 -2.46
N TYR K 72 4.94 15.41 -1.35
CA TYR K 72 5.48 16.61 -0.72
C TYR K 72 6.77 16.28 0.01
N ALA K 73 6.90 15.05 0.50
CA ALA K 73 8.18 14.66 1.08
C ALA K 73 9.22 14.51 -0.02
N LEU K 74 8.80 14.03 -1.18
CA LEU K 74 9.73 13.90 -2.28
C LEU K 74 10.08 15.23 -2.90
N LYS K 75 9.25 16.24 -2.69
CA LYS K 75 9.58 17.58 -3.17
C LYS K 75 10.70 18.18 -2.34
N ARG K 76 10.75 17.81 -1.06
CA ARG K 76 11.73 18.37 -0.14
C ARG K 76 13.15 17.94 -0.50
N GLN K 77 13.30 16.80 -1.14
CA GLN K 77 14.59 16.43 -1.71
C GLN K 77 14.85 17.09 -3.06
N GLY K 78 13.80 17.29 -3.86
CA GLY K 78 14.01 17.65 -5.24
C GLY K 78 13.82 16.50 -6.21
N ARG K 79 13.04 15.50 -5.84
CA ARG K 79 12.68 14.40 -6.74
C ARG K 79 11.17 14.41 -6.84
N THR K 80 10.64 15.23 -7.74
CA THR K 80 9.20 15.29 -7.91
C THR K 80 8.69 14.06 -8.62
N LEU K 81 7.64 13.47 -8.06
CA LEU K 81 7.00 12.29 -8.62
C LEU K 81 5.58 12.63 -9.01
N TYR K 82 5.16 12.12 -10.15
CA TYR K 82 3.90 12.52 -10.73
C TYR K 82 2.87 11.40 -10.63
N GLY K 83 1.64 11.73 -10.97
CA GLY K 83 0.61 10.72 -11.12
C GLY K 83 0.03 10.21 -9.83
N PHE K 84 0.12 10.99 -8.77
CA PHE K 84 -0.46 10.60 -7.49
C PHE K 84 -1.18 11.78 -6.88
N GLY K 85 -2.05 12.40 -7.68
CA GLY K 85 -2.89 13.46 -7.20
C GLY K 85 -2.20 14.79 -7.03
N GLY K 86 -1.04 14.97 -7.64
CA GLY K 86 -0.29 16.20 -7.49
C GLY K 86 1.16 15.97 -7.82
#